data_3T46
# 
_entry.id   3T46 
# 
_audit_conform.dict_name       mmcif_pdbx.dic 
_audit_conform.dict_version    5.379 
_audit_conform.dict_location   http://mmcif.pdb.org/dictionaries/ascii/mmcif_pdbx.dic 
# 
loop_
_database_2.database_id 
_database_2.database_code 
_database_2.pdbx_database_accession 
_database_2.pdbx_DOI 
PDB   3T46         pdb_00003t46 10.2210/pdb3t46/pdb 
RCSB  RCSB067014   ?            ?                   
WWPDB D_1000067014 ?            ?                   
# 
loop_
_pdbx_database_related.db_name 
_pdbx_database_related.db_id 
_pdbx_database_related.details 
_pdbx_database_related.content_type 
PDB 3T47 . unspecified 
PDB 3T48 . unspecified 
PDB 3T49 . unspecified 
PDB 3T4A . unspecified 
# 
_pdbx_database_status.entry_id                        3T46 
_pdbx_database_status.status_code                     REL 
_pdbx_database_status.deposit_site                    RCSB 
_pdbx_database_status.process_site                    RCSB 
_pdbx_database_status.recvd_initial_deposition_date   2011-07-25 
_pdbx_database_status.status_code_sf                  REL 
_pdbx_database_status.status_code_mr                  ? 
_pdbx_database_status.SG_entry                        ? 
_pdbx_database_status.status_code_cs                  ? 
_pdbx_database_status.pdb_format_compatible           Y 
_pdbx_database_status.status_code_nmr_data            ? 
_pdbx_database_status.methods_development_category    ? 
# 
loop_
_audit_author.name 
_audit_author.pdbx_ordinal 
'Garcia, B.L.'     1 
'Geisbrecht, B.V.' 2 
'Summers, B.J.'    3 
# 
_citation.id                        primary 
_citation.title                     
;Diversity in the C3b Convertase Contact Residues and Tertiary Structures of the Staphylococcal Complement Inhibitor (SCIN) Protein Family.
;
_citation.journal_abbrev            J.Biol.Chem. 
_citation.journal_volume            287 
_citation.page_first                628 
_citation.page_last                 640 
_citation.year                      2012 
_citation.journal_id_ASTM           JBCHA3 
_citation.country                   US 
_citation.journal_id_ISSN           0021-9258 
_citation.journal_id_CSD            0071 
_citation.book_publisher            ? 
_citation.pdbx_database_id_PubMed   22086928 
_citation.pdbx_database_id_DOI      10.1074/jbc.M111.298984 
# 
loop_
_citation_author.citation_id 
_citation_author.name 
_citation_author.ordinal 
_citation_author.identifier_ORCID 
primary 'Garcia, B.L.'     1 ? 
primary 'Summers, B.J.'    2 ? 
primary 'Lin, Z.'          3 ? 
primary 'Ramyar, K.X.'     4 ? 
primary 'Ricklin, D.'      5 ? 
primary 'Kamath, D.V.'     6 ? 
primary 'Fu, Z.Q.'         7 ? 
primary 'Lambris, J.D.'    8 ? 
primary 'Geisbrecht, B.V.' 9 ? 
# 
_cell.length_a           28.860 
_cell.length_b           28.860 
_cell.length_c           262.600 
_cell.angle_alpha        90.000 
_cell.angle_beta         90.000 
_cell.angle_gamma        120.000 
_cell.entry_id           3T46 
_cell.pdbx_unique_axis   ? 
_cell.Z_PDB              12 
_cell.length_a_esd       ? 
_cell.length_b_esd       ? 
_cell.length_c_esd       ? 
_cell.angle_alpha_esd    ? 
_cell.angle_beta_esd     ? 
_cell.angle_gamma_esd    ? 
# 
_symmetry.space_group_name_H-M             'P 65 2 2' 
_symmetry.entry_id                         3T46 
_symmetry.pdbx_full_space_group_name_H-M   ? 
_symmetry.Int_Tables_number                179 
_symmetry.cell_setting                     ? 
_symmetry.space_group_name_Hall            ? 
# 
loop_
_entity.id 
_entity.type 
_entity.src_method 
_entity.pdbx_description 
_entity.formula_weight 
_entity.pdbx_number_of_molecules 
_entity.pdbx_ec 
_entity.pdbx_mutation 
_entity.pdbx_fragment 
_entity.details 
1 polymer     man SCIN-D       10256.391 1  ? ? 'UNP residues 29-114' ? 
2 non-polymer syn 'SODIUM ION' 22.990    4  ? ? ?                     ? 
3 water       nat water        18.015    68 ? ? ?                     ? 
# 
_entity_poly.entity_id                      1 
_entity_poly.type                           'polypeptide(L)' 
_entity_poly.nstd_linkage                   no 
_entity_poly.nstd_monomer                   no 
_entity_poly.pdbx_seq_one_letter_code       
;GSTGSSKSETTSHTYQHQALVDQLHELIANTDLNKLSYLNLDAFQKRDILAAHYIAKSAIRTKNLDQMTKAKQRLESIYN
SISNPLHSQNN
;
_entity_poly.pdbx_seq_one_letter_code_can   
;GSTGSSKSETTSHTYQHQALVDQLHELIANTDLNKLSYLNLDAFQKRDILAAHYIAKSAIRTKNLDQMTKAKQRLESIYN
SISNPLHSQNN
;
_entity_poly.pdbx_strand_id                 A 
_entity_poly.pdbx_target_identifier         ? 
# 
loop_
_entity_poly_seq.entity_id 
_entity_poly_seq.num 
_entity_poly_seq.mon_id 
_entity_poly_seq.hetero 
1 1  GLY n 
1 2  SER n 
1 3  THR n 
1 4  GLY n 
1 5  SER n 
1 6  SER n 
1 7  LYS n 
1 8  SER n 
1 9  GLU n 
1 10 THR n 
1 11 THR n 
1 12 SER n 
1 13 HIS n 
1 14 THR n 
1 15 TYR n 
1 16 GLN n 
1 17 HIS n 
1 18 GLN n 
1 19 ALA n 
1 20 LEU n 
1 21 VAL n 
1 22 ASP n 
1 23 GLN n 
1 24 LEU n 
1 25 HIS n 
1 26 GLU n 
1 27 LEU n 
1 28 ILE n 
1 29 ALA n 
1 30 ASN n 
1 31 THR n 
1 32 ASP n 
1 33 LEU n 
1 34 ASN n 
1 35 LYS n 
1 36 LEU n 
1 37 SER n 
1 38 TYR n 
1 39 LEU n 
1 40 ASN n 
1 41 LEU n 
1 42 ASP n 
1 43 ALA n 
1 44 PHE n 
1 45 GLN n 
1 46 LYS n 
1 47 ARG n 
1 48 ASP n 
1 49 ILE n 
1 50 LEU n 
1 51 ALA n 
1 52 ALA n 
1 53 HIS n 
1 54 TYR n 
1 55 ILE n 
1 56 ALA n 
1 57 LYS n 
1 58 SER n 
1 59 ALA n 
1 60 ILE n 
1 61 ARG n 
1 62 THR n 
1 63 LYS n 
1 64 ASN n 
1 65 LEU n 
1 66 ASP n 
1 67 GLN n 
1 68 MET n 
1 69 THR n 
1 70 LYS n 
1 71 ALA n 
1 72 LYS n 
1 73 GLN n 
1 74 ARG n 
1 75 LEU n 
1 76 GLU n 
1 77 SER n 
1 78 ILE n 
1 79 TYR n 
1 80 ASN n 
1 81 SER n 
1 82 ILE n 
1 83 SER n 
1 84 ASN n 
1 85 PRO n 
1 86 LEU n 
1 87 HIS n 
1 88 SER n 
1 89 GLN n 
1 90 ASN n 
1 91 ASN n 
# 
_entity_src_gen.entity_id                          1 
_entity_src_gen.pdbx_src_id                        1 
_entity_src_gen.pdbx_alt_source_flag               sample 
_entity_src_gen.pdbx_seq_type                      ? 
_entity_src_gen.pdbx_beg_seq_num                   ? 
_entity_src_gen.pdbx_end_seq_num                   ? 
_entity_src_gen.gene_src_common_name               ? 
_entity_src_gen.gene_src_genus                     ? 
_entity_src_gen.pdbx_gene_src_gene                 'SAV0229, SAV_0229' 
_entity_src_gen.gene_src_species                   ? 
_entity_src_gen.gene_src_strain                    Mu50 
_entity_src_gen.gene_src_tissue                    ? 
_entity_src_gen.gene_src_tissue_fraction           ? 
_entity_src_gen.gene_src_details                   ? 
_entity_src_gen.pdbx_gene_src_fragment             ? 
_entity_src_gen.pdbx_gene_src_scientific_name      'Staphylococcus aureus subsp. aureus' 
_entity_src_gen.pdbx_gene_src_ncbi_taxonomy_id     158878 
_entity_src_gen.pdbx_gene_src_variant              ? 
_entity_src_gen.pdbx_gene_src_cell_line            ? 
_entity_src_gen.pdbx_gene_src_atcc                 ? 
_entity_src_gen.pdbx_gene_src_organ                ? 
_entity_src_gen.pdbx_gene_src_organelle            ? 
_entity_src_gen.pdbx_gene_src_cell                 ? 
_entity_src_gen.pdbx_gene_src_cellular_location    ? 
_entity_src_gen.host_org_common_name               ? 
_entity_src_gen.pdbx_host_org_scientific_name      'Escherichia coli' 
_entity_src_gen.pdbx_host_org_ncbi_taxonomy_id     469008 
_entity_src_gen.host_org_genus                     ? 
_entity_src_gen.pdbx_host_org_gene                 ? 
_entity_src_gen.pdbx_host_org_organ                ? 
_entity_src_gen.host_org_species                   ? 
_entity_src_gen.pdbx_host_org_tissue               ? 
_entity_src_gen.pdbx_host_org_tissue_fraction      ? 
_entity_src_gen.pdbx_host_org_strain               'BL21(DE3)' 
_entity_src_gen.pdbx_host_org_variant              ? 
_entity_src_gen.pdbx_host_org_cell_line            ? 
_entity_src_gen.pdbx_host_org_atcc                 ? 
_entity_src_gen.pdbx_host_org_culture_collection   ? 
_entity_src_gen.pdbx_host_org_cell                 ? 
_entity_src_gen.pdbx_host_org_organelle            ? 
_entity_src_gen.pdbx_host_org_cellular_location    ? 
_entity_src_gen.pdbx_host_org_vector_type          plasmid 
_entity_src_gen.pdbx_host_org_vector               ? 
_entity_src_gen.host_org_details                   ? 
_entity_src_gen.expression_system_id               ? 
_entity_src_gen.plasmid_name                       pT7HMT 
_entity_src_gen.plasmid_details                    ? 
_entity_src_gen.pdbx_description                   ? 
# 
_struct_ref.id                         1 
_struct_ref.db_name                    UNP 
_struct_ref.db_code                    Q99WZ4_STAAM 
_struct_ref.pdbx_db_accession          Q99WZ4 
_struct_ref.entity_id                  1 
_struct_ref.pdbx_seq_one_letter_code   
;SKSETTSHTYQHQALVDQLHELIANTDLNKLSYLNLDAFQKRDILAAHYIAKSAIRTKNLDQMTKAKQRLESIYNSISNP
LHSQNN
;
_struct_ref.pdbx_align_begin           29 
_struct_ref.pdbx_db_isoform            ? 
# 
_struct_ref_seq.align_id                      1 
_struct_ref_seq.ref_id                        1 
_struct_ref_seq.pdbx_PDB_id_code              3T46 
_struct_ref_seq.pdbx_strand_id                A 
_struct_ref_seq.seq_align_beg                 6 
_struct_ref_seq.pdbx_seq_align_beg_ins_code   ? 
_struct_ref_seq.seq_align_end                 91 
_struct_ref_seq.pdbx_seq_align_end_ins_code   ? 
_struct_ref_seq.pdbx_db_accession             Q99WZ4 
_struct_ref_seq.db_align_beg                  29 
_struct_ref_seq.pdbx_db_align_beg_ins_code    ? 
_struct_ref_seq.db_align_end                  114 
_struct_ref_seq.pdbx_db_align_end_ins_code    ? 
_struct_ref_seq.pdbx_auth_seq_align_beg       1 
_struct_ref_seq.pdbx_auth_seq_align_end       86 
# 
loop_
_struct_ref_seq_dif.align_id 
_struct_ref_seq_dif.pdbx_pdb_id_code 
_struct_ref_seq_dif.mon_id 
_struct_ref_seq_dif.pdbx_pdb_strand_id 
_struct_ref_seq_dif.seq_num 
_struct_ref_seq_dif.pdbx_pdb_ins_code 
_struct_ref_seq_dif.pdbx_seq_db_name 
_struct_ref_seq_dif.pdbx_seq_db_accession_code 
_struct_ref_seq_dif.db_mon_id 
_struct_ref_seq_dif.pdbx_seq_db_seq_num 
_struct_ref_seq_dif.details 
_struct_ref_seq_dif.pdbx_auth_seq_num 
_struct_ref_seq_dif.pdbx_ordinal 
1 3T46 GLY A 1 ? UNP Q99WZ4 ? ? 'expression tag' -4 1 
1 3T46 SER A 2 ? UNP Q99WZ4 ? ? 'expression tag' -3 2 
1 3T46 THR A 3 ? UNP Q99WZ4 ? ? 'expression tag' -2 3 
1 3T46 GLY A 4 ? UNP Q99WZ4 ? ? 'expression tag' -1 4 
1 3T46 SER A 5 ? UNP Q99WZ4 ? ? 'expression tag' 0  5 
# 
loop_
_chem_comp.id 
_chem_comp.type 
_chem_comp.mon_nstd_flag 
_chem_comp.name 
_chem_comp.pdbx_synonyms 
_chem_comp.formula 
_chem_comp.formula_weight 
ALA 'L-peptide linking' y ALANINE         ? 'C3 H7 N O2'     89.093  
ARG 'L-peptide linking' y ARGININE        ? 'C6 H15 N4 O2 1' 175.209 
ASN 'L-peptide linking' y ASPARAGINE      ? 'C4 H8 N2 O3'    132.118 
ASP 'L-peptide linking' y 'ASPARTIC ACID' ? 'C4 H7 N O4'     133.103 
GLN 'L-peptide linking' y GLUTAMINE       ? 'C5 H10 N2 O3'   146.144 
GLU 'L-peptide linking' y 'GLUTAMIC ACID' ? 'C5 H9 N O4'     147.129 
GLY 'peptide linking'   y GLYCINE         ? 'C2 H5 N O2'     75.067  
HIS 'L-peptide linking' y HISTIDINE       ? 'C6 H10 N3 O2 1' 156.162 
HOH non-polymer         . WATER           ? 'H2 O'           18.015  
ILE 'L-peptide linking' y ISOLEUCINE      ? 'C6 H13 N O2'    131.173 
LEU 'L-peptide linking' y LEUCINE         ? 'C6 H13 N O2'    131.173 
LYS 'L-peptide linking' y LYSINE          ? 'C6 H15 N2 O2 1' 147.195 
MET 'L-peptide linking' y METHIONINE      ? 'C5 H11 N O2 S'  149.211 
NA  non-polymer         . 'SODIUM ION'    ? 'Na 1'           22.990  
PHE 'L-peptide linking' y PHENYLALANINE   ? 'C9 H11 N O2'    165.189 
PRO 'L-peptide linking' y PROLINE         ? 'C5 H9 N O2'     115.130 
SER 'L-peptide linking' y SERINE          ? 'C3 H7 N O3'     105.093 
THR 'L-peptide linking' y THREONINE       ? 'C4 H9 N O3'     119.119 
TYR 'L-peptide linking' y TYROSINE        ? 'C9 H11 N O3'    181.189 
VAL 'L-peptide linking' y VALINE          ? 'C5 H11 N O2'    117.146 
# 
_exptl.crystals_number   1 
_exptl.entry_id          3T46 
_exptl.method            'X-RAY DIFFRACTION' 
# 
_exptl_crystal.id                    1 
_exptl_crystal.density_Matthews      1.54 
_exptl_crystal.density_meas          ? 
_exptl_crystal.density_percent_sol   20.08 
_exptl_crystal.description           ? 
_exptl_crystal.F_000                 ? 
_exptl_crystal.preparation           ? 
# 
_exptl_crystal_grow.crystal_id      1 
_exptl_crystal_grow.method          'VAPOR DIFFUSION, HANGING DROP' 
_exptl_crystal_grow.pH              4.8 
_exptl_crystal_grow.temp            293 
_exptl_crystal_grow.pdbx_details    
'10mg/ml protein, 0.1M bis-Tris, 15% w/v PEG 3350, pH 4.8, vapor diffusion, hanging drop, temperature 293K' 
_exptl_crystal_grow.temp_details    ? 
_exptl_crystal_grow.pdbx_pH_range   ? 
# 
_diffrn.id                     1 
_diffrn.ambient_temp           93 
_diffrn.ambient_temp_details   ? 
_diffrn.crystal_id             1 
# 
_diffrn_detector.diffrn_id              1 
_diffrn_detector.detector               CCD 
_diffrn_detector.type                   'MARMOSAIC 330 mm CCD' 
_diffrn_detector.pdbx_collection_date   2010-08-06 
_diffrn_detector.details                mirror 
# 
_diffrn_radiation.diffrn_id                        1 
_diffrn_radiation.pdbx_diffrn_protocol             'SINGLE WAVELENGTH' 
_diffrn_radiation.monochromator                    'Si(220)' 
_diffrn_radiation.wavelength_id                    1 
_diffrn_radiation.pdbx_monochromatic_or_laue_m_l   M 
_diffrn_radiation.pdbx_scattering_type             x-ray 
# 
_diffrn_radiation_wavelength.id           1 
_diffrn_radiation_wavelength.wavelength   0.97243 
_diffrn_radiation_wavelength.wt           1.0 
# 
_diffrn_source.diffrn_id                   1 
_diffrn_source.source                      SYNCHROTRON 
_diffrn_source.type                        'APS BEAMLINE 22-ID' 
_diffrn_source.pdbx_wavelength_list        0.97243 
_diffrn_source.pdbx_wavelength             ? 
_diffrn_source.pdbx_synchrotron_site       APS 
_diffrn_source.pdbx_synchrotron_beamline   22-ID 
# 
_reflns.entry_id                     3T46 
_reflns.observed_criterion_sigma_F   2.0 
_reflns.observed_criterion_sigma_I   2.0 
_reflns.d_resolution_high            1.50 
_reflns.d_resolution_low             50.0 
_reflns.number_all                   11553 
_reflns.number_obs                   11413 
_reflns.percent_possible_obs         98.8 
_reflns.pdbx_Rmerge_I_obs            0.069 
_reflns.pdbx_Rsym_value              ? 
_reflns.pdbx_netI_over_sigmaI        ? 
_reflns.B_iso_Wilson_estimate        ? 
_reflns.pdbx_redundancy              5.70 
_reflns.R_free_details               ? 
_reflns.limit_h_max                  ? 
_reflns.limit_h_min                  ? 
_reflns.limit_k_max                  ? 
_reflns.limit_k_min                  ? 
_reflns.limit_l_max                  ? 
_reflns.limit_l_min                  ? 
_reflns.observed_criterion_F_max     ? 
_reflns.observed_criterion_F_min     ? 
_reflns.pdbx_chi_squared             ? 
_reflns.pdbx_scaling_rejects         ? 
_reflns.pdbx_ordinal                 1 
_reflns.pdbx_diffrn_id               1 
# 
_reflns_shell.d_res_high             1.50 
_reflns_shell.d_res_low              1.54 
_reflns_shell.percent_possible_obs   ? 
_reflns_shell.percent_possible_all   95.4 
_reflns_shell.Rmerge_I_obs           0.282 
_reflns_shell.meanI_over_sigI_obs    ? 
_reflns_shell.pdbx_Rsym_value        ? 
_reflns_shell.pdbx_redundancy        ? 
_reflns_shell.number_unique_all      ? 
_reflns_shell.number_measured_all    ? 
_reflns_shell.number_measured_obs    ? 
_reflns_shell.number_unique_obs      ? 
_reflns_shell.pdbx_chi_squared       ? 
_reflns_shell.pdbx_ordinal           1 
_reflns_shell.pdbx_diffrn_id         1 
# 
_refine.entry_id                                 3T46 
_refine.ls_d_res_high                            1.5000 
_refine.ls_d_res_low                             24.9930 
_refine.pdbx_ls_sigma_F                          1.530 
_refine.pdbx_data_cutoff_high_absF               ? 
_refine.pdbx_data_cutoff_low_absF                ? 
_refine.ls_percent_reflns_obs                    93.8700 
_refine.ls_number_reflns_obs                     10868 
_refine.ls_number_reflns_all                     10868 
_refine.pdbx_ls_cross_valid_method               ? 
_refine.pdbx_R_Free_selection_details            random 
_refine.details                                  ? 
_refine.ls_R_factor_all                          0.2241 
_refine.ls_R_factor_obs                          0.2241 
_refine.ls_R_factor_R_work                       0.2217 
_refine.ls_wR_factor_R_work                      ? 
_refine.ls_R_factor_R_free                       0.2450 
_refine.ls_wR_factor_R_free                      ? 
_refine.ls_percent_reflns_R_free                 10.0100 
_refine.ls_number_reflns_R_free                  1088 
_refine.ls_R_factor_R_free_error                 ? 
_refine.B_iso_mean                               16.3075 
_refine.solvent_model_param_bsol                 40.0990 
_refine.solvent_model_param_ksol                 0.4910 
_refine.pdbx_isotropic_thermal_model             ? 
_refine.aniso_B[1][1]                            -0.9060 
_refine.aniso_B[2][2]                            -0.9060 
_refine.aniso_B[3][3]                            2.7317 
_refine.aniso_B[1][2]                            0.0000 
_refine.aniso_B[1][3]                            0.0000 
_refine.aniso_B[2][3]                            0.0000 
_refine.correlation_coeff_Fo_to_Fc               ? 
_refine.correlation_coeff_Fo_to_Fc_free          ? 
_refine.overall_SU_R_Cruickshank_DPI             ? 
_refine.overall_SU_R_free                        ? 
_refine.pdbx_overall_ESU_R_Free                  ? 
_refine.overall_SU_ML                            0.1700 
_refine.overall_SU_B                             ? 
_refine.solvent_model_details                    'FLAT BULK SOLVENT MODEL' 
_refine.pdbx_solvent_vdw_probe_radii             0.7000 
_refine.pdbx_solvent_ion_probe_radii             ? 
_refine.pdbx_solvent_shrinkage_radii             0.5300 
_refine.ls_number_parameters                     ? 
_refine.ls_number_restraints                     ? 
_refine.pdbx_starting_model                      3T48 
_refine.pdbx_method_to_determine_struct          'MOLECULAR REPLACEMENT' 
_refine.pdbx_stereochemistry_target_values       MLHL 
_refine.pdbx_stereochem_target_val_spec_case     ? 
_refine.overall_FOM_work_R_set                   0.8496 
_refine.B_iso_max                                64.370 
_refine.B_iso_min                                4.390 
_refine.pdbx_overall_phase_error                 20.3200 
_refine.occupancy_max                            1.000 
_refine.occupancy_min                            1.000 
_refine.pdbx_ls_sigma_I                          ? 
_refine.ls_redundancy_reflns_obs                 ? 
_refine.ls_R_factor_R_free_error_details         ? 
_refine.pdbx_data_cutoff_high_rms_absF           ? 
_refine.overall_FOM_free_R_set                   ? 
_refine.pdbx_diffrn_id                           1 
_refine.pdbx_refine_id                           'X-RAY DIFFRACTION' 
_refine.pdbx_overall_ESU_R                       ? 
_refine.pdbx_TLS_residual_ADP_flag               ? 
_refine.pdbx_overall_SU_R_free_Cruickshank_DPI   ? 
_refine.pdbx_overall_SU_R_Blow_DPI               ? 
_refine.pdbx_overall_SU_R_free_Blow_DPI          ? 
# 
_refine_hist.pdbx_refine_id                   'X-RAY DIFFRACTION' 
_refine_hist.cycle_id                         LAST 
_refine_hist.pdbx_number_atoms_protein        606 
_refine_hist.pdbx_number_atoms_nucleic_acid   0 
_refine_hist.pdbx_number_atoms_ligand         4 
_refine_hist.number_atoms_solvent             68 
_refine_hist.number_atoms_total               678 
_refine_hist.d_res_high                       1.5000 
_refine_hist.d_res_low                        24.9930 
# 
loop_
_refine_ls_restr.type 
_refine_ls_restr.number 
_refine_ls_restr.dev_ideal 
_refine_ls_restr.dev_ideal_target 
_refine_ls_restr.weight 
_refine_ls_restr.pdbx_restraint_function 
_refine_ls_restr.pdbx_refine_id 
f_bond_d           614 0.007  ? ? ? 'X-RAY DIFFRACTION' 
f_angle_d          829 0.994  ? ? ? 'X-RAY DIFFRACTION' 
f_chiral_restr     96  0.069  ? ? ? 'X-RAY DIFFRACTION' 
f_plane_restr      108 0.004  ? ? ? 'X-RAY DIFFRACTION' 
f_dihedral_angle_d 233 13.787 ? ? ? 'X-RAY DIFFRACTION' 
# 
loop_
_refine_ls_shell.d_res_high 
_refine_ls_shell.d_res_low 
_refine_ls_shell.pdbx_total_number_of_bins_used 
_refine_ls_shell.percent_reflns_obs 
_refine_ls_shell.number_reflns_R_work 
_refine_ls_shell.R_factor_all 
_refine_ls_shell.R_factor_R_work 
_refine_ls_shell.R_factor_R_free 
_refine_ls_shell.percent_reflns_R_free 
_refine_ls_shell.number_reflns_R_free 
_refine_ls_shell.R_factor_R_free_error 
_refine_ls_shell.number_reflns_all 
_refine_ls_shell.number_reflns_obs 
_refine_ls_shell.redundancy_reflns_obs 
_refine_ls_shell.pdbx_refine_id 
1.5000 1.5683  8 88.0000 1091 . 0.2742 0.3047 . 122 . 1213 . . 'X-RAY DIFFRACTION' 
1.5683 1.6510  8 91.0000 1135 . 0.2412 0.2775 . 126 . 1261 . . 'X-RAY DIFFRACTION' 
1.6510 1.7544  8 93.0000 1165 . 0.2445 0.3473 . 130 . 1295 . . 'X-RAY DIFFRACTION' 
1.7544 1.8898  8 93.0000 1185 . 0.2305 0.2862 . 131 . 1316 . . 'X-RAY DIFFRACTION' 
1.8898 2.0799  8 93.0000 1215 . 0.2172 0.2624 . 135 . 1350 . . 'X-RAY DIFFRACTION' 
2.0799 2.3806  8 94.0000 1211 . 0.2142 0.2297 . 135 . 1346 . . 'X-RAY DIFFRACTION' 
2.3806 2.9985  8 97.0000 1293 . 0.2094 0.2205 . 144 . 1437 . . 'X-RAY DIFFRACTION' 
2.9985 24.9970 8 99.0000 1485 . 0.2175 0.2221 . 165 . 1650 . . 'X-RAY DIFFRACTION' 
# 
_struct.entry_id                  3T46 
_struct.title                     'Crystal structure of Staphylococcal Complement Inhibitor D (SCIN-D) at 1.5 Angstrom' 
_struct.pdbx_model_details        ? 
_struct.pdbx_CASP_flag            ? 
_struct.pdbx_model_type_details   ? 
# 
_struct_keywords.entry_id        3T46 
_struct_keywords.text            'Secreted, Virulence, IMMUNE SYSTEM' 
_struct_keywords.pdbx_keywords   'IMMUNE SYSTEM' 
# 
loop_
_struct_asym.id 
_struct_asym.pdbx_blank_PDB_chainid_flag 
_struct_asym.pdbx_modified 
_struct_asym.entity_id 
_struct_asym.details 
A N N 1 ? 
B N N 2 ? 
C N N 2 ? 
D N N 2 ? 
E N N 2 ? 
F N N 3 ? 
# 
_struct_biol.id        1 
_struct_biol.details   ? 
# 
loop_
_struct_conf.conf_type_id 
_struct_conf.id 
_struct_conf.pdbx_PDB_helix_id 
_struct_conf.beg_label_comp_id 
_struct_conf.beg_label_asym_id 
_struct_conf.beg_label_seq_id 
_struct_conf.pdbx_beg_PDB_ins_code 
_struct_conf.end_label_comp_id 
_struct_conf.end_label_asym_id 
_struct_conf.end_label_seq_id 
_struct_conf.pdbx_end_PDB_ins_code 
_struct_conf.beg_auth_comp_id 
_struct_conf.beg_auth_asym_id 
_struct_conf.beg_auth_seq_id 
_struct_conf.end_auth_comp_id 
_struct_conf.end_auth_asym_id 
_struct_conf.end_auth_seq_id 
_struct_conf.pdbx_PDB_helix_class 
_struct_conf.details 
_struct_conf.pdbx_PDB_helix_length 
HELX_P HELX_P1 1 HIS A 17 ? ASN A 30 ? HIS A 12 ASN A 25 1 ? 14 
HELX_P HELX_P2 2 THR A 31 ? ASN A 40 ? THR A 26 ASN A 35 5 ? 10 
HELX_P HELX_P3 3 ASP A 42 ? THR A 62 ? ASP A 37 THR A 57 1 ? 21 
HELX_P HELX_P4 4 ASN A 64 ? ASN A 84 ? ASN A 59 ASN A 79 1 ? 21 
# 
_struct_conf_type.id          HELX_P 
_struct_conf_type.criteria    ? 
_struct_conf_type.reference   ? 
# 
loop_
_struct_conn.id 
_struct_conn.conn_type_id 
_struct_conn.pdbx_leaving_atom_flag 
_struct_conn.pdbx_PDB_id 
_struct_conn.ptnr1_label_asym_id 
_struct_conn.ptnr1_label_comp_id 
_struct_conn.ptnr1_label_seq_id 
_struct_conn.ptnr1_label_atom_id 
_struct_conn.pdbx_ptnr1_label_alt_id 
_struct_conn.pdbx_ptnr1_PDB_ins_code 
_struct_conn.pdbx_ptnr1_standard_comp_id 
_struct_conn.ptnr1_symmetry 
_struct_conn.ptnr2_label_asym_id 
_struct_conn.ptnr2_label_comp_id 
_struct_conn.ptnr2_label_seq_id 
_struct_conn.ptnr2_label_atom_id 
_struct_conn.pdbx_ptnr2_label_alt_id 
_struct_conn.pdbx_ptnr2_PDB_ins_code 
_struct_conn.ptnr1_auth_asym_id 
_struct_conn.ptnr1_auth_comp_id 
_struct_conn.ptnr1_auth_seq_id 
_struct_conn.ptnr2_auth_asym_id 
_struct_conn.ptnr2_auth_comp_id 
_struct_conn.ptnr2_auth_seq_id 
_struct_conn.ptnr2_symmetry 
_struct_conn.pdbx_ptnr3_label_atom_id 
_struct_conn.pdbx_ptnr3_label_seq_id 
_struct_conn.pdbx_ptnr3_label_comp_id 
_struct_conn.pdbx_ptnr3_label_asym_id 
_struct_conn.pdbx_ptnr3_label_alt_id 
_struct_conn.pdbx_ptnr3_PDB_ins_code 
_struct_conn.details 
_struct_conn.pdbx_dist_value 
_struct_conn.pdbx_value_order 
_struct_conn.pdbx_role 
metalc1 metalc ? ? A ASP 66 OD2 ? ? ? 1_555 D NA . NA ? ? A ASP 61 A NA 103 1_555 ? ? ? ? ? ? ? 2.804 ? ? 
metalc2 metalc ? ? F HOH .  O   ? ? ? 1_555 B NA . NA ? ? A HOH 93 A NA 101 1_555 ? ? ? ? ? ? ? 3.050 ? ? 
# 
_struct_conn_type.id          metalc 
_struct_conn_type.criteria    ? 
_struct_conn_type.reference   ? 
# 
loop_
_struct_site.id 
_struct_site.pdbx_evidence_code 
_struct_site.pdbx_auth_asym_id 
_struct_site.pdbx_auth_comp_id 
_struct_site.pdbx_auth_seq_id 
_struct_site.pdbx_auth_ins_code 
_struct_site.pdbx_num_residues 
_struct_site.details 
AC1 Software A NA 101 ? 4 'BINDING SITE FOR RESIDUE NA A 101' 
AC2 Software A NA 102 ? 2 'BINDING SITE FOR RESIDUE NA A 102' 
AC3 Software A NA 103 ? 3 'BINDING SITE FOR RESIDUE NA A 103' 
AC4 Software A NA 104 ? 5 'BINDING SITE FOR RESIDUE NA A 104' 
# 
loop_
_struct_site_gen.id 
_struct_site_gen.site_id 
_struct_site_gen.pdbx_num_res 
_struct_site_gen.label_comp_id 
_struct_site_gen.label_asym_id 
_struct_site_gen.label_seq_id 
_struct_site_gen.pdbx_auth_ins_code 
_struct_site_gen.auth_comp_id 
_struct_site_gen.auth_asym_id 
_struct_site_gen.auth_seq_id 
_struct_site_gen.label_atom_id 
_struct_site_gen.label_alt_id 
_struct_site_gen.symmetry 
_struct_site_gen.details 
1  AC1 4 LYS A 46 ? LYS A 41  . ? 1_555  ? 
2  AC1 4 LYS A 46 ? LYS A 41  . ? 10_665 ? 
3  AC1 4 HOH F .  ? HOH A 93  . ? 10_665 ? 
4  AC1 4 HOH F .  ? HOH A 93  . ? 1_555  ? 
5  AC2 2 ARG A 47 ? ARG A 42  . ? 10_555 ? 
6  AC2 2 ARG A 47 ? ARG A 42  . ? 1_555  ? 
7  AC3 3 HIS A 17 ? HIS A 12  . ? 8_445  ? 
8  AC3 3 LEU A 20 ? LEU A 15  . ? 8_445  ? 
9  AC3 3 ASP A 66 ? ASP A 61  . ? 1_555  ? 
10 AC4 5 ASN A 34 ? ASN A 29  . ? 10_555 ? 
11 AC4 5 ARG A 61 ? ARG A 56  . ? 1_555  ? 
12 AC4 5 GLN A 89 ? GLN A 84  . ? 10_655 ? 
13 AC4 5 ASN A 90 ? ASN A 85  . ? 10_655 ? 
14 AC4 5 HOH F .  ? HOH A 120 . ? 1_545  ? 
# 
_atom_sites.entry_id                    3T46 
_atom_sites.fract_transf_matrix[1][1]   0.00948637 
_atom_sites.fract_transf_matrix[1][2]   0.03876198 
_atom_sites.fract_transf_matrix[1][3]   0.00288787 
_atom_sites.fract_transf_matrix[2][1]   0.01392498 
_atom_sites.fract_transf_matrix[2][2]   0.01962276 
_atom_sites.fract_transf_matrix[2][3]   -0.03196627 
_atom_sites.fract_transf_matrix[3][1]   -0.00355913 
_atom_sites.fract_transf_matrix[3][2]   0.00094340 
_atom_sites.fract_transf_matrix[3][3]   -0.00097129 
_atom_sites.fract_transf_vector[1]      0.188915 
_atom_sites.fract_transf_vector[2]      0.035883 
_atom_sites.fract_transf_vector[3]      0.045032 
# 
loop_
_atom_type.symbol 
C  
H  
N  
NA 
O  
S  
# 
loop_
_atom_site.group_PDB 
_atom_site.id 
_atom_site.type_symbol 
_atom_site.label_atom_id 
_atom_site.label_alt_id 
_atom_site.label_comp_id 
_atom_site.label_asym_id 
_atom_site.label_entity_id 
_atom_site.label_seq_id 
_atom_site.pdbx_PDB_ins_code 
_atom_site.Cartn_x 
_atom_site.Cartn_y 
_atom_site.Cartn_z 
_atom_site.occupancy 
_atom_site.B_iso_or_equiv 
_atom_site.pdbx_formal_charge 
_atom_site.auth_seq_id 
_atom_site.auth_comp_id 
_atom_site.auth_asym_id 
_atom_site.auth_atom_id 
_atom_site.pdbx_PDB_model_num 
ATOM   1    N  N    . HIS A 1 17 ? 5.854   -8.351  17.619  1.00 22.59 ? 12  HIS A N    1 
ATOM   2    C  CA   . HIS A 1 17 ? 5.904   -7.802  16.269  1.00 18.13 ? 12  HIS A CA   1 
ATOM   3    C  C    . HIS A 1 17 ? 5.323   -6.392  16.152  1.00 18.70 ? 12  HIS A C    1 
ATOM   4    O  O    . HIS A 1 17 ? 4.711   -6.032  15.146  1.00 16.11 ? 12  HIS A O    1 
ATOM   5    C  CB   . HIS A 1 17 ? 5.283   -8.771  15.255  1.00 21.17 ? 12  HIS A CB   1 
ATOM   6    C  CG   . HIS A 1 17 ? 6.105   -10.004 15.036  1.00 20.84 ? 12  HIS A CG   1 
ATOM   7    N  ND1  . HIS A 1 17 ? 5.749   -11.236 15.540  1.00 21.38 ? 12  HIS A ND1  1 
ATOM   8    C  CD2  . HIS A 1 17 ? 7.280   -10.188 14.389  1.00 17.85 ? 12  HIS A CD2  1 
ATOM   9    C  CE1  . HIS A 1 17 ? 6.663   -12.128 15.202  1.00 22.23 ? 12  HIS A CE1  1 
ATOM   10   N  NE2  . HIS A 1 17 ? 7.606   -11.517 14.508  1.00 23.37 ? 12  HIS A NE2  1 
ATOM   11   H  H    . HIS A 1 17 ? 6.749   -8.612  17.982  1.00 27.06 ? 12  HIS A H    1 
ATOM   12   H  HA   . HIS A 1 17 ? 6.970   -7.690  16.024  1.00 21.71 ? 12  HIS A HA   1 
ATOM   13   H  HB2  . HIS A 1 17 ? 4.281   -9.063  15.603  1.00 25.35 ? 12  HIS A HB2  1 
ATOM   14   H  HB3  . HIS A 1 17 ? 5.151   -8.251  14.295  1.00 25.35 ? 12  HIS A HB3  1 
ATOM   15   H  HD1  . HIS A 1 17 ? 4.927   -11.425 16.078  1.00 25.61 ? 12  HIS A HD1  1 
ATOM   16   H  HD2  . HIS A 1 17 ? 7.865   -9.417  13.865  1.00 21.36 ? 12  HIS A HD2  1 
ATOM   17   H  HE1  . HIS A 1 17 ? 6.642   -13.198 15.456  1.00 26.62 ? 12  HIS A HE1  1 
ATOM   18   H  HE2  . HIS A 1 17 ? 8.424   -11.952 14.131  1.00 27.99 ? 12  HIS A HE2  1 
ATOM   19   N  N    . GLN A 1 18 ? 5.543   -5.579  17.177  1.00 18.64 ? 13  GLN A N    1 
ATOM   20   C  CA   . GLN A 1 18 ? 5.105   -4.194  17.128  1.00 17.29 ? 13  GLN A CA   1 
ATOM   21   C  C    . GLN A 1 18 ? 5.809   -3.421  16.004  1.00 13.72 ? 13  GLN A C    1 
ATOM   22   O  O    . GLN A 1 18 ? 5.213   -2.542  15.387  1.00 13.86 ? 13  GLN A O    1 
ATOM   23   C  CB   . GLN A 1 18 ? 5.317   -3.501  18.478  1.00 15.24 ? 13  GLN A CB   1 
ATOM   24   C  CG   . GLN A 1 18 ? 4.586   -2.171  18.597  1.00 21.41 ? 13  GLN A CG   1 
ATOM   25   C  CD   . GLN A 1 18 ? 3.094   -2.303  18.333  1.00 24.49 ? 13  GLN A CD   1 
ATOM   26   O  OE1  . GLN A 1 18 ? 2.446   -3.223  18.833  1.00 28.62 ? 13  GLN A OE1  1 
ATOM   27   N  NE2  . GLN A 1 18 ? 2.543   -1.384  17.534  1.00 21.12 ? 13  GLN A NE2  1 
ATOM   28   H  H    . GLN A 1 18 ? 6.006   -5.845  18.023  1.00 22.32 ? 13  GLN A H    1 
ATOM   29   H  HA   . GLN A 1 18 ? 4.028   -4.198  16.909  1.00 20.70 ? 13  GLN A HA   1 
ATOM   30   H  HB2  . GLN A 1 18 ? 4.977   -4.170  19.282  1.00 18.24 ? 13  GLN A HB2  1 
ATOM   31   H  HB3  . GLN A 1 18 ? 6.393   -3.334  18.631  1.00 18.24 ? 13  GLN A HB3  1 
ATOM   32   H  HG2  . GLN A 1 18 ? 4.742   -1.759  19.605  1.00 25.64 ? 13  GLN A HG2  1 
ATOM   33   H  HG3  . GLN A 1 18 ? 5.020   -1.453  17.885  1.00 25.64 ? 13  GLN A HG3  1 
ATOM   34   H  HE21 . GLN A 1 18 ? 1.566   -1.427  17.322  1.00 25.29 ? 13  GLN A HE21 1 
ATOM   35   H  HE22 . GLN A 1 18 ? 3.107   -0.653  17.150  1.00 25.29 ? 13  GLN A HE22 1 
ATOM   36   N  N    . ALA A 1 19 ? 7.070   -3.738  15.731  1.00 12.98 ? 14  ALA A N    1 
ATOM   37   C  CA   . ALA A 1 19 ? 7.799   -3.032  14.678  1.00 9.95  ? 14  ALA A CA   1 
ATOM   38   C  C    . ALA A 1 19 ? 7.122   -3.210  13.319  1.00 10.79 ? 14  ALA A C    1 
ATOM   39   O  O    . ALA A 1 19 ? 7.034   -2.258  12.526  1.00 10.71 ? 14  ALA A O    1 
ATOM   40   C  CB   . ALA A 1 19 ? 9.252   -3.483  14.606  1.00 11.03 ? 14  ALA A CB   1 
ATOM   41   H  H    . ALA A 1 19 ? 7.592   -4.448  16.203  1.00 15.52 ? 14  ALA A H    1 
ATOM   42   H  HA   . ALA A 1 19 ? 7.784   -1.963  14.936  1.00 11.89 ? 14  ALA A HA   1 
ATOM   43   H  HB1  . ALA A 1 19 ? 9.768   -2.933  13.806  1.00 13.18 ? 14  ALA A HB1  1 
ATOM   44   H  HB2  . ALA A 1 19 ? 9.747   -3.280  15.567  1.00 13.18 ? 14  ALA A HB2  1 
ATOM   45   H  HB3  . ALA A 1 19 ? 9.292   -4.561  14.393  1.00 13.18 ? 14  ALA A HB3  1 
ATOM   46   N  N    . LEU A 1 20 ? 6.649   -4.424  13.051  1.00 11.50 ? 15  LEU A N    1 
ATOM   47   C  CA   . LEU A 1 20 ? 5.958   -4.712  11.800  1.00 8.40  ? 15  LEU A CA   1 
ATOM   48   C  C    . LEU A 1 20 ? 4.652   -3.947  11.709  1.00 13.11 ? 15  LEU A C    1 
ATOM   49   O  O    . LEU A 1 20 ? 4.310   -3.453  10.643  1.00 9.52  ? 15  LEU A O    1 
ATOM   50   C  CB   . LEU A 1 20 ? 5.700   -6.212  11.653  1.00 10.96 ? 15  LEU A CB   1 
ATOM   51   C  CG   . LEU A 1 20 ? 4.918   -6.725  10.441  1.00 10.11 ? 15  LEU A CG   1 
ATOM   52   C  CD1  . LEU A 1 20 ? 5.568   -6.259  9.148   1.00 11.69 ? 15  LEU A CD1  1 
ATOM   53   C  CD2  . LEU A 1 20 ? 4.849   -8.248  10.520  1.00 11.16 ? 15  LEU A CD2  1 
ATOM   54   H  H    . LEU A 1 20 ? 6.731   -5.206  13.669  1.00 13.75 ? 15  LEU A H    1 
ATOM   55   H  HA   . LEU A 1 20 ? 6.610   -4.384  10.977  1.00 10.03 ? 15  LEU A HA   1 
ATOM   56   H  HB2  . LEU A 1 20 ? 6.678   -6.716  11.653  1.00 13.10 ? 15  LEU A HB2  1 
ATOM   57   H  HB3  . LEU A 1 20 ? 5.166   -6.545  12.555  1.00 13.10 ? 15  LEU A HB3  1 
ATOM   58   H  HG   . LEU A 1 20 ? 3.896   -6.318  10.450  1.00 12.08 ? 15  LEU A HG   1 
ATOM   59   H  HD11 . LEU A 1 20 ? 4.992   -6.637  8.291   1.00 13.97 ? 15  LEU A HD11 1 
ATOM   60   H  HD12 . LEU A 1 20 ? 5.584   -5.159  9.122   1.00 13.97 ? 15  LEU A HD12 1 
ATOM   61   H  HD13 . LEU A 1 20 ? 6.597   -6.642  9.096   1.00 13.97 ? 15  LEU A HD13 1 
ATOM   62   H  HD21 . LEU A 1 20 ? 4.289   -8.636  9.657   1.00 13.34 ? 15  LEU A HD21 1 
ATOM   63   H  HD22 . LEU A 1 20 ? 5.868   -8.662  10.513  1.00 13.34 ? 15  LEU A HD22 1 
ATOM   64   H  HD23 . LEU A 1 20 ? 4.340   -8.545  11.450  1.00 13.34 ? 15  LEU A HD23 1 
ATOM   65   N  N    . VAL A 1 21 ? 3.925   -3.867  12.818  1.00 9.87  ? 16  VAL A N    1 
ATOM   66   C  CA   . VAL A 1 21 ? 2.684   -3.090  12.877  1.00 10.18 ? 16  VAL A CA   1 
ATOM   67   C  C    . VAL A 1 21 ? 2.936   -1.606  12.605  1.00 11.76 ? 16  VAL A C    1 
ATOM   68   O  O    . VAL A 1 21 ? 2.221   -0.973  11.823  1.00 11.57 ? 16  VAL A O    1 
ATOM   69   C  CB   . VAL A 1 21 ? 1.966   -3.268  14.236  1.00 10.94 ? 16  VAL A CB   1 
ATOM   70   C  CG1  . VAL A 1 21 ? 0.752   -2.352  14.322  1.00 13.24 ? 16  VAL A CG1  1 
ATOM   71   C  CG2  . VAL A 1 21 ? 1.563   -4.718  14.430  1.00 13.73 ? 16  VAL A CG2  1 
ATOM   72   H  H    . VAL A 1 21 ? 4.166   -4.322  13.676  1.00 11.79 ? 16  VAL A H    1 
ATOM   73   H  HA   . VAL A 1 21 ? 2.027   -3.480  12.085  1.00 12.16 ? 16  VAL A HA   1 
ATOM   74   H  HB   . VAL A 1 21 ? 2.662   -2.991  15.043  1.00 13.08 ? 16  VAL A HB   1 
ATOM   75   H  HG11 . VAL A 1 21 ? 0.255   -2.492  15.294  1.00 15.83 ? 16  VAL A HG11 1 
ATOM   76   H  HG12 . VAL A 1 21 ? 1.075   -1.305  14.223  1.00 15.83 ? 16  VAL A HG12 1 
ATOM   77   H  HG13 . VAL A 1 21 ? 0.049   -2.597  13.513  1.00 15.83 ? 16  VAL A HG13 1 
ATOM   78   H  HG21 . VAL A 1 21 ? 1.055   -4.832  15.399  1.00 16.42 ? 16  VAL A HG21 1 
ATOM   79   H  HG22 . VAL A 1 21 ? 0.882   -5.021  13.621  1.00 16.42 ? 16  VAL A HG22 1 
ATOM   80   H  HG23 . VAL A 1 21 ? 2.460   -5.354  14.410  1.00 16.42 ? 16  VAL A HG23 1 
ATOM   81   N  N    . ASP A 1 22 ? 3.948   -1.045  13.258  1.00 8.86  ? 17  ASP A N    1 
ATOM   82   C  CA   . ASP A 1 22 ? 4.365   0.333   12.996  1.00 13.07 ? 17  ASP A CA   1 
ATOM   83   C  C    . ASP A 1 22 ? 4.753   0.564   11.531  1.00 9.10  ? 17  ASP A C    1 
ATOM   84   O  O    . ASP A 1 22 ? 4.391   1.583   10.938  1.00 10.36 ? 17  ASP A O    1 
ATOM   85   C  CB   . ASP A 1 22 ? 5.515   0.735   13.917  1.00 12.05 ? 17  ASP A CB   1 
ATOM   86   C  CG   . ASP A 1 22 ? 5.067   0.939   15.363  1.00 16.28 ? 17  ASP A CG   1 
ATOM   87   O  OD1  . ASP A 1 22 ? 3.862   0.782   15.647  1.00 21.05 ? 17  ASP A OD1  1 
ATOM   88   O  OD2  . ASP A 1 22 ? 5.920   1.274   16.211  1.00 24.30 ? 17  ASP A OD2  1 
ATOM   89   H  H    . ASP A 1 22 ? 4.487   -1.512  13.959  1.00 10.58 ? 17  ASP A H    1 
ATOM   90   H  HA   . ASP A 1 22 ? 3.493   0.970   13.206  1.00 15.63 ? 17  ASP A HA   1 
ATOM   91   H  HB2  . ASP A 1 22 ? 6.294   -0.042  13.884  1.00 14.41 ? 17  ASP A HB2  1 
ATOM   92   H  HB3  . ASP A 1 22 ? 5.972   1.664   13.543  1.00 14.41 ? 17  ASP A HB3  1 
ATOM   93   N  N    . GLN A 1 23 ? 5.488   -0.383  10.957  1.00 9.03  ? 18  GLN A N    1 
ATOM   94   C  CA   . GLN A 1 23 ? 5.879   -0.296  9.555   1.00 10.29 ? 18  GLN A CA   1 
ATOM   95   C  C    . GLN A 1 23 ? 4.650   -0.282  8.650   1.00 10.43 ? 18  GLN A C    1 
ATOM   96   O  O    . GLN A 1 23 ? 4.590   0.482   7.677   1.00 9.97  ? 18  GLN A O    1 
ATOM   97   C  CB   . GLN A 1 23 ? 6.818   -1.449  9.180   1.00 11.30 ? 18  GLN A CB   1 
ATOM   98   C  CG   . GLN A 1 23 ? 8.152   -1.426  9.924   1.00 21.90 ? 18  GLN A CG   1 
ATOM   99   C  CD   . GLN A 1 23 ? 8.956   -2.708  9.756   1.00 29.41 ? 18  GLN A CD   1 
ATOM   100  O  OE1  . GLN A 1 23 ? 8.791   -3.441  8.775   1.00 26.55 ? 18  GLN A OE1  1 
ATOM   101  N  NE2  . GLN A 1 23 ? 9.841   -2.984  10.721  1.00 27.89 ? 18  GLN A NE2  1 
ATOM   102  H  H    . GLN A 1 23 ? 5.817   -1.201  11.429  1.00 10.78 ? 18  GLN A H    1 
ATOM   103  H  HA   . GLN A 1 23 ? 6.421   0.650   9.409   1.00 12.30 ? 18  GLN A HA   1 
ATOM   104  H  HB2  . GLN A 1 23 ? 6.311   -2.403  9.384   1.00 13.51 ? 18  GLN A HB2  1 
ATOM   105  H  HB3  . GLN A 1 23 ? 7.012   -1.414  8.098   1.00 13.51 ? 18  GLN A HB3  1 
ATOM   106  H  HG2  . GLN A 1 23 ? 8.750   -0.577  9.563   1.00 26.23 ? 18  GLN A HG2  1 
ATOM   107  H  HG3  . GLN A 1 23 ? 7.965   -1.257  10.994  1.00 26.23 ? 18  GLN A HG3  1 
ATOM   108  H  HE21 . GLN A 1 23 ? 10.401  -3.810  10.665  1.00 33.41 ? 18  GLN A HE21 1 
ATOM   109  H  HE22 . GLN A 1 23 ? 9.942   -2.363  11.498  1.00 33.41 ? 18  GLN A HE22 1 
ATOM   110  N  N    . LEU A 1 24 ? 3.670   -1.122  8.955   1.00 9.02  ? 19  LEU A N    1 
ATOM   111  C  CA   . LEU A 1 24 ? 2.467   -1.178  8.136   1.00 6.86  ? 19  LEU A CA   1 
ATOM   112  C  C    . LEU A 1 24 ? 1.697   0.111   8.261   1.00 8.32  ? 19  LEU A C    1 
ATOM   113  O  O    . LEU A 1 24 ? 1.195   0.643   7.281   1.00 9.73  ? 19  LEU A O    1 
ATOM   114  C  CB   . LEU A 1 24 ? 1.570   -2.349  8.535   1.00 8.43  ? 19  LEU A CB   1 
ATOM   115  C  CG   . LEU A 1 24 ? 2.094   -3.701  8.066   1.00 10.75 ? 19  LEU A CG   1 
ATOM   116  C  CD1  . LEU A 1 24 ? 1.389   -4.820  8.823   1.00 8.54  ? 19  LEU A CD1  1 
ATOM   117  C  CD2  . LEU A 1 24 ? 1.944   -3.858  6.543   1.00 8.20  ? 19  LEU A CD2  1 
ATOM   118  H  H    . LEU A 1 24 ? 3.682   -1.751  9.732   1.00 10.77 ? 19  LEU A H    1 
ATOM   119  H  HA   . LEU A 1 24 ? 2.779   -1.325  7.092   1.00 8.18  ? 19  LEU A HA   1 
ATOM   120  H  HB2  . LEU A 1 24 ? 1.465   -2.365  9.630   1.00 10.06 ? 19  LEU A HB2  1 
ATOM   121  H  HB3  . LEU A 1 24 ? 0.565   -2.190  8.119   1.00 10.06 ? 19  LEU A HB3  1 
ATOM   122  H  HG   . LEU A 1 24 ? 3.170   -3.761  8.288   1.00 12.84 ? 19  LEU A HG   1 
ATOM   123  H  HD11 . LEU A 1 24 ? 1.771   -5.793  8.480   1.00 10.20 ? 19  LEU A HD11 1 
ATOM   124  H  HD12 . LEU A 1 24 ? 1.580   -4.710  9.901   1.00 10.20 ? 19  LEU A HD12 1 
ATOM   125  H  HD13 . LEU A 1 24 ? 0.307   -4.765  8.635   1.00 10.20 ? 19  LEU A HD13 1 
ATOM   126  H  HD21 . LEU A 1 24 ? 2.330   -4.841  6.235   1.00 9.79  ? 19  LEU A HD21 1 
ATOM   127  H  HD22 . LEU A 1 24 ? 0.882   -3.779  6.269   1.00 9.79  ? 19  LEU A HD22 1 
ATOM   128  H  HD23 . LEU A 1 24 ? 2.513   -3.066  6.034   1.00 9.79  ? 19  LEU A HD23 1 
ATOM   129  N  N    . HIS A 1 25 ? 1.595   0.624   9.476   1.00 8.09  ? 20  HIS A N    1 
ATOM   130  C  CA   . HIS A 1 25 ? 0.860   1.855   9.659   1.00 8.31  ? 20  HIS A CA   1 
ATOM   131  C  C    . HIS A 1 25 ? 1.504   2.958   8.840   1.00 8.28  ? 20  HIS A C    1 
ATOM   132  O  O    . HIS A 1 25 ? 0.803   3.745   8.190   1.00 9.46  ? 20  HIS A O    1 
ATOM   133  C  CB   . HIS A 1 25 ? 0.738   2.212   11.141  1.00 12.34 ? 20  HIS A CB   1 
ATOM   134  C  CG   . HIS A 1 25 ? -0.299  1.402   11.850  1.00 13.81 ? 20  HIS A CG   1 
ATOM   135  N  ND1  . HIS A 1 25 ? -0.282  1.177   13.210  1.00 13.69 ? 20  HIS A ND1  1 
ATOM   136  C  CD2  . HIS A 1 25 ? -1.377  0.738   11.370  1.00 14.02 ? 20  HIS A CD2  1 
ATOM   137  C  CE1  . HIS A 1 25 ? -1.321  0.430   13.539  1.00 13.55 ? 20  HIS A CE1  1 
ATOM   138  N  NE2  . HIS A 1 25 ? -2.001  0.150   12.441  1.00 14.61 ? 20  HIS A NE2  1 
ATOM   139  H  H    . HIS A 1 25 ? 1.990   0.229   10.305  1.00 9.66  ? 20  HIS A H    1 
ATOM   140  H  HA   . HIS A 1 25 ? -0.169  1.723   9.293   1.00 9.92  ? 20  HIS A HA   1 
ATOM   141  H  HB2  . HIS A 1 25 ? 1.712   2.062   11.630  1.00 14.75 ? 20  HIS A HB2  1 
ATOM   142  H  HB3  . HIS A 1 25 ? 0.491   3.280   11.236  1.00 14.75 ? 20  HIS A HB3  1 
ATOM   143  H  HD1  . HIS A 1 25 ? 0.408   1.523   13.846  1.00 16.37 ? 20  HIS A HD1  1 
ATOM   144  H  HD2  . HIS A 1 25 ? -1.693  0.679   10.318  1.00 16.77 ? 20  HIS A HD2  1 
ATOM   145  H  HE1  . HIS A 1 25 ? -1.578  0.098   14.556  1.00 16.21 ? 20  HIS A HE1  1 
ATOM   146  H  HE2  . HIS A 1 25 ? -2.835  -0.400  12.399  1.00 17.47 ? 20  HIS A HE2  1 
ATOM   147  N  N    . GLU A 1 26 ? 2.839   3.016   8.848   1.00 8.42  ? 21  GLU A N    1 
ATOM   148  C  CA   . GLU A 1 26 ? 3.547   4.044   8.080   1.00 7.80  ? 21  GLU A CA   1 
ATOM   149  C  C    . GLU A 1 26 ? 3.260   3.904   6.586   1.00 9.42  ? 21  GLU A C    1 
ATOM   150  O  O    . GLU A 1 26 ? 3.031   4.884   5.888   1.00 8.48  ? 21  GLU A O    1 
ATOM   151  C  CB   . GLU A 1 26 ? 5.060   3.983   8.313   1.00 12.60 ? 21  GLU A CB   1 
ATOM   152  C  CG   . GLU A 1 26 ? 5.822   5.126   7.645   1.00 25.83 ? 21  GLU A CG   1 
ATOM   153  C  CD   . GLU A 1 26 ? 7.266   5.231   8.107   1.00 36.72 ? 21  GLU A CD   1 
ATOM   154  O  OE1  . GLU A 1 26 ? 7.618   4.578   9.113   1.00 44.35 ? 21  GLU A OE1  1 
ATOM   155  O  OE2  . GLU A 1 26 ? 8.047   5.967   7.466   1.00 38.61 ? 21  GLU A OE2  1 
ATOM   156  H  H    . GLU A 1 26 ? 3.429   2.389   9.356   1.00 10.05 ? 21  GLU A H    1 
ATOM   157  H  HA   . GLU A 1 26 ? 3.177   5.018   8.433   1.00 9.31  ? 21  GLU A HA   1 
ATOM   158  H  HB2  . GLU A 1 26 ? 5.257   4.002   9.395   1.00 15.07 ? 21  GLU A HB2  1 
ATOM   159  H  HB3  . GLU A 1 26 ? 5.443   3.024   7.933   1.00 15.07 ? 21  GLU A HB3  1 
ATOM   160  H  HG2  . GLU A 1 26 ? 5.802   4.984   6.554   1.00 30.94 ? 21  GLU A HG2  1 
ATOM   161  H  HG3  . GLU A 1 26 ? 5.307   6.075   7.856   1.00 30.94 ? 21  GLU A HG3  1 
ATOM   162  N  N    . LEU A 1 27 ? 3.275   2.675   6.100   1.00 9.38  ? 22  LEU A N    1 
ATOM   163  C  CA   . LEU A 1 27 ? 3.045   2.418   4.685   1.00 6.37  ? 22  LEU A CA   1 
ATOM   164  C  C    . LEU A 1 27 ? 1.618   2.756   4.270   1.00 7.70  ? 22  LEU A C    1 
ATOM   165  O  O    . LEU A 1 27 ? 1.397   3.261   3.168   1.00 9.93  ? 22  LEU A O    1 
ATOM   166  C  CB   . LEU A 1 27 ? 3.340   0.955   4.362   1.00 7.82  ? 22  LEU A CB   1 
ATOM   167  C  CG   . LEU A 1 27 ? 4.833   0.625   4.283   1.00 9.24  ? 22  LEU A CG   1 
ATOM   168  C  CD1  . LEU A 1 27 ? 5.120   -0.873  4.399   1.00 9.27  ? 22  LEU A CD1  1 
ATOM   169  C  CD2  . LEU A 1 27 ? 5.409   1.190   3.001   1.00 11.16 ? 22  LEU A CD2  1 
ATOM   170  H  H    . LEU A 1 27 ? 3.441   1.856   6.650   1.00 11.20 ? 22  LEU A H    1 
ATOM   171  H  HA   . LEU A 1 27 ? 3.725   3.070   4.117   1.00 7.59  ? 22  LEU A HA   1 
ATOM   172  H  HB2  . LEU A 1 27 ? 2.874   0.319   5.129   1.00 9.33  ? 22  LEU A HB2  1 
ATOM   173  H  HB3  . LEU A 1 27 ? 2.866   0.699   3.402   1.00 9.33  ? 22  LEU A HB3  1 
ATOM   174  H  HG   . LEU A 1 27 ? 5.323   1.096   5.148   1.00 11.04 ? 22  LEU A HG   1 
ATOM   175  H  HD11 . LEU A 1 27 ? 6.204   -1.045  4.335   1.00 11.07 ? 22  LEU A HD11 1 
ATOM   176  H  HD12 . LEU A 1 27 ? 4.746   -1.244  5.365   1.00 11.07 ? 22  LEU A HD12 1 
ATOM   177  H  HD13 . LEU A 1 27 ? 4.616   -1.408  3.582   1.00 11.07 ? 22  LEU A HD13 1 
ATOM   178  H  HD21 . LEU A 1 27 ? 6.482   0.952   2.945   1.00 13.34 ? 22  LEU A HD21 1 
ATOM   179  H  HD22 . LEU A 1 27 ? 4.891   0.746   2.139   1.00 13.34 ? 22  LEU A HD22 1 
ATOM   180  H  HD23 . LEU A 1 27 ? 5.274   2.281   2.988   1.00 13.34 ? 22  LEU A HD23 1 
ATOM   181  N  N    . ILE A 1 28 ? 0.652   2.434   5.128   1.00 7.27  ? 23  ILE A N    1 
ATOM   182  C  CA   . ILE A 1 28 ? -0.735  2.785   4.848   1.00 10.25 ? 23  ILE A CA   1 
ATOM   183  C  C    . ILE A 1 28 ? -0.849  4.306   4.734   1.00 7.87  ? 23  ILE A C    1 
ATOM   184  O  O    . ILE A 1 28 ? -1.444  4.829   3.792   1.00 9.33  ? 23  ILE A O    1 
ATOM   185  C  CB   . ILE A 1 28 ? -1.691  2.265   5.942   1.00 9.16  ? 23  ILE A CB   1 
ATOM   186  C  CG1  . ILE A 1 28 ? -1.798  0.739   5.865   1.00 10.04 ? 23  ILE A CG1  1 
ATOM   187  C  CG2  . ILE A 1 28 ? -3.068  2.896   5.785   1.00 7.81  ? 23  ILE A CG2  1 
ATOM   188  C  CD1  . ILE A 1 28 ? -2.389  0.102   7.119   1.00 7.89  ? 23  ILE A CD1  1 
ATOM   189  H  H    . ILE A 1 28 ? 0.799   1.949   5.990   1.00 8.67  ? 23  ILE A H    1 
ATOM   190  H  HA   . ILE A 1 28 ? -1.031  2.307   3.903   1.00 12.25 ? 23  ILE A HA   1 
ATOM   191  H  HB   . ILE A 1 28 ? -1.287  2.545   6.926   1.00 10.94 ? 23  ILE A HB   1 
ATOM   192  H  HG12 . ILE A 1 28 ? -2.418  0.468   4.998   1.00 11.99 ? 23  ILE A HG12 1 
ATOM   193  H  HG13 . ILE A 1 28 ? -0.796  0.319   5.688   1.00 11.99 ? 23  ILE A HG13 1 
ATOM   194  H  HG21 . ILE A 1 28 ? -3.738  2.517   6.570   1.00 9.32  ? 23  ILE A HG21 1 
ATOM   195  H  HG22 . ILE A 1 28 ? -2.983  3.989   5.872   1.00 9.32  ? 23  ILE A HG22 1 
ATOM   196  H  HG23 . ILE A 1 28 ? -3.478  2.639   4.797   1.00 9.32  ? 23  ILE A HG23 1 
ATOM   197  H  HD11 . ILE A 1 28 ? -2.433  -0.989  6.990   1.00 9.42  ? 23  ILE A HD11 1 
ATOM   198  H  HD12 . ILE A 1 28 ? -1.756  0.343   7.987   1.00 9.42  ? 23  ILE A HD12 1 
ATOM   199  H  HD13 . ILE A 1 28 ? -3.404  0.494   7.286   1.00 9.42  ? 23  ILE A HD13 1 
ATOM   200  N  N    . ALA A 1 29 ? -0.272  5.019   5.694   1.00 7.80  ? 24  ALA A N    1 
ATOM   201  C  CA   . ALA A 1 29 ? -0.290  6.481   5.644   1.00 9.66  ? 24  ALA A CA   1 
ATOM   202  C  C    . ALA A 1 29 ? 0.395   7.044   4.398   1.00 12.18 ? 24  ALA A C    1 
ATOM   203  O  O    . ALA A 1 29 ? -0.023  8.069   3.858   1.00 12.60 ? 24  ALA A O    1 
ATOM   204  C  CB   . ALA A 1 29 ? 0.353   7.058   6.891   1.00 10.56 ? 24  ALA A CB   1 
ATOM   205  H  H    . ALA A 1 29 ? 0.197   4.629   6.486   1.00 9.31  ? 24  ALA A H    1 
ATOM   206  H  HA   . ALA A 1 29 ? -1.348  6.780   5.595   1.00 11.54 ? 24  ALA A HA   1 
ATOM   207  H  HB1  . ALA A 1 29 ? 0.332   8.157   6.840   1.00 12.62 ? 24  ALA A HB1  1 
ATOM   208  H  HB2  . ALA A 1 29 ? -0.202  6.722   7.779   1.00 12.62 ? 24  ALA A HB2  1 
ATOM   209  H  HB3  . ALA A 1 29 ? 1.395   6.715   6.959   1.00 12.62 ? 24  ALA A HB3  1 
ATOM   210  N  N    . ASN A 1 30 ? 1.474   6.402   3.972   1.00 9.30  ? 25  ASN A N    1 
ATOM   211  C  CA   . ASN A 1 30 ? 2.235   6.908   2.831   1.00 10.19 ? 25  ASN A CA   1 
ATOM   212  C  C    . ASN A 1 30 ? 1.640   6.492   1.490   1.00 11.80 ? 25  ASN A C    1 
ATOM   213  O  O    . ASN A 1 30 ? 2.180   6.804   0.428   1.00 10.11 ? 25  ASN A O    1 
ATOM   214  C  CB   . ASN A 1 30 ? 3.713   6.517   2.938   1.00 14.60 ? 25  ASN A CB   1 
ATOM   215  C  CG   . ASN A 1 30 ? 4.411   7.241   4.070   1.00 15.54 ? 25  ASN A CG   1 
ATOM   216  O  OD1  . ASN A 1 30 ? 3.924   8.264   4.547   1.00 18.98 ? 25  ASN A OD1  1 
ATOM   217  N  ND2  . ASN A 1 30 ? 5.559   6.721   4.505   1.00 17.97 ? 25  ASN A ND2  1 
ATOM   218  H  H    . ASN A 1 30 ? 1.832   5.563   4.380   1.00 11.11 ? 25  ASN A H    1 
ATOM   219  H  HA   . ASN A 1 30 ? 2.167   8.004   2.866   1.00 12.18 ? 25  ASN A HA   1 
ATOM   220  H  HB2  . ASN A 1 30 ? 3.794   5.431   3.093   1.00 17.47 ? 25  ASN A HB2  1 
ATOM   221  H  HB3  . ASN A 1 30 ? 4.222   6.745   1.989   1.00 17.47 ? 25  ASN A HB3  1 
ATOM   222  H  HD21 . ASN A 1 30 ? 6.061   7.166   5.247   1.00 21.51 ? 25  ASN A HD21 1 
ATOM   223  H  HD22 . ASN A 1 30 ? 5.919   5.886   4.089   1.00 21.51 ? 25  ASN A HD22 1 
ATOM   224  N  N    . THR A 1 31 ? 0.525   5.776   1.543   1.00 10.30 ? 26  THR A N    1 
ATOM   225  C  CA   . THR A 1 31 ? -0.171  5.389   0.326   1.00 7.86  ? 26  THR A CA   1 
ATOM   226  C  C    . THR A 1 31 ? -1.633  5.812   0.455   1.00 9.26  ? 26  THR A C    1 
ATOM   227  O  O    . THR A 1 31 ? -2.542  5.125   -0.006  1.00 9.66  ? 26  THR A O    1 
ATOM   228  C  CB   . THR A 1 31 ? -0.043  3.868   0.065   1.00 8.15  ? 26  THR A CB   1 
ATOM   229  O  OG1  . THR A 1 31 ? -0.455  3.135   1.232   1.00 9.19  ? 26  THR A OG1  1 
ATOM   230  C  CG2  . THR A 1 31 ? 1.398   3.500   -0.253  1.00 10.04 ? 26  THR A CG2  1 
ATOM   231  H  H    . THR A 1 31 ? 0.097   5.462   2.390   1.00 12.30 ? 26  THR A H    1 
ATOM   232  H  HA   . THR A 1 31 ? 0.285   5.894   -0.539  1.00 9.38  ? 26  THR A HA   1 
ATOM   233  H  HB   . THR A 1 31 ? -0.685  3.611   -0.790  1.00 9.72  ? 26  THR A HB   1 
ATOM   234  H  HG1  . THR A 1 31 ? 0.304   3.089   1.882   1.00 10.98 ? 26  THR A HG1  1 
ATOM   235  H  HG21 . THR A 1 31 ? 1.469   2.418   -0.434  1.00 12.00 ? 26  THR A HG21 1 
ATOM   236  H  HG22 . THR A 1 31 ? 1.726   4.045   -1.150  1.00 12.00 ? 26  THR A HG22 1 
ATOM   237  H  HG23 . THR A 1 31 ? 2.041   3.772   0.596   1.00 12.00 ? 26  THR A HG23 1 
ATOM   238  N  N    . ASP A 1 32 ? -1.844  6.969   1.073   1.00 9.41  ? 27  ASP A N    1 
ATOM   239  C  CA   . ASP A 1 32 ? -3.180  7.532   1.262   1.00 10.00 ? 27  ASP A CA   1 
ATOM   240  C  C    . ASP A 1 32 ? -3.647  8.067   -0.095  1.00 11.14 ? 27  ASP A C    1 
ATOM   241  O  O    . ASP A 1 32 ? -3.041  9.001   -0.619  1.00 10.63 ? 27  ASP A O    1 
ATOM   242  C  CB   . ASP A 1 32 ? -3.062  8.677   2.274   1.00 11.67 ? 27  ASP A CB   1 
ATOM   243  C  CG   . ASP A 1 32 ? -4.389  9.331   2.613   1.00 17.34 ? 27  ASP A CG   1 
ATOM   244  O  OD1  . ASP A 1 32 ? -5.379  9.159   1.882   1.00 14.54 ? 27  ASP A OD1  1 
ATOM   245  O  OD2  . ASP A 1 32 ? -4.426  10.058  3.631   1.00 18.88 ? 27  ASP A OD2  1 
ATOM   246  H  H    . ASP A 1 32 ? -1.109  7.533   1.449   1.00 11.24 ? 27  ASP A H    1 
ATOM   247  H  HA   . ASP A 1 32 ? -3.899  6.787   1.634   1.00 11.95 ? 27  ASP A HA   1 
ATOM   248  H  HB2  . ASP A 1 32 ? -2.606  8.292   3.198   1.00 13.95 ? 27  ASP A HB2  1 
ATOM   249  H  HB3  . ASP A 1 32 ? -2.379  9.440   1.872   1.00 13.95 ? 27  ASP A HB3  1 
ATOM   250  N  N    . LEU A 1 33 ? -4.709  7.489   -0.664  1.00 8.94  ? 28  LEU A N    1 
ATOM   251  C  CA   . LEU A 1 33 ? -5.152  7.896   -1.998  1.00 11.05 ? 28  LEU A CA   1 
ATOM   252  C  C    . LEU A 1 33 ? -5.477  9.383   -2.075  1.00 9.81  ? 28  LEU A C    1 
ATOM   253  O  O    . LEU A 1 33 ? -5.343  9.988   -3.132  1.00 10.03 ? 28  LEU A O    1 
ATOM   254  C  CB   . LEU A 1 33 ? -6.358  7.081   -2.474  1.00 7.70  ? 28  LEU A CB   1 
ATOM   255  C  CG   . LEU A 1 33 ? -6.158  5.600   -2.784  1.00 12.83 ? 28  LEU A CG   1 
ATOM   256  C  CD1  . LEU A 1 33 ? -7.453  5.013   -3.358  1.00 10.98 ? 28  LEU A CD1  1 
ATOM   257  C  CD2  . LEU A 1 33 ? -5.024  5.435   -3.768  1.00 17.23 ? 28  LEU A CD2  1 
ATOM   258  H  H    . LEU A 1 33 ? -5.257  6.768   -0.239  1.00 10.68 ? 28  LEU A H    1 
ATOM   259  H  HA   . LEU A 1 33 ? -4.304  7.695   -2.668  1.00 13.20 ? 28  LEU A HA   1 
ATOM   260  H  HB2  . LEU A 1 33 ? -7.140  7.159   -1.703  1.00 9.19  ? 28  LEU A HB2  1 
ATOM   261  H  HB3  . LEU A 1 33 ? -6.750  7.563   -3.381  1.00 9.19  ? 28  LEU A HB3  1 
ATOM   262  H  HG   . LEU A 1 33 ? -5.906  5.061   -1.858  1.00 15.34 ? 28  LEU A HG   1 
ATOM   263  H  HD11 . LEU A 1 33 ? -7.306  3.946   -3.581  1.00 13.12 ? 28  LEU A HD11 1 
ATOM   264  H  HD12 . LEU A 1 33 ? -8.264  5.126   -2.624  1.00 13.12 ? 28  LEU A HD12 1 
ATOM   265  H  HD13 . LEU A 1 33 ? -7.719  5.547   -4.283  1.00 13.12 ? 28  LEU A HD13 1 
ATOM   266  H  HD21 . LEU A 1 33 ? -4.883  4.367   -3.990  1.00 20.62 ? 28  LEU A HD21 1 
ATOM   267  H  HD22 . LEU A 1 33 ? -5.263  5.973   -4.696  1.00 20.62 ? 28  LEU A HD22 1 
ATOM   268  H  HD23 . LEU A 1 33 ? -4.100  5.844   -3.335  1.00 20.62 ? 28  LEU A HD23 1 
ATOM   269  N  N    . ASN A 1 34 ? -5.890  9.966   -0.954  1.00 11.83 ? 29  ASN A N    1 
ATOM   270  C  CA   . ASN A 1 34 ? -6.238  11.389  -0.914  1.00 10.53 ? 29  ASN A CA   1 
ATOM   271  C  C    . ASN A 1 34 ? -5.069  12.331  -1.156  1.00 13.94 ? 29  ASN A C    1 
ATOM   272  O  O    . ASN A 1 34 ? -5.277  13.497  -1.461  1.00 19.89 ? 29  ASN A O    1 
ATOM   273  C  CB   . ASN A 1 34 ? -6.848  11.752  0.437   1.00 16.71 ? 29  ASN A CB   1 
ATOM   274  C  CG   . ASN A 1 34 ? -8.188  11.112  0.654   1.00 14.10 ? 29  ASN A CG   1 
ATOM   275  O  OD1  . ASN A 1 34 ? -8.948  10.902  -0.287  1.00 14.69 ? 29  ASN A OD1  1 
ATOM   276  N  ND2  . ASN A 1 34 ? -8.499  10.809  1.903   1.00 17.07 ? 29  ASN A ND2  1 
ATOM   277  N  N    . LYS A 1 35 ? -3.845  11.837  -0.990  1.00 12.77 ? 30  LYS A N    1 
ATOM   278  C  CA   . LYS A 1 35 ? -2.667  12.683  -1.140  1.00 15.30 ? 30  LYS A CA   1 
ATOM   279  C  C    . LYS A 1 35 ? -1.836  12.282  -2.353  1.00 10.94 ? 30  LYS A C    1 
ATOM   280  O  O    . LYS A 1 35 ? -0.743  12.812  -2.568  1.00 16.15 ? 30  LYS A O    1 
ATOM   281  C  CB   . LYS A 1 35 ? -1.821  12.637  0.135   1.00 14.83 ? 30  LYS A CB   1 
ATOM   282  C  CG   . LYS A 1 35 ? -2.576  13.122  1.354   1.00 21.11 ? 30  LYS A CG   1 
ATOM   283  C  CD   . LYS A 1 35 ? -1.701  13.114  2.585   1.00 30.68 ? 30  LYS A CD   1 
ATOM   284  C  CE   . LYS A 1 35 ? -2.447  13.682  3.778   1.00 32.33 ? 30  LYS A CE   1 
ATOM   285  N  NZ   . LYS A 1 35 ? -1.630  13.564  5.017   1.00 36.55 ? 30  LYS A NZ   1 
ATOM   286  H  H    . LYS A 1 35 ? -3.648  10.884  -0.758  1.00 15.27 ? 30  LYS A H    1 
ATOM   287  H  HA   . LYS A 1 35 ? -3.009  13.716  -1.305  1.00 18.30 ? 30  LYS A HA   1 
ATOM   288  H  HB2  . LYS A 1 35 ? -1.480  11.605  0.306   1.00 17.75 ? 30  LYS A HB2  1 
ATOM   289  H  HB3  . LYS A 1 35 ? -0.921  13.254  -0.004  1.00 17.75 ? 30  LYS A HB3  1 
ATOM   290  H  HG2  . LYS A 1 35 ? -2.949  14.141  1.175   1.00 25.28 ? 30  LYS A HG2  1 
ATOM   291  H  HG3  . LYS A 1 35 ? -3.455  12.482  1.522   1.00 25.28 ? 30  LYS A HG3  1 
ATOM   292  H  HD2  . LYS A 1 35 ? -1.378  12.086  2.805   1.00 36.76 ? 30  LYS A HD2  1 
ATOM   293  H  HD3  . LYS A 1 35 ? -0.792  13.705  2.399   1.00 36.76 ? 30  LYS A HD3  1 
ATOM   294  H  HE2  . LYS A 1 35 ? -2.693  14.738  3.593   1.00 38.74 ? 30  LYS A HE2  1 
ATOM   295  H  HE3  . LYS A 1 35 ? -3.400  13.148  3.909   1.00 38.74 ? 30  LYS A HE3  1 
ATOM   296  H  HZ1  . LYS A 1 35 ? -2.229  13.597  5.817   1.00 43.81 ? 30  LYS A HZ1  1 
ATOM   297  H  HZ2  . LYS A 1 35 ? -1.133  12.696  5.008   1.00 43.81 ? 30  LYS A HZ2  1 
ATOM   298  H  HZ3  . LYS A 1 35 ? -0.978  14.321  5.059   1.00 43.81 ? 30  LYS A HZ3  1 
ATOM   299  N  N    . LEU A 1 36 ? -2.372  11.371  -3.162  1.00 11.55 ? 31  LEU A N    1 
ATOM   300  C  CA   . LEU A 1 36 ? -1.636  10.848  -4.310  1.00 11.62 ? 31  LEU A CA   1 
ATOM   301  C  C    . LEU A 1 36 ? -2.125  11.304  -5.702  1.00 10.30 ? 31  LEU A C    1 
ATOM   302  O  O    . LEU A 1 36 ? -1.665  10.767  -6.712  1.00 9.35  ? 31  LEU A O    1 
ATOM   303  C  CB   . LEU A 1 36 ? -1.571  9.317   -4.236  1.00 9.94  ? 31  LEU A CB   1 
ATOM   304  C  CG   . LEU A 1 36 ? -0.993  8.751   -2.930  1.00 10.81 ? 31  LEU A CG   1 
ATOM   305  C  CD1  . LEU A 1 36 ? -1.015  7.241   -2.935  1.00 11.45 ? 31  LEU A CD1  1 
ATOM   306  C  CD2  . LEU A 1 36 ? 0.420   9.253   -2.703  1.00 13.98 ? 31  LEU A CD2  1 
ATOM   307  H  H    . LEU A 1 36 ? -3.288  10.990  -3.048  1.00 13.81 ? 31  LEU A H    1 
ATOM   308  H  HA   . LEU A 1 36 ? -0.634  11.293  -4.222  1.00 13.90 ? 31  LEU A HA   1 
ATOM   309  H  HB2  . LEU A 1 36 ? -2.586  8.916   -4.374  1.00 11.88 ? 31  LEU A HB2  1 
ATOM   310  H  HB3  . LEU A 1 36 ? -0.964  8.950   -5.077  1.00 11.88 ? 31  LEU A HB3  1 
ATOM   311  H  HG   . LEU A 1 36 ? -1.628  9.104   -2.103  1.00 12.92 ? 31  LEU A HG   1 
ATOM   312  H  HD11 . LEU A 1 36 ? -0.596  6.864   -1.990  1.00 13.69 ? 31  LEU A HD11 1 
ATOM   313  H  HD12 . LEU A 1 36 ? -2.052  6.889   -3.042  1.00 13.69 ? 31  LEU A HD12 1 
ATOM   314  H  HD13 . LEU A 1 36 ? -0.413  6.868   -3.777  1.00 13.69 ? 31  LEU A HD13 1 
ATOM   315  H  HD21 . LEU A 1 36 ? 0.812   8.836   -1.764  1.00 16.72 ? 31  LEU A HD21 1 
ATOM   316  H  HD22 . LEU A 1 36 ? 1.061   8.937   -3.539  1.00 16.72 ? 31  LEU A HD22 1 
ATOM   317  H  HD23 . LEU A 1 36 ? 0.414   10.352  -2.641  1.00 16.72 ? 31  LEU A HD23 1 
ATOM   318  N  N    . SER A 1 37 ? -3.021  12.297  -5.766  1.00 13.99 ? 32  SER A N    1 
ATOM   319  C  CA   . SER A 1 37 ? -3.523  12.786  -7.065  1.00 16.29 ? 32  SER A CA   1 
ATOM   320  C  C    . SER A 1 37 ? -2.388  13.078  -8.032  1.00 15.84 ? 32  SER A C    1 
ATOM   321  O  O    . SER A 1 37 ? -2.444  12.734  -9.225  1.00 13.83 ? 32  SER A O    1 
ATOM   322  C  CB   . SER A 1 37 ? -4.342  14.076  -6.907  1.00 20.09 ? 32  SER A CB   1 
ATOM   323  O  OG   . SER A 1 37 ? -5.388  13.925  -5.969  1.00 26.27 ? 32  SER A OG   1 
ATOM   324  H  H    . SER A 1 37 ? -3.402  12.763  -4.967  1.00 16.74 ? 32  SER A H    1 
ATOM   325  H  HA   . SER A 1 37 ? -4.159  11.982  -7.463  1.00 19.50 ? 32  SER A HA   1 
ATOM   326  H  HB2  . SER A 1 37 ? -3.680  14.894  -6.587  1.00 24.06 ? 32  SER A HB2  1 
ATOM   327  H  HB3  . SER A 1 37 ? -4.763  14.365  -7.881  1.00 24.06 ? 32  SER A HB3  1 
ATOM   328  H  HG   . SER A 1 37 ? -5.246  14.554  -5.206  1.00 31.47 ? 32  SER A HG   1 
ATOM   329  N  N    . TYR A 1 38 ? -1.351  13.713  -7.511  1.00 10.03 ? 33  TYR A N    1 
ATOM   330  C  CA   . TYR A 1 38 ? -0.256  14.166  -8.348  1.00 12.83 ? 33  TYR A CA   1 
ATOM   331  C  C    . TYR A 1 38 ? 0.453   13.039  -9.088  1.00 13.86 ? 33  TYR A C    1 
ATOM   332  O  O    . TYR A 1 38 ? 1.178   13.301  -10.050 1.00 14.28 ? 33  TYR A O    1 
ATOM   333  C  CB   . TYR A 1 38 ? 0.749   14.985  -7.538  1.00 8.47  ? 33  TYR A CB   1 
ATOM   334  C  CG   . TYR A 1 38 ? 1.688   14.176  -6.669  1.00 9.86  ? 33  TYR A CG   1 
ATOM   335  C  CD1  . TYR A 1 38 ? 1.253   13.602  -5.475  1.00 13.47 ? 33  TYR A CD1  1 
ATOM   336  C  CD2  . TYR A 1 38 ? 3.029   14.045  -7.009  1.00 8.45  ? 33  TYR A CD2  1 
ATOM   337  C  CE1  . TYR A 1 38 ? 2.126   12.878  -4.670  1.00 10.87 ? 33  TYR A CE1  1 
ATOM   338  C  CE2  . TYR A 1 38 ? 3.904   13.352  -6.209  1.00 10.41 ? 33  TYR A CE2  1 
ATOM   339  C  CZ   . TYR A 1 38 ? 3.449   12.765  -5.042  1.00 11.74 ? 33  TYR A CZ   1 
ATOM   340  O  OH   . TYR A 1 38 ? 4.348   12.061  -4.254  1.00 10.19 ? 33  TYR A OH   1 
ATOM   341  H  H    . TYR A 1 38 ? -1.247  13.921  -6.538  1.00 11.98 ? 33  TYR A H    1 
ATOM   342  H  HA   . TYR A 1 38 ? -0.712  14.805  -9.118  1.00 15.34 ? 33  TYR A HA   1 
ATOM   343  H  HB2  . TYR A 1 38 ? 1.348   15.591  -8.232  1.00 10.11 ? 33  TYR A HB2  1 
ATOM   344  H  HB3  . TYR A 1 38 ? 0.193   15.686  -6.896  1.00 10.11 ? 33  TYR A HB3  1 
ATOM   345  H  HD1  . TYR A 1 38 ? 0.204   13.724  -5.165  1.00 16.11 ? 33  TYR A HD1  1 
ATOM   346  H  HD2  . TYR A 1 38 ? 3.397   14.506  -7.937  1.00 10.08 ? 33  TYR A HD2  1 
ATOM   347  H  HE1  . TYR A 1 38 ? 1.765   12.402  -3.747  1.00 12.99 ? 33  TYR A HE1  1 
ATOM   348  H  HE2  . TYR A 1 38 ? 4.962   13.264  -6.496  1.00 12.44 ? 33  TYR A HE2  1 
ATOM   349  H  HH   . TYR A 1 38 ? 5.253   12.083  -4.678  1.00 12.18 ? 33  TYR A HH   1 
ATOM   350  N  N    . LEU A 1 39 ? 0.237   11.788  -8.678  1.00 10.64 ? 34  LEU A N    1 
ATOM   351  C  CA   . LEU A 1 39 ? 0.955   10.685  -9.324  1.00 13.38 ? 34  LEU A CA   1 
ATOM   352  C  C    . LEU A 1 39 ? 0.256   10.075  -10.540 1.00 14.06 ? 34  LEU A C    1 
ATOM   353  O  O    . LEU A 1 39 ? 0.859   9.290   -11.272 1.00 23.78 ? 34  LEU A O    1 
ATOM   354  C  CB   . LEU A 1 39 ? 1.308   9.585   -8.315  1.00 13.19 ? 34  LEU A CB   1 
ATOM   355  C  CG   . LEU A 1 39 ? 2.314   9.990   -7.232  1.00 14.46 ? 34  LEU A CG   1 
ATOM   356  C  CD1  . LEU A 1 39 ? 2.436   8.900   -6.168  1.00 15.23 ? 34  LEU A CD1  1 
ATOM   357  C  CD2  . LEU A 1 39 ? 3.674   10.327  -7.852  1.00 11.87 ? 34  LEU A CD2  1 
ATOM   358  H  H    . LEU A 1 39 ? -0.391  11.522  -7.947  1.00 12.72 ? 34  LEU A H    1 
ATOM   359  H  HA   . LEU A 1 39 ? 1.874   11.150  -9.712  1.00 16.01 ? 34  LEU A HA   1 
ATOM   360  H  HB2  . LEU A 1 39 ? 0.382   9.250   -7.825  1.00 15.77 ? 34  LEU A HB2  1 
ATOM   361  H  HB3  . LEU A 1 39 ? 1.712   8.722   -8.864  1.00 15.77 ? 34  LEU A HB3  1 
ATOM   362  H  HG   . LEU A 1 39 ? 1.941   10.898  -6.736  1.00 17.30 ? 34  LEU A HG   1 
ATOM   363  H  HD11 . LEU A 1 39 ? 3.162   9.214   -5.404  1.00 18.23 ? 34  LEU A HD11 1 
ATOM   364  H  HD12 . LEU A 1 39 ? 1.456   8.736   -5.696  1.00 18.23 ? 34  LEU A HD12 1 
ATOM   365  H  HD13 . LEU A 1 39 ? 2.778   7.966   -6.636  1.00 18.23 ? 34  LEU A HD13 1 
ATOM   366  H  HD21 . LEU A 1 39 ? 4.379   10.614  -7.057  1.00 14.20 ? 34  LEU A HD21 1 
ATOM   367  H  HD22 . LEU A 1 39 ? 4.063   9.447   -8.386  1.00 14.20 ? 34  LEU A HD22 1 
ATOM   368  H  HD23 . LEU A 1 39 ? 3.559   11.162  -8.559  1.00 14.20 ? 34  LEU A HD23 1 
ATOM   369  N  N    . ASN A 1 40 ? -1.006  10.427  -10.756 1.00 17.31 ? 35  ASN A N    1 
ATOM   370  C  CA   . ASN A 1 40 ? -1.748  9.909   -11.908 1.00 14.79 ? 35  ASN A CA   1 
ATOM   371  C  C    . ASN A 1 40 ? -1.815  8.378   -11.923 1.00 15.90 ? 35  ASN A C    1 
ATOM   372  O  O    . ASN A 1 40 ? -1.460  7.746   -12.911 1.00 18.61 ? 35  ASN A O    1 
ATOM   373  C  CB   . ASN A 1 40 ? -1.120  10.385  -13.220 1.00 17.85 ? 35  ASN A CB   1 
ATOM   374  C  CG   . ASN A 1 40 ? -0.784  11.868  -13.206 1.00 13.67 ? 35  ASN A CG   1 
ATOM   375  O  OD1  . ASN A 1 40 ? -1.592  12.699  -12.793 1.00 14.07 ? 35  ASN A OD1  1 
ATOM   376  N  ND2  . ASN A 1 40 ? 0.421   12.200  -13.650 1.00 19.94 ? 35  ASN A ND2  1 
ATOM   377  N  N    . LEU A 1 41 ? -2.278  7.789   -10.829 1.00 20.88 ? 36  LEU A N    1 
ATOM   378  C  CA   . LEU A 1 41 ? -2.418  6.345   -10.758 1.00 14.19 ? 36  LEU A CA   1 
ATOM   379  C  C    . LEU A 1 41 ? -3.705  5.932   -11.458 1.00 19.73 ? 36  LEU A C    1 
ATOM   380  O  O    . LEU A 1 41 ? -4.706  6.646   -11.390 1.00 17.58 ? 36  LEU A O    1 
ATOM   381  C  CB   . LEU A 1 41 ? -2.439  5.899   -9.299  1.00 16.45 ? 36  LEU A CB   1 
ATOM   382  C  CG   . LEU A 1 41 ? -1.229  6.360   -8.471  1.00 13.92 ? 36  LEU A CG   1 
ATOM   383  C  CD1  . LEU A 1 41 ? -1.416  6.016   -7.007  1.00 16.81 ? 36  LEU A CD1  1 
ATOM   384  C  CD2  . LEU A 1 41 ? 0.075   5.792   -9.000  1.00 13.89 ? 36  LEU A CD2  1 
ATOM   385  H  H    . LEU A 1 41 ? -2.556  8.277   -10.002 1.00 25.01 ? 36  LEU A H    1 
ATOM   386  H  HA   . LEU A 1 41 ? -1.566  5.863   -11.258 1.00 16.97 ? 36  LEU A HA   1 
ATOM   387  H  HB2  . LEU A 1 41 ? -3.356  6.280   -8.827  1.00 19.69 ? 36  LEU A HB2  1 
ATOM   388  H  HB3  . LEU A 1 41 ? -2.493  4.801   -9.267  1.00 19.69 ? 36  LEU A HB3  1 
ATOM   389  H  HG   . LEU A 1 41 ? -1.165  7.454   -8.566  1.00 16.66 ? 36  LEU A HG   1 
ATOM   390  H  HD11 . LEU A 1 41 ? -0.539  6.354   -6.435  1.00 20.12 ? 36  LEU A HD11 1 
ATOM   391  H  HD12 . LEU A 1 41 ? -2.318  6.516   -6.625  1.00 20.12 ? 36  LEU A HD12 1 
ATOM   392  H  HD13 . LEU A 1 41 ? -1.527  4.927   -6.897  1.00 20.12 ? 36  LEU A HD13 1 
ATOM   393  H  HD21 . LEU A 1 41 ? 0.910   6.148   -8.377  1.00 16.61 ? 36  LEU A HD21 1 
ATOM   394  H  HD22 . LEU A 1 41 ? 0.037   4.693   -8.968  1.00 16.61 ? 36  LEU A HD22 1 
ATOM   395  H  HD23 . LEU A 1 41 ? 0.226   6.124   -10.037 1.00 16.61 ? 36  LEU A HD23 1 
ATOM   396  N  N    . ASP A 1 42 ? -3.691  4.791   -12.138 1.00 11.98 ? 37  ASP A N    1 
ATOM   397  C  CA   . ASP A 1 42 ? -4.904  4.330   -12.808 1.00 16.44 ? 37  ASP A CA   1 
ATOM   398  C  C    . ASP A 1 42 ? -5.793  3.539   -11.847 1.00 16.83 ? 37  ASP A C    1 
ATOM   399  O  O    . ASP A 1 42 ? -5.403  3.285   -10.708 1.00 11.92 ? 37  ASP A O    1 
ATOM   400  C  CB   . ASP A 1 42 ? -4.585  3.536   -14.084 1.00 17.89 ? 37  ASP A CB   1 
ATOM   401  C  CG   . ASP A 1 42 ? -3.882  2.231   -13.807 1.00 18.17 ? 37  ASP A CG   1 
ATOM   402  O  OD1  . ASP A 1 42 ? -4.002  1.709   -12.680 1.00 16.34 ? 37  ASP A OD1  1 
ATOM   403  O  OD2  . ASP A 1 42 ? -3.201  1.715   -14.721 1.00 24.21 ? 37  ASP A OD2  1 
ATOM   404  H  H    . ASP A 1 42 ? -2.894  4.194   -12.238 1.00 14.33 ? 37  ASP A H    1 
ATOM   405  H  HA   . ASP A 1 42 ? -5.470  5.218   -13.127 1.00 19.67 ? 37  ASP A HA   1 
ATOM   406  H  HB2  . ASP A 1 42 ? -5.519  3.333   -14.627 1.00 21.41 ? 37  ASP A HB2  1 
ATOM   407  H  HB3  . ASP A 1 42 ? -3.956  4.151   -14.744 1.00 21.41 ? 37  ASP A HB3  1 
ATOM   408  N  N    . ALA A 1 43 ? -6.993  3.174   -12.296 1.00 14.61 ? 38  ALA A N    1 
ATOM   409  C  CA   . ALA A 1 43 ? -7.972  2.523   -11.424 1.00 14.23 ? 38  ALA A CA   1 
ATOM   410  C  C    . ALA A 1 43 ? -7.434  1.236   -10.816 1.00 13.04 ? 38  ALA A C    1 
ATOM   411  O  O    . ALA A 1 43 ? -7.679  0.943   -9.647  1.00 11.76 ? 38  ALA A O    1 
ATOM   412  C  CB   . ALA A 1 43 ? -9.270  2.250   -12.179 1.00 15.60 ? 38  ALA A CB   1 
ATOM   413  H  H    . ALA A 1 43 ? -7.304  3.313   -13.236 1.00 17.48 ? 38  ALA A H    1 
ATOM   414  H  HA   . ALA A 1 43 ? -8.179  3.218   -10.597 1.00 17.03 ? 38  ALA A HA   1 
ATOM   415  H  HB1  . ALA A 1 43 ? -9.991  1.762   -11.507 1.00 18.67 ? 38  ALA A HB1  1 
ATOM   416  H  HB2  . ALA A 1 43 ? -9.691  3.200   -12.541 1.00 18.67 ? 38  ALA A HB2  1 
ATOM   417  H  HB3  . ALA A 1 43 ? -9.064  1.591   -13.036 1.00 18.67 ? 38  ALA A HB3  1 
ATOM   418  N  N    . PHE A 1 44 ? -6.699  0.471   -11.611 1.00 12.21 ? 39  PHE A N    1 
ATOM   419  C  CA   . PHE A 1 44 ? -6.144  -0.797  -11.159 1.00 13.32 ? 39  PHE A CA   1 
ATOM   420  C  C    . PHE A 1 44 ? -5.160  -0.614  -10.003 1.00 9.50  ? 39  PHE A C    1 
ATOM   421  O  O    . PHE A 1 44 ? -5.215  -1.356  -9.021  1.00 11.58 ? 39  PHE A O    1 
ATOM   422  C  CB   . PHE A 1 44 ? -5.471  -1.534  -12.317 1.00 22.41 ? 39  PHE A CB   1 
ATOM   423  C  CG   . PHE A 1 44 ? -4.846  -2.836  -11.915 1.00 18.22 ? 39  PHE A CG   1 
ATOM   424  C  CD1  . PHE A 1 44 ? -5.568  -4.018  -11.985 1.00 24.46 ? 39  PHE A CD1  1 
ATOM   425  C  CD2  . PHE A 1 44 ? -3.548  -2.873  -11.445 1.00 18.79 ? 39  PHE A CD2  1 
ATOM   426  C  CE1  . PHE A 1 44 ? -4.991  -5.219  -11.599 1.00 21.09 ? 39  PHE A CE1  1 
ATOM   427  C  CE2  . PHE A 1 44 ? -2.967  -4.071  -11.064 1.00 26.93 ? 39  PHE A CE2  1 
ATOM   428  C  CZ   . PHE A 1 44 ? -3.692  -5.242  -11.139 1.00 16.04 ? 39  PHE A CZ   1 
ATOM   429  H  H    . PHE A 1 44 ? -6.476  0.703   -12.558 1.00 14.60 ? 39  PHE A H    1 
ATOM   430  H  HA   . PHE A 1 44 ? -6.982  -1.405  -10.787 1.00 15.93 ? 39  PHE A HA   1 
ATOM   431  H  HB2  . PHE A 1 44 ? -6.217  -1.722  -13.104 1.00 26.84 ? 39  PHE A HB2  1 
ATOM   432  H  HB3  . PHE A 1 44 ? -4.698  -0.884  -12.754 1.00 26.84 ? 39  PHE A HB3  1 
ATOM   433  H  HD1  . PHE A 1 44 ? -6.606  -4.002  -12.349 1.00 29.30 ? 39  PHE A HD1  1 
ATOM   434  H  HD2  . PHE A 1 44 ? -2.968  -1.942  -11.373 1.00 22.49 ? 39  PHE A HD2  1 
ATOM   435  H  HE1  . PHE A 1 44 ? -5.570  -6.152  -11.660 1.00 25.26 ? 39  PHE A HE1  1 
ATOM   436  H  HE2  . PHE A 1 44 ? -1.929  -4.089  -10.701 1.00 32.26 ? 39  PHE A HE2  1 
ATOM   437  H  HZ   . PHE A 1 44 ? -3.235  -6.194  -10.831 1.00 19.19 ? 39  PHE A HZ   1 
ATOM   438  N  N    . GLN A 1 45 ? -4.290  0.388   -10.113 1.00 10.89 ? 40  GLN A N    1 
ATOM   439  C  CA   . GLN A 1 45 ? -3.345  0.733   -9.052  1.00 10.89 ? 40  GLN A CA   1 
ATOM   440  C  C    . GLN A 1 45 ? -4.054  1.181   -7.784  1.00 8.37  ? 40  GLN A C    1 
ATOM   441  O  O    . GLN A 1 45 ? -3.633  0.850   -6.669  1.00 7.60  ? 40  GLN A O    1 
ATOM   442  C  CB   . GLN A 1 45 ? -2.403  1.854   -9.505  1.00 12.59 ? 40  GLN A CB   1 
ATOM   443  C  CG   . GLN A 1 45 ? -1.458  1.474   -10.628 1.00 16.60 ? 40  GLN A CG   1 
ATOM   444  C  CD   . GLN A 1 45 ? -0.600  2.643   -11.078 1.00 19.90 ? 40  GLN A CD   1 
ATOM   445  O  OE1  . GLN A 1 45 ? -1.042  3.491   -11.855 1.00 19.13 ? 40  GLN A OE1  1 
ATOM   446  N  NE2  . GLN A 1 45 ? 0.632   2.697   -10.587 1.00 23.87 ? 40  GLN A NE2  1 
ATOM   447  H  H    . GLN A 1 45 ? -4.222  0.971   -10.923 1.00 13.02 ? 40  GLN A H    1 
ATOM   448  H  HA   . GLN A 1 45 ? -2.769  -0.179  -8.835  1.00 13.02 ? 40  GLN A HA   1 
ATOM   449  H  HB2  . GLN A 1 45 ? -3.007  2.714   -9.829  1.00 15.06 ? 40  GLN A HB2  1 
ATOM   450  H  HB3  . GLN A 1 45 ? -1.808  2.186   -8.641  1.00 15.06 ? 40  GLN A HB3  1 
ATOM   451  H  HG2  . GLN A 1 45 ? -0.808  0.651   -10.296 1.00 19.87 ? 40  GLN A HG2  1 
ATOM   452  H  HG3  . GLN A 1 45 ? -2.040  1.098   -11.483 1.00 19.87 ? 40  GLN A HG3  1 
ATOM   453  H  HE21 . GLN A 1 45 ? 1.242   3.446   -10.845 1.00 28.59 ? 40  GLN A HE21 1 
ATOM   454  H  HE22 . GLN A 1 45 ? 0.951   1.988   -9.958  1.00 28.59 ? 40  GLN A HE22 1 
ATOM   455  N  N    . LYS A 1 46 ? -5.113  1.968   -7.945  1.00 9.23  ? 41  LYS A N    1 
ATOM   456  C  CA   . LYS A 1 46 ? -5.829  2.479   -6.782  1.00 8.50  ? 41  LYS A CA   1 
ATOM   457  C  C    . LYS A 1 46 ? -6.564  1.329   -6.107  1.00 8.94  ? 41  LYS A C    1 
ATOM   458  O  O    . LYS A 1 46 ? -6.621  1.237   -4.894  1.00 9.30  ? 41  LYS A O    1 
ATOM   459  C  CB   . LYS A 1 46 ? -6.817  3.567   -7.177  1.00 8.36  ? 41  LYS A CB   1 
ATOM   460  C  CG   . LYS A 1 46 ? -6.151  4.850   -7.633  1.00 17.59 ? 41  LYS A CG   1 
ATOM   461  C  CD   . LYS A 1 46 ? -7.099  6.022   -7.477  1.00 13.87 ? 41  LYS A CD   1 
ATOM   462  C  CE   . LYS A 1 46 ? -6.411  7.315   -7.837  1.00 20.65 ? 41  LYS A CE   1 
ATOM   463  N  NZ   . LYS A 1 46 ? -6.399  7.444   -9.306  1.00 16.16 ? 41  LYS A NZ   1 
ATOM   464  N  N    . ARG A 1 47 ? -7.133  0.445   -6.903  1.00 7.73  ? 42  ARG A N    1 
ATOM   465  C  CA   . ARG A 1 47 ? -7.762  -0.744  -6.340  1.00 9.61  ? 42  ARG A CA   1 
ATOM   466  C  C    . ARG A 1 47 ? -6.708  -1.610  -5.628  1.00 8.39  ? 42  ARG A C    1 
ATOM   467  O  O    . ARG A 1 47 ? -6.979  -2.144  -4.569  1.00 8.50  ? 42  ARG A O    1 
ATOM   468  C  CB   . ARG A 1 47 ? -8.517  -1.539  -7.414  1.00 10.38 ? 42  ARG A CB   1 
ATOM   469  C  CG   . ARG A 1 47 ? -9.801  -0.869  -7.924  1.00 9.27  ? 42  ARG A CG   1 
ATOM   470  C  CD   . ARG A 1 47 ? -10.186 -1.306  -9.343  1.00 19.68 ? 42  ARG A CD   1 
ATOM   471  N  NE   . ARG A 1 47 ? -10.681 -2.679  -9.405  1.00 20.09 ? 42  ARG A NE   1 
ATOM   472  C  CZ   . ARG A 1 47 ? -11.957 -3.027  -9.237  1.00 14.75 ? 42  ARG A CZ   1 
ATOM   473  N  NH1  . ARG A 1 47 ? -12.873 -2.100  -8.999  1.00 18.62 ? 42  ARG A NH1  1 
ATOM   474  N  NH2  . ARG A 1 47 ? -12.318 -4.307  -9.314  1.00 15.90 ? 42  ARG A NH2  1 
ATOM   475  H  H    . ARG A 1 47 ? -7.175  0.518   -7.900  1.00 9.22  ? 42  ARG A H    1 
ATOM   476  H  HA   . ARG A 1 47 ? -8.506  -0.425  -5.595  1.00 11.48 ? 42  ARG A HA   1 
ATOM   477  H  HB2  . ARG A 1 47 ? -7.844  -1.709  -8.267  1.00 12.40 ? 42  ARG A HB2  1 
ATOM   478  H  HB3  . ARG A 1 47 ? -8.774  -2.528  -7.006  1.00 12.40 ? 42  ARG A HB3  1 
ATOM   479  H  HG2  . ARG A 1 47 ? -10.627 -1.103  -7.238  1.00 11.07 ? 42  ARG A HG2  1 
ATOM   480  H  HG3  . ARG A 1 47 ? -9.668  0.223   -7.907  1.00 11.07 ? 42  ARG A HG3  1 
ATOM   481  H  HD2  . ARG A 1 47 ? -10.959 -0.626  -9.733  1.00 23.57 ? 42  ARG A HD2  1 
ATOM   482  H  HD3  . ARG A 1 47 ? -9.310  -1.208  -10.001 1.00 23.57 ? 42  ARG A HD3  1 
ATOM   483  H  HE   . ARG A 1 47 ? -10.019 -3.405  -9.585  1.00 24.06 ? 42  ARG A HE   1 
ATOM   484  H  HH11 . ARG A 1 47 ? -12.608 -1.138  -8.944  1.00 22.29 ? 42  ARG A HH11 1 
ATOM   485  H  HH12 . ARG A 1 47 ? -13.829 -2.363  -8.873  1.00 22.29 ? 42  ARG A HH12 1 
ATOM   486  H  HH21 . ARG A 1 47 ? -11.631 -5.010  -9.498  1.00 19.03 ? 42  ARG A HH21 1 
ATOM   487  H  HH22 . ARG A 1 47 ? -13.275 -4.565  -9.187  1.00 19.03 ? 42  ARG A HH22 1 
ATOM   488  N  N    . ASP A 1 48 ? -5.514  -1.758  -6.201  1.00 7.68  ? 43  ASP A N    1 
ATOM   489  C  CA   . ASP A 1 48 ? -4.452  -2.488  -5.500  1.00 8.70  ? 43  ASP A CA   1 
ATOM   490  C  C    . ASP A 1 48 ? -4.168  -1.864  -4.144  1.00 10.19 ? 43  ASP A C    1 
ATOM   491  O  O    . ASP A 1 48 ? -3.966  -2.561  -3.163  1.00 8.70  ? 43  ASP A O    1 
ATOM   492  C  CB   . ASP A 1 48 ? -3.153  -2.471  -6.300  1.00 12.82 ? 43  ASP A CB   1 
ATOM   493  C  CG   . ASP A 1 48 ? -3.125  -3.506  -7.392  1.00 15.15 ? 43  ASP A CG   1 
ATOM   494  O  OD1  . ASP A 1 48 ? -4.016  -4.380  -7.427  1.00 18.51 ? 43  ASP A OD1  1 
ATOM   495  O  OD2  . ASP A 1 48 ? -2.193  -3.444  -8.219  1.00 20.80 ? 43  ASP A OD2  1 
ATOM   496  H  H    . ASP A 1 48 ? -5.265  -1.402  -7.102  1.00 9.17  ? 43  ASP A H    1 
ATOM   497  H  HA   . ASP A 1 48 ? -4.806  -3.522  -5.376  1.00 10.39 ? 43  ASP A HA   1 
ATOM   498  H  HB2  . ASP A 1 48 ? -3.014  -1.474  -6.743  1.00 15.33 ? 43  ASP A HB2  1 
ATOM   499  H  HB3  . ASP A 1 48 ? -2.306  -2.642  -5.619  1.00 15.33 ? 43  ASP A HB3  1 
ATOM   500  N  N    . ILE A 1 49 ? -4.122  -0.540  -4.110  1.00 8.45  ? 44  ILE A N    1 
ATOM   501  C  CA   . ILE A 1 49 ? -3.844  0.190   -2.877  1.00 6.82  ? 44  ILE A CA   1 
ATOM   502  C  C    . ILE A 1 49 ? -4.965  0.013   -1.846  1.00 8.09  ? 44  ILE A C    1 
ATOM   503  O  O    . ILE A 1 49 ? -4.693  -0.218  -0.671  1.00 8.29  ? 44  ILE A O    1 
ATOM   504  C  CB   . ILE A 1 49 ? -3.541  1.702   -3.156  1.00 8.47  ? 44  ILE A CB   1 
ATOM   505  C  CG1  . ILE A 1 49 ? -2.174  1.852   -3.805  1.00 7.88  ? 44  ILE A CG1  1 
ATOM   506  C  CG2  . ILE A 1 49 ? -3.606  2.540   -1.876  1.00 10.23 ? 44  ILE A CG2  1 
ATOM   507  C  CD1  . ILE A 1 49 ? -1.931  3.274   -4.344  1.00 9.97  ? 44  ILE A CD1  1 
ATOM   508  H  H    . ILE A 1 49 ? -4.272  0.043   -4.909  1.00 10.09 ? 44  ILE A H    1 
ATOM   509  H  HA   . ILE A 1 49 ? -2.934  -0.246  -2.440  1.00 8.13  ? 44  ILE A HA   1 
ATOM   510  H  HB   . ILE A 1 49 ? -4.316  2.076   -3.842  1.00 10.11 ? 44  ILE A HB   1 
ATOM   511  H  HG12 . ILE A 1 49 ? -1.394  1.603   -3.072  1.00 9.41  ? 44  ILE A HG12 1 
ATOM   512  H  HG13 . ILE A 1 49 ? -2.082  1.130   -4.631  1.00 9.41  ? 44  ILE A HG13 1 
ATOM   513  H  HG21 . ILE A 1 49 ? -3.389  3.591   -2.113  1.00 12.23 ? 44  ILE A HG21 1 
ATOM   514  H  HG22 . ILE A 1 49 ? -4.613  2.463   -1.439  1.00 12.23 ? 44  ILE A HG22 1 
ATOM   515  H  HG23 . ILE A 1 49 ? -2.864  2.166   -1.155  1.00 12.23 ? 44  ILE A HG23 1 
ATOM   516  H  HD11 . ILE A 1 49 ? -0.931  3.326   -4.801  1.00 11.91 ? 44  ILE A HD11 1 
ATOM   517  H  HD12 . ILE A 1 49 ? -2.693  3.515   -5.099  1.00 11.91 ? 44  ILE A HD12 1 
ATOM   518  H  HD13 . ILE A 1 49 ? -1.993  3.995   -3.516  1.00 11.91 ? 44  ILE A HD13 1 
ATOM   519  N  N    . LEU A 1 50 ? -6.219  0.110   -2.279  1.00 6.63  ? 45  LEU A N    1 
ATOM   520  C  CA   . LEU A 1 50 ? -7.330  -0.038  -1.345  1.00 6.67  ? 45  LEU A CA   1 
ATOM   521  C  C    . LEU A 1 50 ? -7.353  -1.463  -0.773  1.00 7.11  ? 45  LEU A C    1 
ATOM   522  O  O    . LEU A 1 50 ? -7.621  -1.655  0.412   1.00 9.11  ? 45  LEU A O    1 
ATOM   523  C  CB   . LEU A 1 50 ? -8.653  0.292   -2.026  1.00 7.95  ? 45  LEU A CB   1 
ATOM   524  C  CG   . LEU A 1 50 ? -8.890  1.730   -2.500  1.00 8.07  ? 45  LEU A CG   1 
ATOM   525  C  CD1  . LEU A 1 50 ? -9.980  1.710   -3.548  1.00 9.91  ? 45  LEU A CD1  1 
ATOM   526  C  CD2  . LEU A 1 50 ? -9.267  2.590   -1.314  1.00 8.91  ? 45  LEU A CD2  1 
ATOM   527  H  H    . LEU A 1 50 ? -6.483  0.282   -3.228  1.00 7.90  ? 45  LEU A H    1 
ATOM   528  H  HA   . LEU A 1 50 ? -7.187  0.670   -0.516  1.00 7.96  ? 45  LEU A HA   1 
ATOM   529  H  HB2  . LEU A 1 50 ? -8.755  -0.370  -2.898  1.00 9.49  ? 45  LEU A HB2  1 
ATOM   530  H  HB3  . LEU A 1 50 ? -9.462  0.032   -1.327  1.00 9.49  ? 45  LEU A HB3  1 
ATOM   531  H  HG   . LEU A 1 50 ? -7.981  2.158   -2.947  1.00 9.63  ? 45  LEU A HG   1 
ATOM   532  H  HD11 . LEU A 1 50 ? -10.167 2.735   -3.903  1.00 11.84 ? 45  LEU A HD11 1 
ATOM   533  H  HD12 . LEU A 1 50 ? -9.664  1.081   -4.394  1.00 11.84 ? 45  LEU A HD12 1 
ATOM   534  H  HD13 . LEU A 1 50 ? -10.902 1.301   -3.111  1.00 11.84 ? 45  LEU A HD13 1 
ATOM   535  H  HD21 . LEU A 1 50 ? -9.439  3.624   -1.650  1.00 10.64 ? 45  LEU A HD21 1 
ATOM   536  H  HD22 . LEU A 1 50 ? -10.186 2.198   -0.854  1.00 10.64 ? 45  LEU A HD22 1 
ATOM   537  H  HD23 . LEU A 1 50 ? -8.452  2.576   -0.576  1.00 10.64 ? 45  LEU A HD23 1 
ATOM   538  N  N    . ALA A 1 51 ? -7.079  -2.448  -1.626  1.00 6.11  ? 46  ALA A N    1 
ATOM   539  C  CA   . ALA A 1 51 ? -7.033  -3.850  -1.202  1.00 4.39  ? 46  ALA A CA   1 
ATOM   540  C  C    . ALA A 1 51 ? -5.902  -4.057  -0.207  1.00 7.08  ? 46  ALA A C    1 
ATOM   541  O  O    . ALA A 1 51 ? -6.082  -4.716  0.825   1.00 9.16  ? 46  ALA A O    1 
ATOM   542  C  CB   . ALA A 1 51 ? -6.860  -4.771  -2.405  1.00 8.00  ? 46  ALA A CB   1 
ATOM   543  H  H    . ALA A 1 51 ? -6.887  -2.306  -2.597  1.00 7.28  ? 46  ALA A H    1 
ATOM   544  H  HA   . ALA A 1 51 ? -7.986  -4.099  -0.712  1.00 5.21  ? 46  ALA A HA   1 
ATOM   545  H  HB1  . ALA A 1 51 ? -6.829  -5.817  -2.066  1.00 9.55  ? 46  ALA A HB1  1 
ATOM   546  H  HB2  . ALA A 1 51 ? -7.706  -4.635  -3.096  1.00 9.55  ? 46  ALA A HB2  1 
ATOM   547  H  HB3  . ALA A 1 51 ? -5.921  -4.525  -2.923  1.00 9.55  ? 46  ALA A HB3  1 
ATOM   548  N  N    . ALA A 1 52 ? -4.741  -3.489  -0.510  1.00 7.96  ? 47  ALA A N    1 
ATOM   549  C  CA   . ALA A 1 52 ? -3.577  -3.630  0.364   1.00 7.09  ? 47  ALA A CA   1 
ATOM   550  C  C    . ALA A 1 52 ? -3.810  -3.020  1.740   1.00 10.99 ? 47  ALA A C    1 
ATOM   551  O  O    . ALA A 1 52 ? -3.364  -3.566  2.746   1.00 10.29 ? 47  ALA A O    1 
ATOM   552  C  CB   . ALA A 1 52 ? -2.348  -3.021  -0.291  1.00 11.54 ? 47  ALA A CB   1 
ATOM   553  H  H    . ALA A 1 52 ? -4.581  -2.942  -1.331  1.00 9.50  ? 47  ALA A H    1 
ATOM   554  H  HA   . ALA A 1 52 ? -3.408  -4.707  0.513   1.00 8.45  ? 47  ALA A HA   1 
ATOM   555  H  HB1  . ALA A 1 52 ? -1.482  -3.134  0.377   1.00 13.80 ? 47  ALA A HB1  1 
ATOM   556  H  HB2  . ALA A 1 52 ? -2.146  -3.535  -1.243  1.00 13.80 ? 47  ALA A HB2  1 
ATOM   557  H  HB3  . ALA A 1 52 ? -2.525  -1.952  -0.482  1.00 13.80 ? 47  ALA A HB3  1 
ATOM   558  N  N    . HIS A 1 53 ? -4.473  -1.881  1.797   1.00 5.45  ? 48  HIS A N    1 
ATOM   559  C  CA   . HIS A 1 53 ? -4.777  -1.303  3.061   1.00 7.81  ? 48  HIS A CA   1 
ATOM   560  C  C    . HIS A 1 53 ? -5.729  -2.181  3.903   1.00 9.79  ? 48  HIS A C    1 
ATOM   561  O  O    . HIS A 1 53 ? -5.546  -2.308  5.061   1.00 7.63  ? 48  HIS A O    1 
ATOM   562  C  CB   . HIS A 1 53 ? -5.542  0.005   2.856   1.00 8.96  ? 48  HIS A CB   1 
ATOM   563  C  CG   . HIS A 1 53 ? -4.737  1.151   2.365   1.00 8.96  ? 48  HIS A CG   1 
ATOM   564  N  ND1  . HIS A 1 53 ? -3.372  1.147   2.201   1.00 9.48  ? 48  HIS A ND1  1 
ATOM   565  C  CD2  . HIS A 1 53 ? -5.159  2.354   1.973   1.00 4.95  ? 48  HIS A CD2  1 
ATOM   566  C  CE1  . HIS A 1 53 ? -2.995  2.317   1.755   1.00 7.57  ? 48  HIS A CE1  1 
ATOM   567  N  NE2  . HIS A 1 53 ? -4.057  3.059   1.610   1.00 10.49 ? 48  HIS A NE2  1 
ATOM   568  H  H    . HIS A 1 53 ? -4.795  -1.366  1.001   1.00 6.49  ? 48  HIS A H    1 
ATOM   569  H  HA   . HIS A 1 53 ? -3.811  -1.174  3.572   1.00 9.32  ? 48  HIS A HA   1 
ATOM   570  H  HB2  . HIS A 1 53 ? -6.358  -0.178  2.142   1.00 10.70 ? 48  HIS A HB2  1 
ATOM   571  H  HB3  . HIS A 1 53 ? -6.007  0.290   3.810   1.00 10.70 ? 48  HIS A HB3  1 
ATOM   572  H  HD1  . HIS A 1 53 ? -2.767  0.375   2.393   1.00 11.32 ? 48  HIS A HD1  1 
ATOM   573  H  HD2  . HIS A 1 53 ? -6.200  2.708   1.948   1.00 5.89  ? 48  HIS A HD2  1 
ATOM   574  H  HE1  . HIS A 1 53 ? -1.960  2.623   1.539   1.00 9.03  ? 48  HIS A HE1  1 
ATOM   575  H  HE2  . HIS A 1 53 ? -4.060  4.003   1.281   1.00 12.54 ? 48  HIS A HE2  1 
ATOM   576  N  N    . TYR A 1 54 ? -6.749  -2.731  3.228   1.00 7.49  ? 49  TYR A N    1 
ATOM   577  C  CA   . TYR A 1 54 ? -7.742  -3.531  3.920   1.00 5.15  ? 49  TYR A CA   1 
ATOM   578  C  C    . TYR A 1 54 ? -7.112  -4.809  4.454   1.00 6.22  ? 49  TYR A C    1 
ATOM   579  O  O    . TYR A 1 54 ? -7.359  -5.197  5.595   1.00 6.61  ? 49  TYR A O    1 
ATOM   580  C  CB   . TYR A 1 54 ? -8.937  -3.850  3.006   1.00 9.65  ? 49  TYR A CB   1 
ATOM   581  C  CG   . TYR A 1 54 ? -9.984  -4.659  3.723   1.00 11.07 ? 49  TYR A CG   1 
ATOM   582  C  CD1  . TYR A 1 54 ? -10.591 -4.162  4.866   1.00 9.54  ? 49  TYR A CD1  1 
ATOM   583  C  CD2  . TYR A 1 54 ? -10.340 -5.923  3.282   1.00 9.20  ? 49  TYR A CD2  1 
ATOM   584  C  CE1  . TYR A 1 54 ? -11.532 -4.886  5.549   1.00 9.46  ? 49  TYR A CE1  1 
ATOM   585  C  CE2  . TYR A 1 54 ? -11.297 -6.673  3.969   1.00 11.51 ? 49  TYR A CE2  1 
ATOM   586  C  CZ   . TYR A 1 54 ? -11.880 -6.139  5.106   1.00 10.49 ? 49  TYR A CZ   1 
ATOM   587  O  OH   . TYR A 1 54 ? -12.830 -6.840  5.817   1.00 12.24 ? 49  TYR A OH   1 
ATOM   588  H  H    . TYR A 1 54 ? -6.896  -2.634  2.243   1.00 8.93  ? 49  TYR A H    1 
ATOM   589  H  HA   . TYR A 1 54 ? -8.121  -2.946  4.771   1.00 6.13  ? 49  TYR A HA   1 
ATOM   590  H  HB2  . TYR A 1 54 ? -9.382  -2.911  2.643   1.00 11.52 ? 49  TYR A HB2  1 
ATOM   591  H  HB3  . TYR A 1 54 ? -8.586  -4.403  2.122   1.00 11.52 ? 49  TYR A HB3  1 
ATOM   592  H  HD1  . TYR A 1 54 ? -10.311 -3.164  5.233   1.00 11.39 ? 49  TYR A HD1  1 
ATOM   593  H  HD2  . TYR A 1 54 ? -9.863  -6.340  2.382   1.00 10.98 ? 49  TYR A HD2  1 
ATOM   594  H  HE1  . TYR A 1 54 ? -12.007 -4.467  6.449   1.00 11.30 ? 49  TYR A HE1  1 
ATOM   595  H  HE2  . TYR A 1 54 ? -11.584 -7.673  3.612   1.00 13.75 ? 49  TYR A HE2  1 
ATOM   596  H  HH   . TYR A 1 54 ? -12.393 -7.598  6.302   1.00 14.64 ? 49  TYR A HH   1 
ATOM   597  N  N    . ILE A 1 55 ? -6.278  -5.429  3.630   1.00 7.00  ? 50  ILE A N    1 
ATOM   598  C  CA   . ILE A 1 55 ? -5.583  -6.648  4.022   1.00 7.01  ? 50  ILE A CA   1 
ATOM   599  C  C    . ILE A 1 55 ? -4.635  -6.348  5.184   1.00 8.95  ? 50  ILE A C    1 
ATOM   600  O  O    . ILE A 1 55 ? -4.595  -7.084  6.160   1.00 8.09  ? 50  ILE A O    1 
ATOM   601  C  CB   . ILE A 1 55 ? -4.827  -7.251  2.831   1.00 6.35  ? 50  ILE A CB   1 
ATOM   602  C  CG1  . ILE A 1 55 ? -5.822  -7.738  1.765   1.00 10.74 ? 50  ILE A CG1  1 
ATOM   603  C  CG2  . ILE A 1 55 ? -3.906  -8.369  3.309   1.00 8.04  ? 50  ILE A CG2  1 
ATOM   604  C  CD1  . ILE A 1 55 ? -5.197  -8.084  0.432   1.00 14.43 ? 50  ILE A CD1  1 
ATOM   605  H  H    . ILE A 1 55 ? -6.071  -5.113  2.703   1.00 8.34  ? 50  ILE A H    1 
ATOM   606  H  HA   . ILE A 1 55 ? -6.322  -7.391  4.355   1.00 8.35  ? 50  ILE A HA   1 
ATOM   607  H  HB   . ILE A 1 55 ? -4.197  -6.479  2.365   1.00 7.57  ? 50  ILE A HB   1 
ATOM   608  H  HG12 . ILE A 1 55 ? -6.346  -8.626  2.150   1.00 12.84 ? 50  ILE A HG12 1 
ATOM   609  H  HG13 . ILE A 1 55 ? -6.581  -6.959  1.607   1.00 12.84 ? 50  ILE A HG13 1 
ATOM   610  H  HG21 . ILE A 1 55 ? -3.369  -8.795  2.449   1.00 9.60  ? 50  ILE A HG21 1 
ATOM   611  H  HG22 . ILE A 1 55 ? -3.180  -7.965  4.030   1.00 9.60  ? 50  ILE A HG22 1 
ATOM   612  H  HG23 . ILE A 1 55 ? -4.504  -9.155  3.794   1.00 9.60  ? 50  ILE A HG23 1 
ATOM   613  H  HD11 . ILE A 1 55 ? -5.979  -8.421  -0.264  1.00 17.26 ? 50  ILE A HD11 1 
ATOM   614  H  HD12 . ILE A 1 55 ? -4.698  -7.195  0.019   1.00 17.26 ? 50  ILE A HD12 1 
ATOM   615  H  HD13 . ILE A 1 55 ? -4.459  -8.887  0.570   1.00 17.26 ? 50  ILE A HD13 1 
ATOM   616  N  N    . ALA A 1 56 ? -3.868  -5.267  5.083   1.00 6.89  ? 51  ALA A N    1 
ATOM   617  C  CA   . ALA A 1 56 ? -2.941  -4.901  6.149   1.00 5.56  ? 51  ALA A CA   1 
ATOM   618  C  C    . ALA A 1 56 ? -3.666  -4.660  7.469   1.00 7.45  ? 51  ALA A C    1 
ATOM   619  O  O    . ALA A 1 56 ? -3.261  -5.171  8.510   1.00 9.38  ? 51  ALA A O    1 
ATOM   620  C  CB   . ALA A 1 56 ? -2.130  -3.663  5.756   1.00 5.70  ? 51  ALA A CB   1 
ATOM   621  H  H    . ALA A 1 56 ? -3.868  -4.648  4.298   1.00 8.21  ? 51  ALA A H    1 
ATOM   622  H  HA   . ALA A 1 56 ? -2.254  -5.748  6.293   1.00 6.62  ? 51  ALA A HA   1 
ATOM   623  H  HB1  . ALA A 1 56 ? -1.439  -3.404  6.571   1.00 6.79  ? 51  ALA A HB1  1 
ATOM   624  H  HB2  . ALA A 1 56 ? -1.556  -3.875  4.842   1.00 6.79  ? 51  ALA A HB2  1 
ATOM   625  H  HB3  . ALA A 1 56 ? -2.813  -2.821  5.571   1.00 6.79  ? 51  ALA A HB3  1 
ATOM   626  N  N    . LYS A 1 57 ? -4.733  -3.870  7.424   1.00 7.45  ? 52  LYS A N    1 
ATOM   627  C  CA   . LYS A 1 57 ? -5.511  -3.573  8.622   1.00 8.60  ? 52  LYS A CA   1 
ATOM   628  C  C    . LYS A 1 57 ? -6.134  -4.811  9.239   1.00 9.82  ? 52  LYS A C    1 
ATOM   629  O  O    . LYS A 1 57 ? -6.167  -4.956  10.458  1.00 10.39 ? 52  LYS A O    1 
ATOM   630  C  CB   . LYS A 1 57 ? -6.579  -2.522  8.318   1.00 9.14  ? 52  LYS A CB   1 
ATOM   631  C  CG   . LYS A 1 57 ? -5.963  -1.146  8.214   1.00 10.04 ? 52  LYS A CG   1 
ATOM   632  C  CD   . LYS A 1 57 ? -7.012  -0.047  8.116   1.00 18.51 ? 52  LYS A CD   1 
ATOM   633  C  CE   . LYS A 1 57 ? -7.432  0.167   6.688   1.00 26.63 ? 52  LYS A CE   1 
ATOM   634  N  NZ   . LYS A 1 57 ? -8.082  1.501   6.484   1.00 27.93 ? 52  LYS A NZ   1 
ATOM   635  H  H    . LYS A 1 57 ? -5.071  -3.432  6.592   1.00 8.88  ? 52  LYS A H    1 
ATOM   636  H  HA   . LYS A 1 57 ? -4.810  -3.170  9.367   1.00 10.27 ? 52  LYS A HA   1 
ATOM   637  H  HB2  . LYS A 1 57 ? -7.089  -2.772  7.376   1.00 10.91 ? 52  LYS A HB2  1 
ATOM   638  H  HB3  . LYS A 1 57 ? -7.342  -2.528  9.109   1.00 10.91 ? 52  LYS A HB3  1 
ATOM   639  H  HG2  . LYS A 1 57 ? -5.327  -0.964  9.093   1.00 12.00 ? 52  LYS A HG2  1 
ATOM   640  H  HG3  . LYS A 1 57 ? -5.310  -1.105  7.329   1.00 12.00 ? 52  LYS A HG3  1 
ATOM   641  H  HD2  . LYS A 1 57 ? -7.888  -0.316  8.724   1.00 22.15 ? 52  LYS A HD2  1 
ATOM   642  H  HD3  . LYS A 1 57 ? -6.609  0.890   8.529   1.00 22.15 ? 52  LYS A HD3  1 
ATOM   643  H  HE2  . LYS A 1 57 ? -6.553  0.086   6.032   1.00 31.90 ? 52  LYS A HE2  1 
ATOM   644  H  HE3  . LYS A 1 57 ? -8.131  -0.628  6.389   1.00 31.90 ? 52  LYS A HE3  1 
ATOM   645  H  HZ1  . LYS A 1 57 ? -7.384  2.182   6.264   1.00 33.47 ? 52  LYS A HZ1  1 
ATOM   646  H  HZ2  . LYS A 1 57 ? -8.738  1.441   5.731   1.00 33.47 ? 52  LYS A HZ2  1 
ATOM   647  H  HZ3  . LYS A 1 57 ? -8.690  1.697   7.253   1.00 33.47 ? 52  LYS A HZ3  1 
ATOM   648  N  N    . SER A 1 58 ? -6.623  -5.702  8.391   1.00 7.90  ? 53  SER A N    1 
ATOM   649  C  CA   . SER A 1 58 ? -7.279  -6.915  8.865   1.00 9.21  ? 53  SER A CA   1 
ATOM   650  C  C    . SER A 1 58 ? -6.252  -7.879  9.454   1.00 8.35  ? 53  SER A C    1 
ATOM   651  O  O    . SER A 1 58 ? -6.533  -8.567  10.442  1.00 9.01  ? 53  SER A O    1 
ATOM   652  C  CB   . SER A 1 58 ? -8.047  -7.598  7.732   1.00 10.53 ? 53  SER A CB   1 
ATOM   653  O  OG   . SER A 1 58 ? -8.998  -6.720  7.141   1.00 9.04  ? 53  SER A OG   1 
ATOM   654  H  H    . SER A 1 58 ? -6.581  -5.613  7.397   1.00 9.42  ? 53  SER A H    1 
ATOM   655  H  HA   . SER A 1 58 ? -7.996  -6.630  9.650   1.00 11.00 ? 53  SER A HA   1 
ATOM   656  H  HB2  . SER A 1 58 ? -7.339  -7.945  6.965   1.00 12.58 ? 53  SER A HB2  1 
ATOM   657  H  HB3  . SER A 1 58 ? -8.561  -8.489  8.122   1.00 12.58 ? 53  SER A HB3  1 
ATOM   658  H  HG   . SER A 1 58 ? -8.551  -6.171  6.435   1.00 10.79 ? 53  SER A HG   1 
ATOM   659  N  N    . ALA A 1 59 ? -5.073  -7.929  8.846   1.00 7.26  ? 54  ALA A N    1 
ATOM   660  C  CA   . ALA A 1 59 ? -4.003  -8.764  9.373   1.00 8.55  ? 54  ALA A CA   1 
ATOM   661  C  C    . ALA A 1 59 ? -3.467  -8.281  10.721  1.00 8.66  ? 54  ALA A C    1 
ATOM   662  O  O    . ALA A 1 59 ? -3.159  -9.092  11.583  1.00 10.48 ? 54  ALA A O    1 
ATOM   663  C  CB   . ALA A 1 59 ? -2.877  -8.895  8.358   1.00 7.13  ? 54  ALA A CB   1 
ATOM   664  H  H    . ALA A 1 59 ? -4.842  -7.419  8.017   1.00 8.66  ? 54  ALA A H    1 
ATOM   665  H  HA   . ALA A 1 59 ? -4.441  -9.756  9.554   1.00 10.21 ? 54  ALA A HA   1 
ATOM   666  H  HB1  . ALA A 1 59 ? -2.080  -9.528  8.775   1.00 8.51  ? 54  ALA A HB1  1 
ATOM   667  H  HB2  . ALA A 1 59 ? -3.265  -9.353  7.437   1.00 8.51  ? 54  ALA A HB2  1 
ATOM   668  H  HB3  . ALA A 1 59 ? -2.471  -7.899  8.129   1.00 8.51  ? 54  ALA A HB3  1 
ATOM   669  N  N    . ILE A 1 60 ? -3.344  -6.969  10.903  1.00 7.81  ? 55  ILE A N    1 
ATOM   670  C  CA   . ILE A 1 60 ? -2.976  -6.398  12.191  1.00 9.37  ? 55  ILE A CA   1 
ATOM   671  C  C    . ILE A 1 60 ? -4.042  -6.714  13.243  1.00 9.74  ? 55  ILE A C    1 
ATOM   672  O  O    . ILE A 1 60 ? -3.741  -7.137  14.363  1.00 12.52 ? 55  ILE A O    1 
ATOM   673  C  CB   . ILE A 1 60 ? -2.836  -4.875  12.070  1.00 10.03 ? 55  ILE A CB   1 
ATOM   674  C  CG1  . ILE A 1 60 ? -1.665  -4.536  11.143  1.00 8.95  ? 55  ILE A CG1  1 
ATOM   675  C  CG2  . ILE A 1 60 ? -2.666  -4.258  13.438  1.00 10.32 ? 55  ILE A CG2  1 
ATOM   676  C  CD1  . ILE A 1 60 ? -1.551  -3.053  10.798  1.00 8.04  ? 55  ILE A CD1  1 
ATOM   677  H  H    . ILE A 1 60 ? -3.494  -6.292  10.182  1.00 9.32  ? 55  ILE A H    1 
ATOM   678  H  HA   . ILE A 1 60 ? -2.017  -6.840  12.499  1.00 11.19 ? 55  ILE A HA   1 
ATOM   679  H  HB   . ILE A 1 60 ? -3.751  -4.453  11.629  1.00 11.98 ? 55  ILE A HB   1 
ATOM   680  H  HG12 . ILE A 1 60 ? -0.728  -4.863  11.618  1.00 10.68 ? 55  ILE A HG12 1 
ATOM   681  H  HG13 . ILE A 1 60 ? -1.771  -5.110  10.211  1.00 10.68 ? 55  ILE A HG13 1 
ATOM   682  H  HG21 . ILE A 1 60 ? -2.567  -3.167  13.339  1.00 12.33 ? 55  ILE A HG21 1 
ATOM   683  H  HG22 . ILE A 1 60 ? -3.544  -4.491  14.058  1.00 12.33 ? 55  ILE A HG22 1 
ATOM   684  H  HG23 . ILE A 1 60 ? -1.763  -4.666  13.915  1.00 12.33 ? 55  ILE A HG23 1 
ATOM   685  H  HD11 . ILE A 1 60 ? -0.690  -2.896  10.132  1.00 9.60  ? 55  ILE A HD11 1 
ATOM   686  H  HD12 . ILE A 1 60 ? -2.470  -2.722  10.292  1.00 9.60  ? 55  ILE A HD12 1 
ATOM   687  H  HD13 . ILE A 1 60 ? -1.411  -2.471  11.721  1.00 9.60  ? 55  ILE A HD13 1 
ATOM   688  N  N    . ARG A 1 61 ? -5.297  -6.505  12.876  1.00 8.77  ? 56  ARG A N    1 
ATOM   689  C  CA   . ARG A 1 61 ? -6.380  -6.734  13.814  1.00 10.48 ? 56  ARG A CA   1 
ATOM   690  C  C    . ARG A 1 61 ? -6.402  -8.179  14.341  1.00 8.79  ? 56  ARG A C    1 
ATOM   691  O  O    . ARG A 1 61 ? -6.755  -8.416  15.502  1.00 12.35 ? 56  ARG A O    1 
ATOM   692  C  CB   . ARG A 1 61 ? -7.722  -6.346  13.181  1.00 14.43 ? 56  ARG A CB   1 
ATOM   693  C  CG   . ARG A 1 61 ? -8.892  -6.350  14.155  1.00 17.25 ? 56  ARG A CG   1 
ATOM   694  C  CD   . ARG A 1 61 ? -10.160 -5.845  13.479  1.00 29.04 ? 56  ARG A CD   1 
ATOM   695  N  NE   . ARG A 1 61 ? -10.170 -4.392  13.329  1.00 23.84 ? 56  ARG A NE   1 
ATOM   696  C  CZ   . ARG A 1 61 ? -11.153 -3.714  12.746  1.00 24.00 ? 56  ARG A CZ   1 
ATOM   697  N  NH1  . ARG A 1 61 ? -12.198 -4.367  12.252  1.00 26.52 ? 56  ARG A NH1  1 
ATOM   698  N  NH2  . ARG A 1 61 ? -11.089 -2.389  12.650  1.00 24.77 ? 56  ARG A NH2  1 
ATOM   699  H  H    . ARG A 1 61 ? -5.580  -6.190  11.969  1.00 10.47 ? 56  ARG A H    1 
ATOM   700  H  HA   . ARG A 1 61 ? -6.206  -6.089  14.688  1.00 12.52 ? 56  ARG A HA   1 
ATOM   701  H  HB2  . ARG A 1 61 ? -7.631  -5.343  12.739  1.00 17.27 ? 56  ARG A HB2  1 
ATOM   702  H  HB3  . ARG A 1 61 ? -7.942  -7.042  12.357  1.00 17.27 ? 56  ARG A HB3  1 
ATOM   703  H  HG2  . ARG A 1 61 ? -9.056  -7.370  14.536  1.00 20.65 ? 56  ARG A HG2  1 
ATOM   704  H  HG3  . ARG A 1 61 ? -8.655  -5.717  15.023  1.00 20.65 ? 56  ARG A HG3  1 
ATOM   705  H  HD2  . ARG A 1 61 ? -10.256 -6.313  12.489  1.00 34.80 ? 56  ARG A HD2  1 
ATOM   706  H  HD3  . ARG A 1 61 ? -11.036 -6.155  14.069  1.00 34.80 ? 56  ARG A HD3  1 
ATOM   707  H  HE   . ARG A 1 61 ? -9.390  -3.877  13.685  1.00 28.56 ? 56  ARG A HE   1 
ATOM   708  H  HH11 . ARG A 1 61 ? -12.242 -5.363  12.319  1.00 31.77 ? 56  ARG A HH11 1 
ATOM   709  H  HH12 . ARG A 1 61 ? -12.942 -3.862  11.812  1.00 31.77 ? 56  ARG A HH12 1 
ATOM   710  H  HH21 . ARG A 1 61 ? -10.298 -1.899  13.017  1.00 29.67 ? 56  ARG A HH21 1 
ATOM   711  H  HH22 . ARG A 1 61 ? -11.831 -1.883  12.211  1.00 29.67 ? 56  ARG A HH22 1 
ATOM   712  N  N    . THR A 1 62 ? -5.974  -9.130  13.522  1.00 12.70 ? 57  THR A N    1 
ATOM   713  C  CA   . THR A 1 62 ? -6.048  -10.534 13.913  1.00 12.32 ? 57  THR A CA   1 
ATOM   714  C  C    . THR A 1 62 ? -4.665  -11.076 14.273  1.00 11.22 ? 57  THR A C    1 
ATOM   715  O  O    . THR A 1 62 ? -4.503  -12.267 14.578  1.00 13.78 ? 57  THR A O    1 
ATOM   716  C  CB   . THR A 1 62 ? -6.637  -11.374 12.774  1.00 10.77 ? 57  THR A CB   1 
ATOM   717  O  OG1  . THR A 1 62 ? -5.885  -11.127 11.582  1.00 11.23 ? 57  THR A OG1  1 
ATOM   718  C  CG2  . THR A 1 62 ? -8.084  -10.990 12.523  1.00 15.68 ? 57  THR A CG2  1 
ATOM   719  H  H    . THR A 1 62 ? -5.586  -8.966  12.616  1.00 15.19 ? 57  THR A H    1 
ATOM   720  H  HA   . THR A 1 62 ? -6.700  -10.601 14.796  1.00 14.74 ? 57  THR A HA   1 
ATOM   721  H  HB   . THR A 1 62 ? -6.590  -12.436 13.052  1.00 12.87 ? 57  THR A HB   1 
ATOM   722  H  HG1  . THR A 1 62 ? -6.157  -10.246 11.192  1.00 13.42 ? 57  THR A HG1  1 
ATOM   723  H  HG21 . THR A 1 62 ? -8.490  -11.602 11.704  1.00 18.77 ? 57  THR A HG21 1 
ATOM   724  H  HG22 . THR A 1 62 ? -8.673  -11.162 13.436  1.00 18.77 ? 57  THR A HG22 1 
ATOM   725  H  HG23 . THR A 1 62 ? -8.139  -9.926  12.249  1.00 18.77 ? 57  THR A HG23 1 
ATOM   726  N  N    . LYS A 1 63 ? -3.672  -10.191 14.241  1.00 10.73 ? 58  LYS A N    1 
ATOM   727  C  CA   . LYS A 1 63 ? -2.301  -10.577 14.552  1.00 13.09 ? 58  LYS A CA   1 
ATOM   728  C  C    . LYS A 1 63 ? -1.815  -11.765 13.717  1.00 10.00 ? 58  LYS A C    1 
ATOM   729  O  O    . LYS A 1 63 ? -1.090  -12.624 14.196  1.00 13.43 ? 58  LYS A O    1 
ATOM   730  C  CB   . LYS A 1 63 ? -2.156  -10.859 16.051  1.00 13.31 ? 58  LYS A CB   1 
ATOM   731  C  CG   . LYS A 1 63 ? -2.277  -9.620  16.924  1.00 21.75 ? 58  LYS A CG   1 
ATOM   732  C  CD   . LYS A 1 63 ? -2.539  -9.989  18.384  1.00 33.94 ? 58  LYS A CD   1 
ATOM   733  C  CE   . LYS A 1 63 ? -1.525  -11.006 18.902  1.00 48.84 ? 58  LYS A CE   1 
ATOM   734  N  NZ   . LYS A 1 63 ? -1.815  -11.453 20.299  1.00 53.68 ? 58  LYS A NZ   1 
ATOM   735  H  H    . LYS A 1 63 ? -3.789  -9.225  14.008  1.00 12.83 ? 58  LYS A H    1 
ATOM   736  H  HA   . LYS A 1 63 ? -1.655  -9.728  14.285  1.00 15.65 ? 58  LYS A HA   1 
ATOM   737  H  HB2  . LYS A 1 63 ? -2.926  -11.585 16.353  1.00 15.92 ? 58  LYS A HB2  1 
ATOM   738  H  HB3  . LYS A 1 63 ? -1.180  -11.331 16.233  1.00 15.92 ? 58  LYS A HB3  1 
ATOM   739  H  HG2  . LYS A 1 63 ? -1.352  -9.028  16.854  1.00 26.05 ? 58  LYS A HG2  1 
ATOM   740  H  HG3  . LYS A 1 63 ? -3.094  -8.985  16.552  1.00 26.05 ? 58  LYS A HG3  1 
ATOM   741  H  HD2  . LYS A 1 63 ? -2.499  -9.081  19.005  1.00 40.68 ? 58  LYS A HD2  1 
ATOM   742  H  HD3  . LYS A 1 63 ? -3.555  -10.401 18.482  1.00 40.68 ? 58  LYS A HD3  1 
ATOM   743  H  HE2  . LYS A 1 63 ? -1.517  -11.881 18.235  1.00 58.56 ? 58  LYS A HE2  1 
ATOM   744  H  HE3  . LYS A 1 63 ? -0.518  -10.564 18.864  1.00 58.56 ? 58  LYS A HE3  1 
ATOM   745  H  HZ1  . LYS A 1 63 ? -1.124  -12.116 20.588  1.00 64.37 ? 58  LYS A HZ1  1 
ATOM   746  H  HZ2  . LYS A 1 63 ? -1.797  -10.664 20.913  1.00 64.37 ? 58  LYS A HZ2  1 
ATOM   747  H  HZ3  . LYS A 1 63 ? -2.719  -11.879 20.332  1.00 64.37 ? 58  LYS A HZ3  1 
ATOM   748  N  N    . ASN A 1 64 ? -2.212  -11.800 12.454  1.00 7.91  ? 59  ASN A N    1 
ATOM   749  C  CA   . ASN A 1 64 ? -1.778  -12.842 11.534  1.00 8.55  ? 59  ASN A CA   1 
ATOM   750  C  C    . ASN A 1 64 ? -0.405  -12.516 10.961  1.00 10.01 ? 59  ASN A C    1 
ATOM   751  O  O    . ASN A 1 64 ? -0.281  -11.645 10.113  1.00 9.87  ? 59  ASN A O    1 
ATOM   752  C  CB   . ASN A 1 64 ? -2.812  -12.998 10.422  1.00 8.59  ? 59  ASN A CB   1 
ATOM   753  C  CG   . ASN A 1 64 ? -2.571  -14.224 9.584   1.00 7.79  ? 59  ASN A CG   1 
ATOM   754  O  OD1  . ASN A 1 64 ? -1.447  -14.476 9.154   1.00 9.39  ? 59  ASN A OD1  1 
ATOM   755  N  ND2  . ASN A 1 64 ? -3.630  -15.008 9.347   1.00 9.67  ? 59  ASN A ND2  1 
ATOM   756  H  H    . ASN A 1 64 ? -2.827  -11.125 12.047  1.00 9.45  ? 59  ASN A H    1 
ATOM   757  H  HA   . ASN A 1 64 ? -1.693  -13.793 12.079  1.00 10.20 ? 59  ASN A HA   1 
ATOM   758  H  HB2  . ASN A 1 64 ? -3.817  -13.052 10.864  1.00 10.25 ? 59  ASN A HB2  1 
ATOM   759  H  HB3  . ASN A 1 64 ? -2.791  -12.107 9.777   1.00 10.25 ? 59  ASN A HB3  1 
ATOM   760  H  HD21 . ASN A 1 64 ? -3.525  -15.838 8.800   1.00 11.56 ? 59  ASN A HD21 1 
ATOM   761  H  HD22 . ASN A 1 64 ? -4.526  -14.763 9.718   1.00 11.56 ? 59  ASN A HD22 1 
ATOM   762  N  N    . LEU A 1 65 ? 0.638   -13.202 11.425  1.00 10.06 ? 60  LEU A N    1 
ATOM   763  C  CA   . LEU A 1 65 ? 1.998   -12.793 11.070  1.00 10.80 ? 60  LEU A CA   1 
ATOM   764  C  C    . LEU A 1 65 ? 2.282   -12.933 9.569   1.00 7.35  ? 60  LEU A C    1 
ATOM   765  O  O    . LEU A 1 65 ? 2.879   -12.042 8.967   1.00 9.09  ? 60  LEU A O    1 
ATOM   766  C  CB   . LEU A 1 65 ? 3.050   -13.566 11.884  1.00 8.08  ? 60  LEU A CB   1 
ATOM   767  C  CG   . LEU A 1 65 ? 4.516   -13.250 11.595  1.00 14.18 ? 60  LEU A CG   1 
ATOM   768  C  CD1  . LEU A 1 65 ? 4.823   -11.784 11.894  1.00 11.34 ? 60  LEU A CD1  1 
ATOM   769  C  CD2  . LEU A 1 65 ? 5.409   -14.162 12.438  1.00 12.91 ? 60  LEU A CD2  1 
ATOM   770  H  H    . LEU A 1 65 ? 0.575   -14.005 12.018  1.00 12.02 ? 60  LEU A H    1 
ATOM   771  H  HA   . LEU A 1 65 ? 2.073   -11.725 11.322  1.00 12.91 ? 60  LEU A HA   1 
ATOM   772  H  HB2  . LEU A 1 65 ? 2.863   -13.378 12.952  1.00 9.64  ? 60  LEU A HB2  1 
ATOM   773  H  HB3  . LEU A 1 65 ? 2.891   -14.641 11.715  1.00 9.64  ? 60  LEU A HB3  1 
ATOM   774  H  HG   . LEU A 1 65 ? 4.715   -13.428 10.528  1.00 16.96 ? 60  LEU A HG   1 
ATOM   775  H  HD11 . LEU A 1 65 ? 5.882   -11.579 11.679  1.00 13.56 ? 60  LEU A HD11 1 
ATOM   776  H  HD12 . LEU A 1 65 ? 4.191   -11.140 11.265  1.00 13.56 ? 60  LEU A HD12 1 
ATOM   777  H  HD13 . LEU A 1 65 ? 4.617   -11.575 12.954  1.00 13.56 ? 60  LEU A HD13 1 
ATOM   778  H  HD21 . LEU A 1 65 ? 6.465   -13.935 12.232  1.00 15.44 ? 60  LEU A HD21 1 
ATOM   779  H  HD22 . LEU A 1 65 ? 5.202   -13.995 13.505  1.00 15.44 ? 60  LEU A HD22 1 
ATOM   780  H  HD23 . LEU A 1 65 ? 5.204   -15.213 12.185  1.00 15.44 ? 60  LEU A HD23 1 
ATOM   781  N  N    . ASP A 1 66 ? 1.873   -14.050 8.974   1.00 8.23  ? 61  ASP A N    1 
ATOM   782  C  CA   . ASP A 1 66 ? 2.180   -14.311 7.567   1.00 9.76  ? 61  ASP A CA   1 
ATOM   783  C  C    . ASP A 1 66 ? 1.518   -13.242 6.700   1.00 10.89 ? 61  ASP A C    1 
ATOM   784  O  O    . ASP A 1 66 ? 2.108   -12.748 5.733   1.00 11.10 ? 61  ASP A O    1 
ATOM   785  C  CB   . ASP A 1 66 ? 1.731   -15.715 7.146   1.00 12.78 ? 61  ASP A CB   1 
ATOM   786  C  CG   . ASP A 1 66 ? 2.678   -16.804 7.629   1.00 14.45 ? 61  ASP A CG   1 
ATOM   787  O  OD1  . ASP A 1 66 ? 3.800   -16.494 8.066   1.00 12.53 ? 61  ASP A OD1  1 
ATOM   788  O  OD2  . ASP A 1 66 ? 2.290   -17.981 7.569   1.00 15.95 ? 61  ASP A OD2  1 
ATOM   789  H  H    . ASP A 1 66 ? 1.345   -14.769 9.427   1.00 9.83  ? 61  ASP A H    1 
ATOM   790  H  HA   . ASP A 1 66 ? 3.270   -14.268 7.428   1.00 11.66 ? 61  ASP A HA   1 
ATOM   791  H  HB2  . ASP A 1 66 ? 0.723   -15.908 7.543   1.00 15.28 ? 61  ASP A HB2  1 
ATOM   792  H  HB3  . ASP A 1 66 ? 1.658   -15.758 6.048   1.00 15.28 ? 61  ASP A HB3  1 
ATOM   793  N  N    . GLN A 1 67 ? 0.291   -12.890 7.047   1.00 6.93  ? 62  GLN A N    1 
ATOM   794  C  CA   . GLN A 1 67 ? -0.428  -11.875 6.285   1.00 7.05  ? 62  GLN A CA   1 
ATOM   795  C  C    . GLN A 1 67 ? 0.099   -10.469 6.528   1.00 8.48  ? 62  GLN A C    1 
ATOM   796  O  O    . GLN A 1 67 ? 0.191   -9.662  5.594   1.00 9.39  ? 62  GLN A O    1 
ATOM   797  C  CB   . GLN A 1 67 ? -1.917  -11.966 6.576   1.00 8.60  ? 62  GLN A CB   1 
ATOM   798  C  CG   . GLN A 1 67 ? -2.536  -13.176 5.928   1.00 10.40 ? 62  GLN A CG   1 
ATOM   799  C  CD   . GLN A 1 67 ? -2.699  -12.989 4.433   1.00 10.79 ? 62  GLN A CD   1 
ATOM   800  O  OE1  . GLN A 1 67 ? -3.133  -11.930 3.978   1.00 13.65 ? 62  GLN A OE1  1 
ATOM   801  N  NE2  . GLN A 1 67 ? -2.346  -14.004 3.658   1.00 9.50  ? 62  GLN A NE2  1 
ATOM   802  H  H    . GLN A 1 67 ? -0.214  -13.275 7.820   1.00 8.26  ? 62  GLN A H    1 
ATOM   803  H  HA   . GLN A 1 67 ? -0.258  -12.081 5.218   1.00 8.40  ? 62  GLN A HA   1 
ATOM   804  H  HB2  . GLN A 1 67 ? -2.078  -12.009 7.664   1.00 10.26 ? 62  GLN A HB2  1 
ATOM   805  H  HB3  . GLN A 1 67 ? -2.419  -11.057 6.212   1.00 10.26 ? 62  GLN A HB3  1 
ATOM   806  H  HG2  . GLN A 1 67 ? -1.908  -14.059 6.121   1.00 12.43 ? 62  GLN A HG2  1 
ATOM   807  H  HG3  . GLN A 1 67 ? -3.519  -13.375 6.382   1.00 12.43 ? 62  GLN A HG3  1 
ATOM   808  H  HE21 . GLN A 1 67 ? -2.428  -13.926 2.664   1.00 11.35 ? 62  GLN A HE21 1 
ATOM   809  H  HE22 . GLN A 1 67 ? -1.999  -14.848 4.067   1.00 11.35 ? 62  GLN A HE22 1 
ATOM   810  N  N    . MET A 1 68 ? 0.457   -10.173 7.770   1.00 7.26  ? 63  MET A N    1 
ATOM   811  C  CA   . MET A 1 68 ? 1.117   -8.910  8.059   1.00 6.92  ? 63  MET A CA   1 
ATOM   812  C  C    . MET A 1 68 ? 2.419   -8.788  7.282   1.00 9.25  ? 63  MET A C    1 
ATOM   813  O  O    . MET A 1 68 ? 2.717   -7.732  6.746   1.00 9.10  ? 63  MET A O    1 
ATOM   814  C  CB   . MET A 1 68 ? 1.379   -8.757  9.553   1.00 7.31  ? 63  MET A CB   1 
ATOM   815  C  CG   . MET A 1 68 ? 0.141   -8.417  10.352  1.00 8.12  ? 63  MET A CG   1 
ATOM   816  S  SD   . MET A 1 68 ? 0.586   -7.970  12.038  1.00 15.10 ? 63  MET A SD   1 
ATOM   817  C  CE   . MET A 1 68 ? 1.026   -9.569  12.674  1.00 16.83 ? 63  MET A CE   1 
ATOM   818  H  H    . MET A 1 68 ? 0.309   -10.765 8.562   1.00 8.66  ? 63  MET A H    1 
ATOM   819  H  HA   . MET A 1 68 ? 0.442   -8.102  7.740   1.00 8.25  ? 63  MET A HA   1 
ATOM   820  H  HB2  . MET A 1 68 ? 1.808   -9.693  9.940   1.00 8.72  ? 63  MET A HB2  1 
ATOM   821  H  HB3  . MET A 1 68 ? 2.132   -7.970  9.706   1.00 8.72  ? 63  MET A HB3  1 
ATOM   822  H  HG2  . MET A 1 68 ? -0.395  -7.584  9.874   1.00 9.69  ? 63  MET A HG2  1 
ATOM   823  H  HG3  . MET A 1 68 ? -0.544  -9.277  10.363  1.00 9.69  ? 63  MET A HG3  1 
ATOM   824  H  HE1  . MET A 1 68 ? 0.897   -9.577  13.767  1.00 20.15 ? 63  MET A HE1  1 
ATOM   825  H  HE2  . MET A 1 68 ? 0.378   -10.335 12.223  1.00 20.15 ? 63  MET A HE2  1 
ATOM   826  H  HE3  . MET A 1 68 ? 2.076   -9.785  12.428  1.00 20.15 ? 63  MET A HE3  1 
ATOM   827  N  N    . THR A 1 69 ? 3.205   -9.861  7.239   1.00 9.43  ? 64  THR A N    1 
ATOM   828  C  CA   . THR A 1 69 ? 4.456   -9.862  6.478   1.00 9.94  ? 64  THR A CA   1 
ATOM   829  C  C    . THR A 1 69 ? 4.238   -9.693  4.976   1.00 11.51 ? 64  THR A C    1 
ATOM   830  O  O    . THR A 1 69 ? 4.941   -8.907  4.322   1.00 12.39 ? 64  THR A O    1 
ATOM   831  C  CB   . THR A 1 69 ? 5.279   -11.130 6.775   1.00 12.87 ? 64  THR A CB   1 
ATOM   832  O  OG1  . THR A 1 69 ? 5.630   -11.121 8.162   1.00 12.36 ? 64  THR A OG1  1 
ATOM   833  C  CG2  . THR A 1 69 ? 6.552   -11.152 5.957   1.00 17.88 ? 64  THR A CG2  1 
ATOM   834  H  H    . THR A 1 69 ? 3.005   -10.721 7.709   1.00 11.26 ? 64  THR A H    1 
ATOM   835  H  HA   . THR A 1 69 ? 5.028   -8.984  6.813   1.00 11.87 ? 64  THR A HA   1 
ATOM   836  H  HB   . THR A 1 69 ? 4.680   -12.016 6.517   1.00 15.39 ? 64  THR A HB   1 
ATOM   837  H  HG1  . THR A 1 69 ? 4.846   -11.421 8.706   1.00 14.77 ? 64  THR A HG1  1 
ATOM   838  H  HG21 . THR A 1 69 ? 7.121   -12.066 6.187   1.00 21.40 ? 64  THR A HG21 1 
ATOM   839  H  HG22 . THR A 1 69 ? 6.302   -11.137 4.886   1.00 21.40 ? 64  THR A HG22 1 
ATOM   840  H  HG23 . THR A 1 69 ? 7.162   -10.271 6.203   1.00 21.40 ? 64  THR A HG23 1 
ATOM   841  N  N    . LYS A 1 70 ? 3.264   -10.413 4.428   1.00 9.68  ? 65  LYS A N    1 
ATOM   842  C  CA   . LYS A 1 70 ? 2.907   -10.268 3.025   1.00 10.60 ? 65  LYS A CA   1 
ATOM   843  C  C    . LYS A 1 70 ? 2.418   -8.857  2.727   1.00 9.39  ? 65  LYS A C    1 
ATOM   844  O  O    . LYS A 1 70 ? 2.742   -8.290  1.684   1.00 10.66 ? 65  LYS A O    1 
ATOM   845  C  CB   . LYS A 1 70 ? 1.825   -11.270 2.628   1.00 15.29 ? 65  LYS A CB   1 
ATOM   846  C  CG   . LYS A 1 70 ? 1.346   -11.107 1.189   1.00 21.78 ? 65  LYS A CG   1 
ATOM   847  C  CD   . LYS A 1 70 ? -0.089  -11.582 1.002   1.00 27.46 ? 65  LYS A CD   1 
ATOM   848  C  CE   . LYS A 1 70 ? -0.785  -10.872 -0.170  1.00 37.12 ? 65  LYS A CE   1 
ATOM   849  N  NZ   . LYS A 1 70 ? -1.356  -9.520  0.174   1.00 29.14 ? 65  LYS A NZ   1 
ATOM   850  H  H    . LYS A 1 70 ? 2.720   -11.089 4.925   1.00 11.57 ? 65  LYS A H    1 
ATOM   851  H  HA   . LYS A 1 70 ? 3.815   -10.466 2.435   1.00 12.67 ? 65  LYS A HA   1 
ATOM   852  H  HB2  . LYS A 1 70 ? 2.214   -12.290 2.763   1.00 18.30 ? 65  LYS A HB2  1 
ATOM   853  H  HB3  . LYS A 1 70 ? 0.968   -11.160 3.307   1.00 18.30 ? 65  LYS A HB3  1 
ATOM   854  H  HG2  . LYS A 1 70 ? 1.420   -10.048 0.897   1.00 26.08 ? 65  LYS A HG2  1 
ATOM   855  H  HG3  . LYS A 1 70 ? 2.008   -11.673 0.517   1.00 26.08 ? 65  LYS A HG3  1 
ATOM   856  H  HD2  . LYS A 1 70 ? -0.095  -12.668 0.827   1.00 32.90 ? 65  LYS A HD2  1 
ATOM   857  H  HD3  . LYS A 1 70 ? -0.657  -11.403 1.927   1.00 32.90 ? 65  LYS A HD3  1 
ATOM   858  H  HE2  . LYS A 1 70 ? -0.064  -10.754 -0.992  1.00 44.49 ? 65  LYS A HE2  1 
ATOM   859  H  HE3  . LYS A 1 70 ? -1.596  -11.515 -0.543  1.00 44.49 ? 65  LYS A HE3  1 
ATOM   860  H  HZ1  . LYS A 1 70 ? -0.764  -8.804  -0.196  1.00 34.91 ? 65  LYS A HZ1  1 
ATOM   861  H  HZ2  . LYS A 1 70 ? -2.270  -9.434  -0.222  1.00 34.91 ? 65  LYS A HZ2  1 
ATOM   862  H  HZ3  . LYS A 1 70 ? -0.962  -9.201  1.036   1.00 34.91 ? 65  LYS A HZ3  1 
ATOM   863  N  N    . ALA A 1 71 ? 1.636   -8.293  3.642   1.00 9.86  ? 66  ALA A N    1 
ATOM   864  C  CA   . ALA A 1 71 ? 1.034   -6.984  3.440   1.00 9.38  ? 66  ALA A CA   1 
ATOM   865  C  C    . ALA A 1 71 ? 2.094   -5.900  3.404   1.00 10.39 ? 66  ALA A C    1 
ATOM   866  O  O    . ALA A 1 71 ? 1.973   -4.939  2.662   1.00 10.62 ? 66  ALA A O    1 
ATOM   867  C  CB   . ALA A 1 71 ? 0.031   -6.685  4.538   1.00 11.17 ? 66  ALA A CB   1 
ATOM   868  H  H    . ALA A 1 71 ? 1.409   -8.719  4.519   1.00 11.78 ? 66  ALA A H    1 
ATOM   869  H  HA   . ALA A 1 71 ? 0.512   -6.998  2.472   1.00 11.20 ? 66  ALA A HA   1 
ATOM   870  H  HB1  . ALA A 1 71 ? -0.414  -5.693  4.371   1.00 13.35 ? 66  ALA A HB1  1 
ATOM   871  H  HB2  . ALA A 1 71 ? -0.762  -7.448  4.530   1.00 13.35 ? 66  ALA A HB2  1 
ATOM   872  H  HB3  . ALA A 1 71 ? 0.539   -6.697  5.514   1.00 13.35 ? 66  ALA A HB3  1 
ATOM   873  N  N    . LYS A 1 72 ? 3.117   -6.054  4.236   1.00 8.61  ? 67  LYS A N    1 
ATOM   874  C  CA   . LYS A 1 72 ? 4.226   -5.115  4.272   1.00 11.07 ? 67  LYS A CA   1 
ATOM   875  C  C    . LYS A 1 72 ? 5.015   -5.133  2.970   1.00 11.64 ? 67  LYS A C    1 
ATOM   876  O  O    . LYS A 1 72 ? 5.336   -4.077  2.431   1.00 11.88 ? 67  LYS A O    1 
ATOM   877  C  CB   . LYS A 1 72 ? 5.168   -5.408  5.444   1.00 8.31  ? 67  LYS A CB   1 
ATOM   878  C  CG   . LYS A 1 72 ? 6.313   -4.399  5.535   1.00 14.57 ? 67  LYS A CG   1 
ATOM   879  C  CD   . LYS A 1 72 ? 7.614   -5.021  6.024   1.00 26.51 ? 67  LYS A CD   1 
ATOM   880  C  CE   . LYS A 1 72 ? 8.032   -6.186  5.136   1.00 29.28 ? 67  LYS A CE   1 
ATOM   881  N  NZ   . LYS A 1 72 ? 9.426   -6.662  5.399   1.00 25.26 ? 67  LYS A NZ   1 
ATOM   882  H  H    . LYS A 1 72 ? 3.197   -6.811  4.884   1.00 10.28 ? 67  LYS A H    1 
ATOM   883  H  HA   . LYS A 1 72 ? 3.789   -4.114  4.407   1.00 13.23 ? 67  LYS A HA   1 
ATOM   884  H  HB2  . LYS A 1 72 ? 4.596   -5.396  6.382   1.00 9.91  ? 67  LYS A HB2  1 
ATOM   885  H  HB3  . LYS A 1 72 ? 5.583   -6.420  5.333   1.00 9.91  ? 67  LYS A HB3  1 
ATOM   886  H  HG2  . LYS A 1 72 ? 6.478   -3.949  4.545   1.00 17.43 ? 67  LYS A HG2  1 
ATOM   887  H  HG3  . LYS A 1 72 ? 6.024   -3.585  6.216   1.00 17.43 ? 67  LYS A HG3  1 
ATOM   888  H  HD2  . LYS A 1 72 ? 8.408   -4.259  6.035   1.00 31.76 ? 67  LYS A HD2  1 
ATOM   889  H  HD3  . LYS A 1 72 ? 7.491   -5.371  7.060   1.00 31.76 ? 67  LYS A HD3  1 
ATOM   890  H  HE2  . LYS A 1 72 ? 7.332   -7.021  5.286   1.00 35.09 ? 67  LYS A HE2  1 
ATOM   891  H  HE3  . LYS A 1 72 ? 7.949   -5.882  4.082   1.00 35.09 ? 67  LYS A HE3  1 
ATOM   892  H  HZ1  . LYS A 1 72 ? 9.693   -7.321  4.696   1.00 30.26 ? 67  LYS A HZ1  1 
ATOM   893  H  HZ2  . LYS A 1 72 ? 10.053  -5.884  5.382   1.00 30.26 ? 67  LYS A HZ2  1 
ATOM   894  H  HZ3  . LYS A 1 72 ? 9.465   -7.100  6.298   1.00 30.26 ? 67  LYS A HZ3  1 
ATOM   895  N  N    . GLN A 1 73 ? 5.332   -6.325  2.478   1.00 10.23 ? 68  GLN A N    1 
ATOM   896  C  CA   . GLN A 1 73 ? 6.075   -6.458  1.233   1.00 13.04 ? 68  GLN A CA   1 
ATOM   897  C  C    . GLN A 1 73 ? 5.272   -5.869  0.080   1.00 10.79 ? 68  GLN A C    1 
ATOM   898  O  O    . GLN A 1 73 ? 5.821   -5.208  -0.800  1.00 12.40 ? 68  GLN A O    1 
ATOM   899  C  CB   . GLN A 1 73 ? 6.389   -7.929  0.953   1.00 11.84 ? 68  GLN A CB   1 
ATOM   900  C  CG   . GLN A 1 73 ? 7.530   -8.489  1.787   1.00 25.39 ? 68  GLN A CG   1 
ATOM   901  C  CD   . GLN A 1 73 ? 7.466   -9.997  1.925   1.00 25.81 ? 68  GLN A CD   1 
ATOM   902  O  OE1  . GLN A 1 73 ? 6.622   -10.653 1.313   1.00 33.41 ? 68  GLN A OE1  1 
ATOM   903  N  NE2  . GLN A 1 73 ? 8.360   -10.557 2.732   1.00 34.13 ? 68  GLN A NE2  1 
ATOM   904  H  H    . GLN A 1 73 ? 5.127   -7.074  2.847   1.00 12.22 ? 68  GLN A H    1 
ATOM   905  H  HA   . GLN A 1 73 ? 6.921   -5.969  1.303   1.00 15.59 ? 68  GLN A HA   1 
ATOM   906  H  HB2  . GLN A 1 73 ? 5.485   -8.527  1.140   1.00 14.15 ? 68  GLN A HB2  1 
ATOM   907  H  HB3  . GLN A 1 73 ? 6.636   -8.044  -0.112  1.00 14.15 ? 68  GLN A HB3  1 
ATOM   908  H  HG2  . GLN A 1 73 ? 8.488   -8.208  1.326   1.00 30.41 ? 68  GLN A HG2  1 
ATOM   909  H  HG3  . GLN A 1 73 ? 7.506   -8.032  2.787   1.00 30.41 ? 68  GLN A HG3  1 
ATOM   910  H  HE21 . GLN A 1 73 ? 8.365   -11.549 2.862   1.00 40.91 ? 68  GLN A HE21 1 
ATOM   911  H  HE22 . GLN A 1 73 ? 9.028   -9.986  3.211   1.00 40.91 ? 68  GLN A HE22 1 
ATOM   912  N  N    . ARG A 1 74 ? 3.966   -6.116  0.096   1.00 10.24 ? 69  ARG A N    1 
ATOM   913  C  CA   . ARG A 1 74 ? 3.075   -5.616  -0.949  1.00 9.58  ? 69  ARG A CA   1 
ATOM   914  C  C    . ARG A 1 74 ? 3.026   -4.096  -0.942  1.00 11.71 ? 69  ARG A C    1 
ATOM   915  O  O    . ARG A 1 74 ? 3.166   -3.453  -1.987  1.00 11.02 ? 69  ARG A O    1 
ATOM   916  C  CB   . ARG A 1 74 ? 1.674   -6.200  -0.757  1.00 11.29 ? 69  ARG A CB   1 
ATOM   917  C  CG   . ARG A 1 74 ? 0.647   -5.702  -1.758  1.00 13.78 ? 69  ARG A CG   1 
ATOM   918  C  CD   . ARG A 1 74 ? 1.038   -6.083  -3.172  1.00 23.57 ? 69  ARG A CD   1 
ATOM   919  N  NE   . ARG A 1 74 ? 0.041   -5.642  -4.145  1.00 30.05 ? 69  ARG A NE   1 
ATOM   920  C  CZ   . ARG A 1 74 ? 0.247   -5.619  -5.455  1.00 30.64 ? 69  ARG A CZ   1 
ATOM   921  N  NH1  . ARG A 1 74 ? 1.418   -6.010  -5.946  1.00 35.50 ? 69  ARG A NH1  1 
ATOM   922  N  NH2  . ARG A 1 74 ? -0.711  -5.205  -6.269  1.00 35.37 ? 69  ARG A NH2  1 
ATOM   923  H  H    . ARG A 1 74 ? 3.508   -6.660  0.799   1.00 12.24 ? 69  ARG A H    1 
ATOM   924  H  HA   . ARG A 1 74 ? 3.467   -5.936  -1.926  1.00 11.44 ? 69  ARG A HA   1 
ATOM   925  H  HB2  . ARG A 1 74 ? 1.734   -7.296  -0.826  1.00 13.50 ? 69  ARG A HB2  1 
ATOM   926  H  HB3  . ARG A 1 74 ? 1.326   -5.960  0.258   1.00 13.50 ? 69  ARG A HB3  1 
ATOM   927  H  HG2  . ARG A 1 74 ? -0.340  -6.126  -1.518  1.00 16.48 ? 69  ARG A HG2  1 
ATOM   928  H  HG3  . ARG A 1 74 ? 0.554   -4.608  -1.680  1.00 16.48 ? 69  ARG A HG3  1 
ATOM   929  H  HD2  . ARG A 1 74 ? 2.012   -5.636  -3.417  1.00 28.23 ? 69  ARG A HD2  1 
ATOM   930  H  HD3  . ARG A 1 74 ? 1.158   -7.174  -3.239  1.00 28.23 ? 69  ARG A HD3  1 
ATOM   931  H  HE   . ARG A 1 74 ? -0.848  -5.339  -3.804  1.00 36.00 ? 69  ARG A HE   1 
ATOM   932  H  HH11 . ARG A 1 74 ? 2.141   -6.320  -5.329  1.00 42.55 ? 69  ARG A HH11 1 
ATOM   933  H  HH12 . ARG A 1 74 ? 1.576   -5.994  -6.934  1.00 42.55 ? 69  ARG A HH12 1 
ATOM   934  H  HH21 . ARG A 1 74 ? -1.591  -4.909  -5.896  1.00 42.39 ? 69  ARG A HH21 1 
ATOM   935  H  HH22 . ARG A 1 74 ? -0.556  -5.187  -7.256  1.00 42.39 ? 69  ARG A HH22 1 
ATOM   936  N  N    . LEU A 1 75 ? 2.841   -3.522  0.238   1.00 8.50  ? 70  LEU A N    1 
ATOM   937  C  CA   . LEU A 1 75 ? 2.797   -2.069  0.369   1.00 11.92 ? 70  LEU A CA   1 
ATOM   938  C  C    . LEU A 1 75 ? 4.149   -1.399  0.068   1.00 9.11  ? 70  LEU A C    1 
ATOM   939  O  O    . LEU A 1 75 ? 4.195   -0.367  -0.599  1.00 8.58  ? 70  LEU A O    1 
ATOM   940  C  CB   . LEU A 1 75 ? 2.267   -1.667  1.748   1.00 8.82  ? 70  LEU A CB   1 
ATOM   941  C  CG   . LEU A 1 75 ? 0.755   -1.828  1.894   1.00 12.27 ? 70  LEU A CG   1 
ATOM   942  C  CD1  . LEU A 1 75 ? 0.346   -1.714  3.338   1.00 8.56  ? 70  LEU A CD1  1 
ATOM   943  C  CD2  . LEU A 1 75 ? 0.008   -0.775  1.047   1.00 6.45  ? 70  LEU A CD2  1 
ATOM   944  H  H    . LEU A 1 75 ? 2.722   -4.023  1.096   1.00 10.15 ? 70  LEU A H    1 
ATOM   945  H  HA   . LEU A 1 75 ? 2.098   -1.700  -0.396  1.00 14.25 ? 70  LEU A HA   1 
ATOM   946  H  HB2  . LEU A 1 75 ? 2.768   -2.275  2.515   1.00 10.53 ? 70  LEU A HB2  1 
ATOM   947  H  HB3  . LEU A 1 75 ? 2.536   -0.618  1.943   1.00 10.53 ? 70  LEU A HB3  1 
ATOM   948  H  HG   . LEU A 1 75 ? 0.484   -2.828  1.528   1.00 14.67 ? 70  LEU A HG   1 
ATOM   949  H  HD11 . LEU A 1 75 ? -0.744  -1.832  3.421   1.00 10.22 ? 70  LEU A HD11 1 
ATOM   950  H  HD12 . LEU A 1 75 ? 0.846   -2.500  3.924   1.00 10.22 ? 70  LEU A HD12 1 
ATOM   951  H  HD13 . LEU A 1 75 ? 0.638   -0.727  3.725   1.00 10.22 ? 70  LEU A HD13 1 
ATOM   952  H  HD21 . LEU A 1 75 ? -1.077  -0.909  1.168   1.00 7.69  ? 70  LEU A HD21 1 
ATOM   953  H  HD22 . LEU A 1 75 ? 0.291   0.234   1.382   1.00 7.69  ? 70  LEU A HD22 1 
ATOM   954  H  HD23 . LEU A 1 75 ? 0.278   -0.898  -0.012  1.00 7.69  ? 70  LEU A HD23 1 
ATOM   955  N  N    . GLU A 1 76 ? 5.246   -1.980  0.546   1.00 8.93  ? 71  GLU A N    1 
ATOM   956  C  CA   . GLU A 1 76 ? 6.566   -1.490  0.170   1.00 10.51 ? 71  GLU A CA   1 
ATOM   957  C  C    . GLU A 1 76 ? 6.721   -1.469  -1.342  1.00 10.42 ? 71  GLU A C    1 
ATOM   958  O  O    . GLU A 1 76 ? 7.209   -0.497  -1.912  1.00 10.16 ? 71  GLU A O    1 
ATOM   959  C  CB   . GLU A 1 76 ? 7.669   -2.357  0.773   1.00 10.94 ? 71  GLU A CB   1 
ATOM   960  C  CG   . GLU A 1 76 ? 7.916   -2.076  2.231   1.00 17.28 ? 71  GLU A CG   1 
ATOM   961  C  CD   . GLU A 1 76 ? 9.167   -2.740  2.748   1.00 22.32 ? 71  GLU A CD   1 
ATOM   962  O  OE1  . GLU A 1 76 ? 9.600   -3.752  2.159   1.00 27.63 ? 71  GLU A OE1  1 
ATOM   963  O  OE2  . GLU A 1 76 ? 9.715   -2.241  3.756   1.00 32.72 ? 71  GLU A OE2  1 
ATOM   964  H  H    . GLU A 1 76 ? 5.248   -2.762  1.170   1.00 10.66 ? 71  GLU A H    1 
ATOM   965  H  HA   . GLU A 1 76 ? 6.660   -0.467  0.561   1.00 12.56 ? 71  GLU A HA   1 
ATOM   966  H  HB2  . GLU A 1 76 ? 7.401   -3.416  0.652   1.00 13.07 ? 71  GLU A HB2  1 
ATOM   967  H  HB3  . GLU A 1 76 ? 8.602   -2.195  0.213   1.00 13.07 ? 71  GLU A HB3  1 
ATOM   968  H  HG2  . GLU A 1 76 ? 7.993   -0.989  2.383   1.00 20.68 ? 71  GLU A HG2  1 
ATOM   969  H  HG3  . GLU A 1 76 ? 7.053   -2.421  2.819   1.00 20.68 ? 71  GLU A HG3  1 
ATOM   970  N  N    . SER A 1 77 ? 6.318   -2.550  -1.996  1.00 10.60 ? 72  SER A N    1 
ATOM   971  C  CA   . SER A 1 77 ? 6.443   -2.608  -3.440  1.00 11.00 ? 72  SER A CA   1 
ATOM   972  C  C    . SER A 1 77 ? 5.599   -1.516  -4.093  1.00 11.33 ? 72  SER A C    1 
ATOM   973  O  O    . SER A 1 77 ? 6.052   -0.828  -5.009  1.00 12.92 ? 72  SER A O    1 
ATOM   974  C  CB   . SER A 1 77 ? 6.040   -3.986  -3.962  1.00 16.24 ? 72  SER A CB   1 
ATOM   975  O  OG   . SER A 1 77 ? 6.156   -4.047  -5.375  1.00 21.61 ? 72  SER A OG   1 
ATOM   976  H  H    . SER A 1 77 ? 5.919   -3.361  -1.569  1.00 12.67 ? 72  SER A H    1 
ATOM   977  H  HA   . SER A 1 77 ? 7.497   -2.437  -3.704  1.00 13.14 ? 72  SER A HA   1 
ATOM   978  H  HB2  . SER A 1 77 ? 6.677   -4.757  -3.504  1.00 19.43 ? 72  SER A HB2  1 
ATOM   979  H  HB3  . SER A 1 77 ? 5.004   -4.207  -3.665  1.00 19.43 ? 72  SER A HB3  1 
ATOM   980  H  HG   . SER A 1 77 ? 6.771   -3.324  -5.691  1.00 25.88 ? 72  SER A HG   1 
ATOM   981  N  N    . ILE A 1 78 ? 4.372   -1.353  -3.612  1.00 9.08  ? 73  ILE A N    1 
ATOM   982  C  CA   . ILE A 1 78 ? 3.470   -0.358  -4.188  1.00 7.32  ? 73  ILE A CA   1 
ATOM   983  C  C    . ILE A 1 78 ? 4.064   1.032   -4.021  1.00 9.27  ? 73  ILE A C    1 
ATOM   984  O  O    . ILE A 1 78 ? 4.103   1.823   -4.966  1.00 11.31 ? 73  ILE A O    1 
ATOM   985  C  CB   . ILE A 1 78 ? 2.072   -0.428  -3.558  1.00 11.98 ? 73  ILE A CB   1 
ATOM   986  C  CG1  . ILE A 1 78 ? 1.355   -1.692  -4.034  1.00 9.47  ? 73  ILE A CG1  1 
ATOM   987  C  CG2  . ILE A 1 78 ? 1.267   0.836   -3.887  1.00 11.11 ? 73  ILE A CG2  1 
ATOM   988  C  CD1  . ILE A 1 78 ? 0.074   -2.009  -3.287  1.00 9.98  ? 73  ILE A CD1  1 
ATOM   989  H  H    . ILE A 1 78 ? 3.988   -1.877  -2.852  1.00 10.85 ? 73  ILE A H    1 
ATOM   990  H  HA   . ILE A 1 78 ? 3.356   -0.578  -5.260  1.00 8.73  ? 73  ILE A HA   1 
ATOM   991  H  HB   . ILE A 1 78 ? 2.169   -0.477  -2.464  1.00 14.33 ? 73  ILE A HB   1 
ATOM   992  H  HG12 . ILE A 1 78 ? 1.123   -1.586  -5.104  1.00 11.32 ? 73  ILE A HG12 1 
ATOM   993  H  HG13 . ILE A 1 78 ? 2.042   -2.545  -3.937  1.00 11.32 ? 73  ILE A HG13 1 
ATOM   994  H  HG21 . ILE A 1 78 ? 0.270   0.766   -3.428  1.00 13.28 ? 73  ILE A HG21 1 
ATOM   995  H  HG22 . ILE A 1 78 ? 1.791   1.719   -3.492  1.00 13.28 ? 73  ILE A HG22 1 
ATOM   996  H  HG23 . ILE A 1 78 ? 1.162   0.930   -4.978  1.00 13.28 ? 73  ILE A HG23 1 
ATOM   997  H  HD11 . ILE A 1 78 ? -0.370  -2.929  -3.694  1.00 11.93 ? 73  ILE A HD11 1 
ATOM   998  H  HD12 . ILE A 1 78 ? 0.297   -2.151  -2.220  1.00 11.93 ? 73  ILE A HD12 1 
ATOM   999  H  HD13 . ILE A 1 78 ? -0.635  -1.176  -3.405  1.00 11.93 ? 73  ILE A HD13 1 
ATOM   1000 N  N    . TYR A 1 79 ? 4.545   1.324   -2.820  1.00 7.60  ? 74  TYR A N    1 
ATOM   1001 C  CA   . TYR A 1 79 ? 5.063   2.653   -2.536  1.00 7.78  ? 74  TYR A CA   1 
ATOM   1002 C  C    . TYR A 1 79 ? 6.248   2.980   -3.443  1.00 9.21  ? 74  TYR A C    1 
ATOM   1003 O  O    . TYR A 1 79 ? 6.315   4.064   -4.023  1.00 10.41 ? 74  TYR A O    1 
ATOM   1004 C  CB   . TYR A 1 79 ? 5.456   2.781   -1.065  1.00 9.38  ? 74  TYR A CB   1 
ATOM   1005 C  CG   . TYR A 1 79 ? 5.947   4.167   -0.694  1.00 6.12  ? 74  TYR A CG   1 
ATOM   1006 C  CD1  . TYR A 1 79 ? 5.074   5.244   -0.660  1.00 13.78 ? 74  TYR A CD1  1 
ATOM   1007 C  CD2  . TYR A 1 79 ? 7.276   4.393   -0.378  1.00 8.21  ? 74  TYR A CD2  1 
ATOM   1008 C  CE1  . TYR A 1 79 ? 5.513   6.509   -0.324  1.00 10.74 ? 74  TYR A CE1  1 
ATOM   1009 C  CE2  . TYR A 1 79 ? 7.718   5.654   -0.030  1.00 16.76 ? 74  TYR A CE2  1 
ATOM   1010 C  CZ   . TYR A 1 79 ? 6.832   6.706   -0.009  1.00 12.76 ? 74  TYR A CZ   1 
ATOM   1011 O  OH   . TYR A 1 79 ? 7.269   7.961   0.336   1.00 14.92 ? 74  TYR A OH   1 
ATOM   1012 H  H    . TYR A 1 79 ? 4.586   0.683   -2.054  1.00 9.06  ? 74  TYR A H    1 
ATOM   1013 H  HA   . TYR A 1 79 ? 4.264   3.381   -2.740  1.00 9.28  ? 74  TYR A HA   1 
ATOM   1014 H  HB2  . TYR A 1 79 ? 4.589   2.526   -0.437  1.00 11.21 ? 74  TYR A HB2  1 
ATOM   1015 H  HB3  . TYR A 1 79 ? 6.243   2.047   -0.838  1.00 11.21 ? 74  TYR A HB3  1 
ATOM   1016 H  HD1  . TYR A 1 79 ? 4.013   5.088   -0.905  1.00 16.48 ? 74  TYR A HD1  1 
ATOM   1017 H  HD2  . TYR A 1 79 ? 7.989   3.556   -0.405  1.00 9.80  ? 74  TYR A HD2  1 
ATOM   1018 H  HE1  . TYR A 1 79 ? 4.809   7.353   -0.309  1.00 12.84 ? 74  TYR A HE1  1 
ATOM   1019 H  HE2  . TYR A 1 79 ? 8.775   5.816   0.229   1.00 20.06 ? 74  TYR A HE2  1 
ATOM   1020 H  HH   . TYR A 1 79 ? 6.546   8.442   0.831   1.00 17.85 ? 74  TYR A HH   1 
ATOM   1021 N  N    . ASN A 1 80 ? 7.166   2.032   -3.586  1.00 9.07  ? 75  ASN A N    1 
ATOM   1022 C  CA   . ASN A 1 80 ? 8.308   2.214   -4.472  1.00 12.08 ? 75  ASN A CA   1 
ATOM   1023 C  C    . ASN A 1 80 ? 7.864   2.379   -5.923  1.00 12.34 ? 75  ASN A C    1 
ATOM   1024 O  O    . ASN A 1 80 ? 8.424   3.186   -6.666  1.00 13.65 ? 75  ASN A O    1 
ATOM   1025 C  CB   . ASN A 1 80 ? 9.266   1.029   -4.353  1.00 15.23 ? 75  ASN A CB   1 
ATOM   1026 C  CG   . ASN A 1 80 ? 10.311  1.012   -5.451  1.00 20.74 ? 75  ASN A CG   1 
ATOM   1027 O  OD1  . ASN A 1 80 ? 11.311  1.725   -5.383  1.00 31.01 ? 75  ASN A OD1  1 
ATOM   1028 N  ND2  . ASN A 1 80 ? 10.082  0.195   -6.473  1.00 26.51 ? 75  ASN A ND2  1 
ATOM   1029 H  H    . ASN A 1 80 ? 7.151   1.273   -3.182  1.00 10.83 ? 75  ASN A H    1 
ATOM   1030 H  HA   . ASN A 1 80 ? 8.792   3.024   -4.208  1.00 14.45 ? 75  ASN A HA   1 
ATOM   1031 H  HB2  . ASN A 1 80 ? 9.769   1.064   -3.375  1.00 18.23 ? 75  ASN A HB2  1 
ATOM   1032 H  HB3  . ASN A 1 80 ? 8.691   0.092   -4.385  1.00 18.23 ? 75  ASN A HB3  1 
ATOM   1033 H  HD21 . ASN A 1 80 ? 10.736  0.142   -7.228  1.00 31.76 ? 75  ASN A HD21 1 
ATOM   1034 H  HD22 . ASN A 1 80 ? 9.255   -0.368  -6.488  1.00 31.76 ? 75  ASN A HD22 1 
ATOM   1035 N  N    . SER A 1 81 ? 6.856   1.608   -6.320  1.00 9.73  ? 76  SER A N    1 
ATOM   1036 C  CA   . SER A 1 81 ? 6.362   1.636   -7.693  1.00 12.26 ? 76  SER A CA   1 
ATOM   1037 C  C    . SER A 1 81 ? 5.761   2.991   -8.009  1.00 11.89 ? 76  SER A C    1 
ATOM   1038 O  O    . SER A 1 81 ? 6.151   3.645   -8.981  1.00 17.01 ? 76  SER A O    1 
ATOM   1039 C  CB   . SER A 1 81 ? 5.313   0.549   -7.917  1.00 16.36 ? 76  SER A CB   1 
ATOM   1040 O  OG   . SER A 1 81 ? 4.690   0.715   -9.181  1.00 21.37 ? 76  SER A OG   1 
ATOM   1041 H  H    . SER A 1 81 ? 6.392   0.954   -5.722  1.00 11.62 ? 76  SER A H    1 
ATOM   1042 H  HA   . SER A 1 81 ? 7.215   1.450   -8.363  1.00 14.66 ? 76  SER A HA   1 
ATOM   1043 H  HB2  . SER A 1 81 ? 5.786   -0.443  -7.862  1.00 19.58 ? 76  SER A HB2  1 
ATOM   1044 H  HB3  . SER A 1 81 ? 4.557   0.590   -7.121  1.00 19.58 ? 76  SER A HB3  1 
ATOM   1045 H  HG   . SER A 1 81 ? 4.008   -0.005  -9.314  1.00 25.59 ? 76  SER A HG   1 
ATOM   1046 N  N    . ILE A 1 82 ? 4.815   3.430   -7.186  1.00 13.09 ? 77  ILE A N    1 
ATOM   1047 C  CA   . ILE A 1 82 ? 4.089   4.656   -7.510  1.00 11.23 ? 77  ILE A CA   1 
ATOM   1048 C  C    . ILE A 1 82 ? 4.968   5.876   -7.322  1.00 11.95 ? 77  ILE A C    1 
ATOM   1049 O  O    . ILE A 1 82 ? 4.710   6.923   -7.913  1.00 13.71 ? 77  ILE A O    1 
ATOM   1050 C  CB   . ILE A 1 82 ? 2.785   4.809   -6.689  1.00 10.39 ? 77  ILE A CB   1 
ATOM   1051 C  CG1  . ILE A 1 82 ? 3.097   5.019   -5.209  1.00 12.52 ? 77  ILE A CG1  1 
ATOM   1052 C  CG2  . ILE A 1 82 ? 1.859   3.597   -6.917  1.00 12.17 ? 77  ILE A CG2  1 
ATOM   1053 C  CD1  . ILE A 1 82 ? 1.861   5.277   -4.364  1.00 15.29 ? 77  ILE A CD1  1 
ATOM   1054 H  H    . ILE A 1 82 ? 4.543   2.983   -6.333  1.00 15.65 ? 77  ILE A H    1 
ATOM   1055 H  HA   . ILE A 1 82 ? 3.805   4.576   -8.569  1.00 13.43 ? 77  ILE A HA   1 
ATOM   1056 H  HB   . ILE A 1 82 ? 2.250   5.704   -7.038  1.00 12.42 ? 77  ILE A HB   1 
ATOM   1057 H  HG12 . ILE A 1 82 ? 3.619   4.132   -4.822  1.00 14.97 ? 77  ILE A HG12 1 
ATOM   1058 H  HG13 . ILE A 1 82 ? 3.787   5.869   -5.105  1.00 14.97 ? 77  ILE A HG13 1 
ATOM   1059 H  HG21 . ILE A 1 82 ? 0.939   3.722   -6.327  1.00 14.55 ? 77  ILE A HG21 1 
ATOM   1060 H  HG22 . ILE A 1 82 ? 1.603   3.525   -7.984  1.00 14.55 ? 77  ILE A HG22 1 
ATOM   1061 H  HG23 . ILE A 1 82 ? 2.374   2.677   -6.601  1.00 14.55 ? 77  ILE A HG23 1 
ATOM   1062 H  HD11 . ILE A 1 82 ? 2.156   5.419   -3.314  1.00 18.29 ? 77  ILE A HD11 1 
ATOM   1063 H  HD12 . ILE A 1 82 ? 1.350   6.181   -4.726  1.00 18.29 ? 77  ILE A HD12 1 
ATOM   1064 H  HD13 . ILE A 1 82 ? 1.179   4.417   -4.439  1.00 18.29 ? 77  ILE A HD13 1 
ATOM   1065 N  N    . SER A 1 83 ? 6.008   5.752   -6.503  1.00 10.02 ? 78  SER A N    1 
ATOM   1066 C  CA   . SER A 1 83 ? 6.947   6.857   -6.320  1.00 10.06 ? 78  SER A CA   1 
ATOM   1067 C  C    . SER A 1 83 ? 7.968   6.953   -7.445  1.00 8.74  ? 78  SER A C    1 
ATOM   1068 O  O    . SER A 1 83 ? 8.703   7.918   -7.526  1.00 11.02 ? 78  SER A O    1 
ATOM   1069 C  CB   . SER A 1 83 ? 7.693   6.748   -4.990  1.00 14.46 ? 78  SER A CB   1 
ATOM   1070 O  OG   . SER A 1 83 ? 6.801   6.846   -3.893  1.00 11.86 ? 78  SER A OG   1 
ATOM   1071 H  H    . SER A 1 83 ? 6.217   4.930   -5.975  1.00 11.97 ? 78  SER A H    1 
ATOM   1072 H  HA   . SER A 1 83 ? 6.333   7.769   -6.325  1.00 12.02 ? 78  SER A HA   1 
ATOM   1073 H  HB2  . SER A 1 83 ? 8.230   5.789   -4.945  1.00 17.30 ? 78  SER A HB2  1 
ATOM   1074 H  HB3  . SER A 1 83 ? 8.449   7.543   -4.923  1.00 17.30 ? 78  SER A HB3  1 
ATOM   1075 H  HG   . SER A 1 83 ? 6.430   5.941   -3.683  1.00 14.18 ? 78  SER A HG   1 
ATOM   1076 N  N    . ASN A 1 84 ? 8.030   5.921   -8.279  1.00 12.18 ? 79  ASN A N    1 
ATOM   1077 C  CA   . ASN A 1 84 ? 8.884   5.908   -9.459  1.00 18.80 ? 79  ASN A CA   1 
ATOM   1078 C  C    . ASN A 1 84 ? 8.026   5.403   -10.613 1.00 21.20 ? 79  ASN A C    1 
ATOM   1079 O  O    . ASN A 1 84 ? 8.315   4.365   -11.213 1.00 18.57 ? 79  ASN A O    1 
ATOM   1080 C  CB   . ASN A 1 84 ? 10.084  4.985   -9.221  1.00 21.54 ? 79  ASN A CB   1 
ATOM   1081 C  CG   . ASN A 1 84 ? 10.954  5.440   -8.047  1.00 15.30 ? 79  ASN A CG   1 
ATOM   1082 O  OD1  . ASN A 1 84 ? 11.901  6.197   -8.226  1.00 26.22 ? 79  ASN A OD1  1 
ATOM   1083 N  ND2  . ASN A 1 84 ? 10.640  4.961   -6.840  1.00 19.80 ? 79  ASN A ND2  1 
ATOM   1084 H  H    . ASN A 1 84 ? 7.497   5.083   -8.157  1.00 14.56 ? 79  ASN A H    1 
ATOM   1085 H  HA   . ASN A 1 84 ? 9.280   6.909   -9.685  1.00 22.51 ? 79  ASN A HA   1 
ATOM   1086 H  HB2  . ASN A 1 84 ? 9.724   3.963   -9.032  1.00 25.80 ? 79  ASN A HB2  1 
ATOM   1087 H  HB3  . ASN A 1 84 ? 10.698  4.946   -10.133 1.00 25.80 ? 79  ASN A HB3  1 
ATOM   1088 H  HD21 . ASN A 1 84 ? 11.186  5.218   -6.043  1.00 23.71 ? 79  ASN A HD21 1 
ATOM   1089 H  HD22 . ASN A 1 84 ? 9.859   4.345   -6.735  1.00 23.71 ? 79  ASN A HD22 1 
ATOM   1090 N  N    . PRO A 1 85 ? 6.945   6.138   -10.917 1.00 20.88 ? 80  PRO A N    1 
ATOM   1091 C  CA   . PRO A 1 85 ? 5.816   5.585   -11.675 1.00 22.36 ? 80  PRO A CA   1 
ATOM   1092 C  C    . PRO A 1 85 ? 5.971   5.605   -13.192 1.00 27.35 ? 80  PRO A C    1 
ATOM   1093 O  O    . PRO A 1 85 ? 6.839   6.289   -13.745 1.00 29.42 ? 80  PRO A O    1 
ATOM   1094 C  CB   . PRO A 1 85 ? 4.647   6.483   -11.262 1.00 22.01 ? 80  PRO A CB   1 
ATOM   1095 C  CG   . PRO A 1 85 ? 5.290   7.807   -10.869 1.00 22.11 ? 80  PRO A CG   1 
ATOM   1096 C  CD   . PRO A 1 85 ? 6.768   7.570   -10.614 1.00 20.28 ? 80  PRO A CD   1 
ATOM   1097 H  HA   . PRO A 1 85 ? 5.699   4.515   -11.446 1.00 26.78 ? 80  PRO A HA   1 
ATOM   1098 H  HB2  . PRO A 1 85 ? 3.935   6.616   -12.091 1.00 26.36 ? 80  PRO A HB2  1 
ATOM   1099 H  HB3  . PRO A 1 85 ? 4.086   6.047   -10.423 1.00 26.36 ? 80  PRO A HB3  1 
ATOM   1100 H  HG2  . PRO A 1 85 ? 5.155   8.550   -11.670 1.00 26.48 ? 80  PRO A HG2  1 
ATOM   1101 H  HG3  . PRO A 1 85 ? 4.807   8.214   -9.969  1.00 26.48 ? 80  PRO A HG3  1 
ATOM   1102 H  HD2  . PRO A 1 85 ? 7.397   8.202   -11.259 1.00 24.28 ? 80  PRO A HD2  1 
ATOM   1103 H  HD3  . PRO A 1 85 ? 7.040   7.801   -9.574  1.00 24.28 ? 80  PRO A HD3  1 
ATOM   1104 N  N    . LEU A 1 86 ? 5.118   4.829   -13.851 1.00 26.71 ? 81  LEU A N    1 
ATOM   1105 C  CA   . LEU A 1 86 ? 5.032   4.832   -15.301 1.00 26.30 ? 81  LEU A CA   1 
ATOM   1106 C  C    . LEU A 1 86 ? 4.367   6.122   -15.766 1.00 29.96 ? 81  LEU A C    1 
ATOM   1107 O  O    . LEU A 1 86 ? 3.325   6.522   -15.243 1.00 34.52 ? 81  LEU A O    1 
ATOM   1108 C  CB   . LEU A 1 86 ? 4.224   3.633   -15.779 1.00 29.63 ? 81  LEU A CB   1 
ATOM   1109 C  CG   . LEU A 1 86 ? 3.779   3.678   -17.237 1.00 24.45 ? 81  LEU A CG   1 
ATOM   1110 C  CD1  . LEU A 1 86 ? 4.969   3.641   -18.204 1.00 19.26 ? 81  LEU A CD1  1 
ATOM   1111 C  CD2  . LEU A 1 86 ? 2.807   2.536   -17.502 1.00 24.57 ? 81  LEU A CD2  1 
ATOM   1112 H  H    . LEU A 1 86 ? 4.485   4.197   -13.405 1.00 32.01 ? 81  LEU A H    1 
ATOM   1113 H  HA   . LEU A 1 86 ? 6.046   4.768   -15.724 1.00 31.51 ? 81  LEU A HA   1 
ATOM   1114 H  HB2  . LEU A 1 86 ? 4.823   2.724   -15.626 1.00 35.51 ? 81  LEU A HB2  1 
ATOM   1115 H  HB3  . LEU A 1 86 ? 3.330   3.540   -15.145 1.00 35.51 ? 81  LEU A HB3  1 
ATOM   1116 H  HG   . LEU A 1 86 ? 3.267   4.635   -17.418 1.00 29.29 ? 81  LEU A HG   1 
ATOM   1117 H  HD11 . LEU A 1 86 ? 4.601   3.675   -19.241 1.00 23.06 ? 81  LEU A HD11 1 
ATOM   1118 H  HD12 . LEU A 1 86 ? 5.620   4.507   -18.018 1.00 23.06 ? 81  LEU A HD12 1 
ATOM   1119 H  HD13 . LEU A 1 86 ? 5.539   2.713   -18.048 1.00 23.06 ? 81  LEU A HD13 1 
ATOM   1120 H  HD21 . LEU A 1 86 ? 2.483   2.565   -18.553 1.00 29.44 ? 81  LEU A HD21 1 
ATOM   1121 H  HD22 . LEU A 1 86 ? 3.303   1.576   -17.298 1.00 29.44 ? 81  LEU A HD22 1 
ATOM   1122 H  HD23 . LEU A 1 86 ? 1.930   2.641   -16.846 1.00 29.44 ? 81  LEU A HD23 1 
ATOM   1123 N  N    . HIS A 1 87 ? 4.984   6.774   -16.744 1.00 25.24 ? 82  HIS A N    1 
ATOM   1124 C  CA   . HIS A 1 87 ? 4.465   8.020   -17.299 1.00 29.97 ? 82  HIS A CA   1 
ATOM   1125 C  C    . HIS A 1 87 ? 3.002   7.890   -17.721 1.00 25.66 ? 82  HIS A C    1 
ATOM   1126 O  O    . HIS A 1 87 ? 2.601   6.902   -18.346 1.00 23.17 ? 82  HIS A O    1 
ATOM   1127 C  CB   . HIS A 1 87 ? 5.335   8.467   -18.475 1.00 24.60 ? 82  HIS A CB   1 
ATOM   1128 C  CG   . HIS A 1 87 ? 4.777   9.627   -19.238 1.00 30.15 ? 82  HIS A CG   1 
ATOM   1129 N  ND1  . HIS A 1 87 ? 4.845   10.925  -18.778 1.00 29.77 ? 82  HIS A ND1  1 
ATOM   1130 C  CD2  . HIS A 1 87 ? 4.159   9.686   -20.442 1.00 19.61 ? 82  HIS A CD2  1 
ATOM   1131 C  CE1  . HIS A 1 87 ? 4.279   11.731  -19.657 1.00 27.30 ? 82  HIS A CE1  1 
ATOM   1132 N  NE2  . HIS A 1 87 ? 3.851   11.005  -20.675 1.00 30.92 ? 82  HIS A NE2  1 
ATOM   1133 N  N    . SER A 1 88 ? 2.205   8.894   -17.368 1.00 29.75 ? 83  SER A N    1 
ATOM   1134 C  CA   . SER A 1 88 ? 0.784   8.886   -17.684 1.00 28.46 ? 83  SER A CA   1 
ATOM   1135 C  C    . SER A 1 88 ? 0.545   9.347   -19.125 1.00 28.25 ? 83  SER A C    1 
ATOM   1136 O  O    . SER A 1 88 ? 0.805   10.504  -19.472 1.00 25.23 ? 83  SER A O    1 
ATOM   1137 C  CB   . SER A 1 88 ? 0.012   9.772   -16.703 1.00 26.36 ? 83  SER A CB   1 
ATOM   1138 O  OG   . SER A 1 88 ? -1.380  9.724   -16.963 1.00 19.18 ? 83  SER A OG   1 
ATOM   1139 H  H    . SER A 1 88 ? 2.515   9.705   -16.871 1.00 35.65 ? 83  SER A H    1 
ATOM   1140 H  HA   . SER A 1 88 ? 0.416   7.854   -17.588 1.00 34.09 ? 83  SER A HA   1 
ATOM   1141 H  HB2  . SER A 1 88 ? 0.208   9.441   -15.672 1.00 31.58 ? 83  SER A HB2  1 
ATOM   1142 H  HB3  . SER A 1 88 ? 0.368   10.810  -16.780 1.00 31.58 ? 83  SER A HB3  1 
ATOM   1143 H  HG   . SER A 1 88 ? -1.862  10.307  -16.309 1.00 22.96 ? 83  SER A HG   1 
ATOM   1144 N  N    . GLN A 1 89 ? 0.057   8.427   -19.955 1.00 24.66 ? 84  GLN A N    1 
ATOM   1145 C  CA   . GLN A 1 89 ? -0.191  8.695   -21.370 1.00 17.26 ? 84  GLN A CA   1 
ATOM   1146 C  C    . GLN A 1 89 ? -1.356  7.831   -21.863 1.00 25.19 ? 84  GLN A C    1 
ATOM   1147 O  O    . GLN A 1 89 ? -1.609  6.755   -21.321 1.00 24.57 ? 84  GLN A O    1 
ATOM   1148 C  CB   . GLN A 1 89 ? 1.070   8.417   -22.192 1.00 20.39 ? 84  GLN A CB   1 
ATOM   1149 C  CG   . GLN A 1 89 ? 1.465   6.943   -22.260 1.00 20.72 ? 84  GLN A CG   1 
ATOM   1150 C  CD   . GLN A 1 89 ? 2.885   6.750   -22.738 1.00 21.73 ? 84  GLN A CD   1 
ATOM   1151 O  OE1  . GLN A 1 89 ? 3.155   5.939   -23.632 1.00 16.13 ? 84  GLN A OE1  1 
ATOM   1152 N  NE2  . GLN A 1 89 ? 3.807   7.505   -22.150 1.00 15.22 ? 84  GLN A NE2  1 
ATOM   1153 N  N    . ASN A 1 90 ? -2.059  8.289   -22.895 1.00 18.67 ? 85  ASN A N    1 
ATOM   1154 C  CA   . ASN A 1 90 ? -3.266  7.589   -23.339 1.00 20.98 ? 85  ASN A CA   1 
ATOM   1155 C  C    . ASN A 1 90 ? -3.036  6.584   -24.479 1.00 19.59 ? 85  ASN A C    1 
ATOM   1156 O  O    . ASN A 1 90 ? -3.930  6.346   -25.294 1.00 16.81 ? 85  ASN A O    1 
ATOM   1157 C  CB   . ASN A 1 90 ? -4.358  8.591   -23.730 1.00 19.28 ? 85  ASN A CB   1 
ATOM   1158 C  CG   . ASN A 1 90 ? -4.007  9.386   -24.974 1.00 16.95 ? 85  ASN A CG   1 
ATOM   1159 O  OD1  . ASN A 1 90 ? -4.806  10.194  -25.460 1.00 22.77 ? 85  ASN A OD1  1 
ATOM   1160 N  ND2  . ASN A 1 90 ? -2.811  9.159   -25.500 1.00 15.89 ? 85  ASN A ND2  1 
ATOM   1161 N  N    . ASN A 1 91 ? -1.845  5.999   -24.571 1.00 18.60 ? 86  ASN A N    1 
ATOM   1162 C  CA   . ASN A 1 91 ? -1.485  5.050   -25.632 1.00 13.56 ? 86  ASN A CA   1 
ATOM   1163 C  C    . ASN A 1 91 ? -0.376  4.118   -25.193 1.00 18.54 ? 86  ASN A C    1 
ATOM   1164 O  O    . ASN A 1 91 ? 0.329   4.474   -24.313 1.00 21.36 ? 86  ASN A O    1 
ATOM   1165 C  CB   . ASN A 1 91 ? -1.017  5.785   -26.902 1.00 14.39 ? 86  ASN A CB   1 
ATOM   1166 C  CG   . ASN A 1 91 ? 0.210   6.587   -26.667 1.00 18.69 ? 86  ASN A CG   1 
ATOM   1167 O  OD1  . ASN A 1 91 ? 1.337   6.100   -26.820 1.00 14.05 ? 86  ASN A OD1  1 
ATOM   1168 N  ND2  . ASN A 1 91 ? 0.012   7.803   -26.306 1.00 18.59 ? 86  ASN A ND2  1 
ATOM   1169 O  OXT  . ASN A 1 91 ? -0.324  2.947   -25.624 1.00 13.88 ? 86  ASN A OXT  1 
ATOM   1170 H  H    . ASN A 1 91 ? -1.105  6.165   -23.919 1.00 22.27 ? 86  ASN A H    1 
ATOM   1171 H  HA   . ASN A 1 91 ? -2.394  4.468   -25.848 1.00 16.22 ? 86  ASN A HA   1 
ATOM   1172 H  HB2  . ASN A 1 91 ? -0.825  5.051   -27.699 1.00 17.22 ? 86  ASN A HB2  1 
ATOM   1173 H  HB3  . ASN A 1 91 ? -1.821  6.444   -27.260 1.00 17.22 ? 86  ASN A HB3  1 
ATOM   1174 H  HD21 . ASN A 1 91 ? 0.791   8.407   -26.134 1.00 22.25 ? 86  ASN A HD21 1 
ATOM   1175 H  HD22 . ASN A 1 91 ? -0.920  8.147   -26.196 1.00 22.25 ? 86  ASN A HD22 1 
HETATM 1176 NA NA   . NA  B 2 .  ? -5.269  10.397  -10.025 0.50 11.75 ? 101 NA  A NA   1 
HETATM 1177 NA NA   . NA  C 2 .  ? -9.316  -5.330  -10.471 0.50 22.64 ? 102 NA  A NA   1 
HETATM 1178 NA NA   . NA  D 2 .  ? 3.956   -20.148 8.197   1.00 26.96 ? 103 NA  A NA   1 
HETATM 1179 NA NA   . NA  E 2 .  ? -13.906 -1.531  11.402  1.00 17.72 ? 104 NA  A NA   1 
HETATM 1180 O  O    . HOH F 3 .  ? 9.980   8.551   0.800   1.00 11.86 ? 87  HOH A O    1 
HETATM 1181 O  O    . HOH F 3 .  ? 0.306   -16.452 10.087  1.00 11.40 ? 88  HOH A O    1 
HETATM 1182 O  O    . HOH F 3 .  ? 5.306   9.601   1.090   1.00 12.77 ? 89  HOH A O    1 
HETATM 1183 O  O    . HOH F 3 .  ? 3.515   10.793  -2.016  1.00 10.93 ? 90  HOH A O    1 
HETATM 1184 O  O    . HOH F 3 .  ? -11.654 11.344  -0.326  1.00 16.85 ? 91  HOH A O    1 
HETATM 1185 O  O    . HOH F 3 .  ? -11.382 -8.905  7.056   1.00 14.73 ? 92  HOH A O    1 
HETATM 1186 O  O    . HOH F 3 .  ? -3.107  9.101   -8.308  1.00 15.13 ? 93  HOH A O    1 
HETATM 1187 O  O    . HOH F 3 .  ? -2.846  -4.981  -3.840  1.00 21.27 ? 94  HOH A O    1 
HETATM 1188 O  O    . HOH F 3 .  ? 0.317   -19.026 9.086   1.00 13.06 ? 95  HOH A O    1 
HETATM 1189 O  O    . HOH F 3 .  ? 3.408   12.596  -11.671 1.00 19.79 ? 96  HOH A O    1 
HETATM 1190 O  O    . HOH F 3 .  ? -8.926  -0.120  4.387   1.00 17.87 ? 97  HOH A O    1 
HETATM 1191 O  O    . HOH F 3 .  ? 0.560   9.917   2.070   1.00 28.00 ? 98  HOH A O    1 
HETATM 1192 O  O    . HOH F 3 .  ? 0.576   15.879  -11.258 1.00 22.91 ? 99  HOH A O    1 
HETATM 1193 O  O    . HOH F 3 .  ? 8.139   -1.780  -6.510  1.00 20.56 ? 100 HOH A O    1 
HETATM 1194 O  O    . HOH F 3 .  ? 9.002   0.973   -0.379  1.00 20.21 ? 105 HOH A O    1 
HETATM 1195 O  O    . HOH F 3 .  ? 2.805   9.440   0.174   1.00 16.85 ? 106 HOH A O    1 
HETATM 1196 O  O    . HOH F 3 .  ? -3.920  -11.570 1.304   1.00 20.44 ? 107 HOH A O    1 
HETATM 1197 O  O    . HOH F 3 .  ? 10.574  3.087   -1.465  1.00 20.83 ? 108 HOH A O    1 
HETATM 1198 O  O    . HOH F 3 .  ? -4.081  -6.433  17.082  1.00 28.38 ? 109 HOH A O    1 
HETATM 1199 O  O    . HOH F 3 .  ? -9.073  0.365   1.913   1.00 15.69 ? 110 HOH A O    1 
HETATM 1200 O  O    . HOH F 3 .  ? -9.237  2.539   8.685   1.00 28.53 ? 111 HOH A O    1 
HETATM 1201 O  O    . HOH F 3 .  ? 7.860   -11.044 9.640   1.00 24.35 ? 112 HOH A O    1 
HETATM 1202 O  O    . HOH F 3 .  ? -4.095  14.302  -3.993  1.00 14.96 ? 113 HOH A O    1 
HETATM 1203 O  O    . HOH F 3 .  ? -8.382  -1.413  11.325  1.00 20.27 ? 114 HOH A O    1 
HETATM 1204 O  O    . HOH F 3 .  ? -6.141  -2.972  12.456  1.00 19.08 ? 115 HOH A O    1 
HETATM 1205 O  O    . HOH F 3 .  ? 8.594   -5.571  -1.401  1.00 28.41 ? 116 HOH A O    1 
HETATM 1206 O  O    . HOH F 3 .  ? 0.942   16.011  -14.272 1.00 28.92 ? 117 HOH A O    1 
HETATM 1207 O  O    . HOH F 3 .  ? 4.310   -14.073 4.715   1.00 20.81 ? 118 HOH A O    1 
HETATM 1208 O  O    . HOH F 3 .  ? -6.177  12.116  3.693   1.00 19.60 ? 119 HOH A O    1 
HETATM 1209 O  O    . HOH F 3 .  ? -6.774  1.026   -14.652 1.00 22.46 ? 120 HOH A O    1 
HETATM 1210 O  O    . HOH F 3 .  ? -0.926  -5.137  1.967   1.00 19.19 ? 121 HOH A O    1 
HETATM 1211 O  O    . HOH F 3 .  ? -2.605  4.204   -22.066 1.00 34.09 ? 122 HOH A O    1 
HETATM 1212 O  O    . HOH F 3 .  ? 9.188   2.776   -12.925 1.00 26.71 ? 123 HOH A O    1 
HETATM 1213 O  O    . HOH F 3 .  ? -4.599  -0.751  11.843  1.00 24.78 ? 124 HOH A O    1 
HETATM 1214 O  O    . HOH F 3 .  ? -2.147  -13.620 0.301   1.00 31.67 ? 125 HOH A O    1 
HETATM 1215 O  O    . HOH F 3 .  ? 0.305   5.631   -19.024 1.00 26.95 ? 126 HOH A O    1 
HETATM 1216 O  O    . HOH F 3 .  ? 5.869   -13.148 2.646   1.00 30.29 ? 127 HOH A O    1 
HETATM 1217 O  O    . HOH F 3 .  ? 0.988   0.332   -8.705  1.00 34.00 ? 128 HOH A O    1 
HETATM 1218 O  O    . HOH F 3 .  ? 2.774   9.181   -13.742 1.00 26.29 ? 129 HOH A O    1 
HETATM 1219 O  O    . HOH F 3 .  ? -12.856 0.624   -9.911  1.00 29.56 ? 130 HOH A O    1 
HETATM 1220 O  O    . HOH F 3 .  ? -13.063 -7.304  11.772  1.00 29.42 ? 131 HOH A O    1 
HETATM 1221 O  O    . HOH F 3 .  ? 2.748   11.247  -15.779 1.00 32.36 ? 132 HOH A O    1 
HETATM 1222 O  O    . HOH F 3 .  ? 5.722   -14.817 6.254   1.00 28.96 ? 133 HOH A O    1 
HETATM 1223 O  O    . HOH F 3 .  ? 6.673   4.744   3.129   1.00 28.17 ? 134 HOH A O    1 
HETATM 1224 O  O    . HOH F 3 .  ? 8.727   -0.272  12.963  1.00 30.90 ? 135 HOH A O    1 
HETATM 1225 O  O    . HOH F 3 .  ? 8.393   -8.474  -2.474  1.00 28.97 ? 136 HOH A O    1 
HETATM 1226 O  O    . HOH F 3 .  ? 0.803   5.726   -14.039 1.00 30.95 ? 137 HOH A O    1 
HETATM 1227 O  O    . HOH F 3 .  ? 8.860   -8.392  9.249   1.00 34.21 ? 138 HOH A O    1 
HETATM 1228 O  O    . HOH F 3 .  ? -0.624  15.709  -1.573  1.00 25.31 ? 139 HOH A O    1 
HETATM 1229 O  O    . HOH F 3 .  ? 7.961   6.180   -17.512 1.00 28.45 ? 140 HOH A O    1 
HETATM 1230 O  O    . HOH F 3 .  ? 1.639   4.158   -20.015 1.00 30.35 ? 141 HOH A O    1 
HETATM 1231 O  O    . HOH F 3 .  ? 6.853   7.851   6.652   1.00 29.84 ? 142 HOH A O    1 
HETATM 1232 O  O    . HOH F 3 .  ? 4.712   10.897  -13.173 1.00 35.11 ? 143 HOH A O    1 
HETATM 1233 O  O    . HOH F 3 .  ? 12.104  7.983   2.567   1.00 32.73 ? 144 HOH A O    1 
HETATM 1234 O  O    . HOH F 3 .  ? -11.034 2.844   10.356  1.00 30.49 ? 145 HOH A O    1 
HETATM 1235 O  O    . HOH F 3 .  ? 8.196   -4.955  -5.963  1.00 32.03 ? 146 HOH A O    1 
HETATM 1236 O  O    . HOH F 3 .  ? 3.512   -7.627  -4.467  1.00 34.86 ? 147 HOH A O    1 
HETATM 1237 O  O    . HOH F 3 .  ? 2.765   10.672  3.422   1.00 27.79 ? 148 HOH A O    1 
HETATM 1238 O  O    . HOH F 3 .  ? -8.083  -3.074  14.525  1.00 31.91 ? 149 HOH A O    1 
HETATM 1239 O  O    . HOH F 3 .  ? -5.745  1.503   13.308  1.00 36.64 ? 150 HOH A O    1 
HETATM 1240 O  O    . HOH F 3 .  ? 1.617   -12.145 14.946  1.00 32.35 ? 151 HOH A O    1 
HETATM 1241 O  O    . HOH F 3 .  ? 9.013   -7.618  -4.744  1.00 35.28 ? 152 HOH A O    1 
HETATM 1242 O  O    . HOH F 3 .  ? 1.879   -2.245  -8.543  1.00 34.71 ? 153 HOH A O    1 
HETATM 1243 O  O    . HOH F 3 .  ? 10.234  -5.820  0.463   1.00 35.83 ? 154 HOH A O    1 
HETATM 1244 O  O    . HOH F 3 .  ? 1.832   13.738  4.947   1.00 35.52 ? 155 HOH A O    1 
HETATM 1245 O  O    . HOH F 3 .  ? -8.668  4.125   10.553  1.00 35.39 ? 156 HOH A O    1 
HETATM 1246 O  O    . HOH F 3 .  ? 1.419   -9.757  16.227  1.00 36.92 ? 157 HOH A O    1 
HETATM 1247 O  O    . HOH F 3 .  ? -2.818  7.940   -15.707 1.00 29.18 ? 158 HOH A O    1 
# 
loop_
_pdbx_poly_seq_scheme.asym_id 
_pdbx_poly_seq_scheme.entity_id 
_pdbx_poly_seq_scheme.seq_id 
_pdbx_poly_seq_scheme.mon_id 
_pdbx_poly_seq_scheme.ndb_seq_num 
_pdbx_poly_seq_scheme.pdb_seq_num 
_pdbx_poly_seq_scheme.auth_seq_num 
_pdbx_poly_seq_scheme.pdb_mon_id 
_pdbx_poly_seq_scheme.auth_mon_id 
_pdbx_poly_seq_scheme.pdb_strand_id 
_pdbx_poly_seq_scheme.pdb_ins_code 
_pdbx_poly_seq_scheme.hetero 
A 1 1  GLY 1  -4 ?  ?   ?   A . n 
A 1 2  SER 2  -3 ?  ?   ?   A . n 
A 1 3  THR 3  -2 ?  ?   ?   A . n 
A 1 4  GLY 4  -1 ?  ?   ?   A . n 
A 1 5  SER 5  0  ?  ?   ?   A . n 
A 1 6  SER 6  1  ?  ?   ?   A . n 
A 1 7  LYS 7  2  ?  ?   ?   A . n 
A 1 8  SER 8  3  ?  ?   ?   A . n 
A 1 9  GLU 9  4  ?  ?   ?   A . n 
A 1 10 THR 10 5  ?  ?   ?   A . n 
A 1 11 THR 11 6  ?  ?   ?   A . n 
A 1 12 SER 12 7  ?  ?   ?   A . n 
A 1 13 HIS 13 8  ?  ?   ?   A . n 
A 1 14 THR 14 9  ?  ?   ?   A . n 
A 1 15 TYR 15 10 ?  ?   ?   A . n 
A 1 16 GLN 16 11 ?  ?   ?   A . n 
A 1 17 HIS 17 12 12 HIS HIS A . n 
A 1 18 GLN 18 13 13 GLN GLN A . n 
A 1 19 ALA 19 14 14 ALA ALA A . n 
A 1 20 LEU 20 15 15 LEU LEU A . n 
A 1 21 VAL 21 16 16 VAL VAL A . n 
A 1 22 ASP 22 17 17 ASP ASP A . n 
A 1 23 GLN 23 18 18 GLN GLN A . n 
A 1 24 LEU 24 19 19 LEU LEU A . n 
A 1 25 HIS 25 20 20 HIS HIS A . n 
A 1 26 GLU 26 21 21 GLU GLU A . n 
A 1 27 LEU 27 22 22 LEU LEU A . n 
A 1 28 ILE 28 23 23 ILE ILE A . n 
A 1 29 ALA 29 24 24 ALA ALA A . n 
A 1 30 ASN 30 25 25 ASN ASN A . n 
A 1 31 THR 31 26 26 THR THR A . n 
A 1 32 ASP 32 27 27 ASP ASP A . n 
A 1 33 LEU 33 28 28 LEU LEU A . n 
A 1 34 ASN 34 29 29 ASN ASN A . n 
A 1 35 LYS 35 30 30 LYS LYS A . n 
A 1 36 LEU 36 31 31 LEU LEU A . n 
A 1 37 SER 37 32 32 SER SER A . n 
A 1 38 TYR 38 33 33 TYR TYR A . n 
A 1 39 LEU 39 34 34 LEU LEU A . n 
A 1 40 ASN 40 35 35 ASN ASN A . n 
A 1 41 LEU 41 36 36 LEU LEU A . n 
A 1 42 ASP 42 37 37 ASP ASP A . n 
A 1 43 ALA 43 38 38 ALA ALA A . n 
A 1 44 PHE 44 39 39 PHE PHE A . n 
A 1 45 GLN 45 40 40 GLN GLN A . n 
A 1 46 LYS 46 41 41 LYS LYS A . n 
A 1 47 ARG 47 42 42 ARG ARG A . n 
A 1 48 ASP 48 43 43 ASP ASP A . n 
A 1 49 ILE 49 44 44 ILE ILE A . n 
A 1 50 LEU 50 45 45 LEU LEU A . n 
A 1 51 ALA 51 46 46 ALA ALA A . n 
A 1 52 ALA 52 47 47 ALA ALA A . n 
A 1 53 HIS 53 48 48 HIS HIS A . n 
A 1 54 TYR 54 49 49 TYR TYR A . n 
A 1 55 ILE 55 50 50 ILE ILE A . n 
A 1 56 ALA 56 51 51 ALA ALA A . n 
A 1 57 LYS 57 52 52 LYS LYS A . n 
A 1 58 SER 58 53 53 SER SER A . n 
A 1 59 ALA 59 54 54 ALA ALA A . n 
A 1 60 ILE 60 55 55 ILE ILE A . n 
A 1 61 ARG 61 56 56 ARG ARG A . n 
A 1 62 THR 62 57 57 THR THR A . n 
A 1 63 LYS 63 58 58 LYS LYS A . n 
A 1 64 ASN 64 59 59 ASN ASN A . n 
A 1 65 LEU 65 60 60 LEU LEU A . n 
A 1 66 ASP 66 61 61 ASP ASP A . n 
A 1 67 GLN 67 62 62 GLN GLN A . n 
A 1 68 MET 68 63 63 MET MET A . n 
A 1 69 THR 69 64 64 THR THR A . n 
A 1 70 LYS 70 65 65 LYS LYS A . n 
A 1 71 ALA 71 66 66 ALA ALA A . n 
A 1 72 LYS 72 67 67 LYS LYS A . n 
A 1 73 GLN 73 68 68 GLN GLN A . n 
A 1 74 ARG 74 69 69 ARG ARG A . n 
A 1 75 LEU 75 70 70 LEU LEU A . n 
A 1 76 GLU 76 71 71 GLU GLU A . n 
A 1 77 SER 77 72 72 SER SER A . n 
A 1 78 ILE 78 73 73 ILE ILE A . n 
A 1 79 TYR 79 74 74 TYR TYR A . n 
A 1 80 ASN 80 75 75 ASN ASN A . n 
A 1 81 SER 81 76 76 SER SER A . n 
A 1 82 ILE 82 77 77 ILE ILE A . n 
A 1 83 SER 83 78 78 SER SER A . n 
A 1 84 ASN 84 79 79 ASN ASN A . n 
A 1 85 PRO 85 80 80 PRO PRO A . n 
A 1 86 LEU 86 81 81 LEU LEU A . n 
A 1 87 HIS 87 82 82 HIS HIS A . n 
A 1 88 SER 88 83 83 SER SER A . n 
A 1 89 GLN 89 84 84 GLN GLN A . n 
A 1 90 ASN 90 85 85 ASN ASN A . n 
A 1 91 ASN 91 86 86 ASN ASN A . n 
# 
loop_
_pdbx_nonpoly_scheme.asym_id 
_pdbx_nonpoly_scheme.entity_id 
_pdbx_nonpoly_scheme.mon_id 
_pdbx_nonpoly_scheme.ndb_seq_num 
_pdbx_nonpoly_scheme.pdb_seq_num 
_pdbx_nonpoly_scheme.auth_seq_num 
_pdbx_nonpoly_scheme.pdb_mon_id 
_pdbx_nonpoly_scheme.auth_mon_id 
_pdbx_nonpoly_scheme.pdb_strand_id 
_pdbx_nonpoly_scheme.pdb_ins_code 
B 2 NA  1  101 101 NA  NA  A . 
C 2 NA  1  102 102 NA  NA  A . 
D 2 NA  1  103 103 NA  NA  A . 
E 2 NA  1  104 104 NA  NA  A . 
F 3 HOH 1  87  1   HOH HOH A . 
F 3 HOH 2  88  2   HOH HOH A . 
F 3 HOH 3  89  3   HOH HOH A . 
F 3 HOH 4  90  4   HOH HOH A . 
F 3 HOH 5  91  5   HOH HOH A . 
F 3 HOH 6  92  6   HOH HOH A . 
F 3 HOH 7  93  7   HOH HOH A . 
F 3 HOH 8  94  8   HOH HOH A . 
F 3 HOH 9  95  9   HOH HOH A . 
F 3 HOH 10 96  10  HOH HOH A . 
F 3 HOH 11 97  11  HOH HOH A . 
F 3 HOH 12 98  12  HOH HOH A . 
F 3 HOH 13 99  13  HOH HOH A . 
F 3 HOH 14 100 14  HOH HOH A . 
F 3 HOH 15 105 15  HOH HOH A . 
F 3 HOH 16 106 16  HOH HOH A . 
F 3 HOH 17 107 17  HOH HOH A . 
F 3 HOH 18 108 18  HOH HOH A . 
F 3 HOH 19 109 19  HOH HOH A . 
F 3 HOH 20 110 20  HOH HOH A . 
F 3 HOH 21 111 23  HOH HOH A . 
F 3 HOH 22 112 24  HOH HOH A . 
F 3 HOH 23 113 25  HOH HOH A . 
F 3 HOH 24 114 26  HOH HOH A . 
F 3 HOH 25 115 28  HOH HOH A . 
F 3 HOH 26 116 30  HOH HOH A . 
F 3 HOH 27 117 31  HOH HOH A . 
F 3 HOH 28 118 32  HOH HOH A . 
F 3 HOH 29 119 33  HOH HOH A . 
F 3 HOH 30 120 34  HOH HOH A . 
F 3 HOH 31 121 35  HOH HOH A . 
F 3 HOH 32 122 36  HOH HOH A . 
F 3 HOH 33 123 37  HOH HOH A . 
F 3 HOH 34 124 38  HOH HOH A . 
F 3 HOH 35 125 39  HOH HOH A . 
F 3 HOH 36 126 40  HOH HOH A . 
F 3 HOH 37 127 41  HOH HOH A . 
F 3 HOH 38 128 44  HOH HOH A . 
F 3 HOH 39 129 45  HOH HOH A . 
F 3 HOH 40 130 46  HOH HOH A . 
F 3 HOH 41 131 47  HOH HOH A . 
F 3 HOH 42 132 48  HOH HOH A . 
F 3 HOH 43 133 49  HOH HOH A . 
F 3 HOH 44 134 50  HOH HOH A . 
F 3 HOH 45 135 51  HOH HOH A . 
F 3 HOH 46 136 52  HOH HOH A . 
F 3 HOH 47 137 53  HOH HOH A . 
F 3 HOH 48 138 54  HOH HOH A . 
F 3 HOH 49 139 56  HOH HOH A . 
F 3 HOH 50 140 57  HOH HOH A . 
F 3 HOH 51 141 58  HOH HOH A . 
F 3 HOH 52 142 59  HOH HOH A . 
F 3 HOH 53 143 60  HOH HOH A . 
F 3 HOH 54 144 61  HOH HOH A . 
F 3 HOH 55 145 62  HOH HOH A . 
F 3 HOH 56 146 63  HOH HOH A . 
F 3 HOH 57 147 65  HOH HOH A . 
F 3 HOH 58 148 66  HOH HOH A . 
F 3 HOH 59 149 67  HOH HOH A . 
F 3 HOH 60 150 68  HOH HOH A . 
F 3 HOH 61 151 69  HOH HOH A . 
F 3 HOH 62 152 71  HOH HOH A . 
F 3 HOH 63 153 72  HOH HOH A . 
F 3 HOH 64 154 73  HOH HOH A . 
F 3 HOH 65 155 74  HOH HOH A . 
F 3 HOH 66 156 75  HOH HOH A . 
F 3 HOH 67 157 76  HOH HOH A . 
F 3 HOH 68 158 77  HOH HOH A . 
# 
loop_
_pdbx_struct_assembly.id 
_pdbx_struct_assembly.details 
_pdbx_struct_assembly.method_details 
_pdbx_struct_assembly.oligomeric_details 
_pdbx_struct_assembly.oligomeric_count 
1 author_defined_assembly   ?    monomeric 1 
2 software_defined_assembly PISA dimeric   2 
# 
loop_
_pdbx_struct_assembly_gen.assembly_id 
_pdbx_struct_assembly_gen.oper_expression 
_pdbx_struct_assembly_gen.asym_id_list 
1 1   A,B,C,D,E,F 
2 1,2 A,B,C,D,E,F 
# 
loop_
_pdbx_struct_assembly_prop.biol_id 
_pdbx_struct_assembly_prop.type 
_pdbx_struct_assembly_prop.value 
_pdbx_struct_assembly_prop.details 
2 'ABSA (A^2)' 1480  ? 
2 MORE         -49   ? 
2 'SSA (A^2)'  10100 ? 
# 
loop_
_pdbx_struct_oper_list.id 
_pdbx_struct_oper_list.type 
_pdbx_struct_oper_list.name 
_pdbx_struct_oper_list.symmetry_operation 
_pdbx_struct_oper_list.matrix[1][1] 
_pdbx_struct_oper_list.matrix[1][2] 
_pdbx_struct_oper_list.matrix[1][3] 
_pdbx_struct_oper_list.vector[1] 
_pdbx_struct_oper_list.matrix[2][1] 
_pdbx_struct_oper_list.matrix[2][2] 
_pdbx_struct_oper_list.matrix[2][3] 
_pdbx_struct_oper_list.vector[2] 
_pdbx_struct_oper_list.matrix[3][1] 
_pdbx_struct_oper_list.matrix[3][2] 
_pdbx_struct_oper_list.matrix[3][3] 
_pdbx_struct_oper_list.vector[3] 
1 'identity operation'         1_555  x,y,z            1.0000000000  0.0000000000  0.0000000000  0.0000000000   0.0000000000  1.0000000000  0.0000000000 0.0000000000  0.0000000000  0.0000000000 1.0000000000 0.0000000000   
2 'crystal symmetry operation' 10_665 -y+1,-x+1,-z+1/6 -0.9753855119 -0.1061353643 -0.1932831799 -11.2427187934 -0.1061353643 -0.5423542632 0.8334189449 23.8320168259 -0.1932831799 0.8334189449 0.5177397751 -14.5183536185 
# 
loop_
_pdbx_struct_special_symmetry.id 
_pdbx_struct_special_symmetry.PDB_model_num 
_pdbx_struct_special_symmetry.auth_asym_id 
_pdbx_struct_special_symmetry.auth_comp_id 
_pdbx_struct_special_symmetry.auth_seq_id 
_pdbx_struct_special_symmetry.PDB_ins_code 
_pdbx_struct_special_symmetry.label_asym_id 
_pdbx_struct_special_symmetry.label_comp_id 
_pdbx_struct_special_symmetry.label_seq_id 
1 1 A NA 101 ? B NA . 
2 1 A NA 102 ? C NA . 
# 
loop_
_pdbx_audit_revision_history.ordinal 
_pdbx_audit_revision_history.data_content_type 
_pdbx_audit_revision_history.major_revision 
_pdbx_audit_revision_history.minor_revision 
_pdbx_audit_revision_history.revision_date 
1 'Structure model' 1 0 2011-11-23 
2 'Structure model' 1 1 2012-01-18 
3 'Structure model' 1 2 2023-09-13 
# 
_pdbx_audit_revision_details.ordinal             1 
_pdbx_audit_revision_details.revision_ordinal    1 
_pdbx_audit_revision_details.data_content_type   'Structure model' 
_pdbx_audit_revision_details.provider            repository 
_pdbx_audit_revision_details.type                'Initial release' 
_pdbx_audit_revision_details.description         ? 
_pdbx_audit_revision_details.details             ? 
# 
loop_
_pdbx_audit_revision_group.ordinal 
_pdbx_audit_revision_group.revision_ordinal 
_pdbx_audit_revision_group.data_content_type 
_pdbx_audit_revision_group.group 
1 2 'Structure model' 'Database references'    
2 3 'Structure model' 'Data collection'        
3 3 'Structure model' 'Database references'    
4 3 'Structure model' 'Derived calculations'   
5 3 'Structure model' 'Refinement description' 
# 
loop_
_pdbx_audit_revision_category.ordinal 
_pdbx_audit_revision_category.revision_ordinal 
_pdbx_audit_revision_category.data_content_type 
_pdbx_audit_revision_category.category 
1 3 'Structure model' chem_comp_atom                
2 3 'Structure model' chem_comp_bond                
3 3 'Structure model' database_2                    
4 3 'Structure model' pdbx_initial_refinement_model 
5 3 'Structure model' struct_conn                   
6 3 'Structure model' struct_ref_seq_dif            
7 3 'Structure model' struct_site                   
# 
loop_
_pdbx_audit_revision_item.ordinal 
_pdbx_audit_revision_item.revision_ordinal 
_pdbx_audit_revision_item.data_content_type 
_pdbx_audit_revision_item.item 
1  3 'Structure model' '_database_2.pdbx_DOI'                
2  3 'Structure model' '_database_2.pdbx_database_accession' 
3  3 'Structure model' '_struct_conn.ptnr1_auth_comp_id'     
4  3 'Structure model' '_struct_conn.ptnr1_auth_seq_id'      
5  3 'Structure model' '_struct_conn.ptnr1_label_asym_id'    
6  3 'Structure model' '_struct_conn.ptnr1_label_atom_id'    
7  3 'Structure model' '_struct_conn.ptnr1_label_comp_id'    
8  3 'Structure model' '_struct_conn.ptnr2_auth_comp_id'     
9  3 'Structure model' '_struct_conn.ptnr2_auth_seq_id'      
10 3 'Structure model' '_struct_conn.ptnr2_label_asym_id'    
11 3 'Structure model' '_struct_conn.ptnr2_label_atom_id'    
12 3 'Structure model' '_struct_conn.ptnr2_label_comp_id'    
13 3 'Structure model' '_struct_ref_seq_dif.details'         
14 3 'Structure model' '_struct_site.pdbx_auth_asym_id'      
15 3 'Structure model' '_struct_site.pdbx_auth_comp_id'      
16 3 'Structure model' '_struct_site.pdbx_auth_seq_id'       
# 
_phasing.method   MR 
# 
loop_
_software.pdbx_ordinal 
_software.name 
_software.version 
_software.date 
_software.type 
_software.contact_author 
_software.contact_author_email 
_software.classification 
_software.location 
_software.language 
_software.citation_id 
1 XSCALE      .       ?               package 'Wolfgang Kabsch' ?                           'data scaling'    
http://www.mpimf-heidelberg.mpg.de/~kabsch/xds/html_doc/xscale_program.html ?   ? 
2 PHASER      .       ?               program 'Randy J. Read'   cimr-phaser@lists.cam.ac.uk phasing           
http://www-structmed.cimr.cam.ac.uk/phaser/                                 ?   ? 
3 PHENIX      1.7_650 ?               package 'Paul D. Adams'   PDAdams@lbl.gov             refinement        
http://www.phenix-online.org/                                               C++ ? 
4 PDB_EXTRACT 3.10    'June 10, 2010' package PDB               deposit@deposit.rcsb.org    'data extraction' 
http://sw-tools.pdb.org/apps/PDB_EXTRACT/                                   C++ ? 
5 HKL-2000    .       ?               ?       ?                 ?                           'data collection' ? ?   ? 
# 
loop_
_pdbx_unobs_or_zero_occ_residues.id 
_pdbx_unobs_or_zero_occ_residues.PDB_model_num 
_pdbx_unobs_or_zero_occ_residues.polymer_flag 
_pdbx_unobs_or_zero_occ_residues.occupancy_flag 
_pdbx_unobs_or_zero_occ_residues.auth_asym_id 
_pdbx_unobs_or_zero_occ_residues.auth_comp_id 
_pdbx_unobs_or_zero_occ_residues.auth_seq_id 
_pdbx_unobs_or_zero_occ_residues.PDB_ins_code 
_pdbx_unobs_or_zero_occ_residues.label_asym_id 
_pdbx_unobs_or_zero_occ_residues.label_comp_id 
_pdbx_unobs_or_zero_occ_residues.label_seq_id 
1  1 Y 1 A GLY -4 ? A GLY 1  
2  1 Y 1 A SER -3 ? A SER 2  
3  1 Y 1 A THR -2 ? A THR 3  
4  1 Y 1 A GLY -1 ? A GLY 4  
5  1 Y 1 A SER 0  ? A SER 5  
6  1 Y 1 A SER 1  ? A SER 6  
7  1 Y 1 A LYS 2  ? A LYS 7  
8  1 Y 1 A SER 3  ? A SER 8  
9  1 Y 1 A GLU 4  ? A GLU 9  
10 1 Y 1 A THR 5  ? A THR 10 
11 1 Y 1 A THR 6  ? A THR 11 
12 1 Y 1 A SER 7  ? A SER 12 
13 1 Y 1 A HIS 8  ? A HIS 13 
14 1 Y 1 A THR 9  ? A THR 14 
15 1 Y 1 A TYR 10 ? A TYR 15 
16 1 Y 1 A GLN 11 ? A GLN 16 
# 
loop_
_chem_comp_atom.comp_id 
_chem_comp_atom.atom_id 
_chem_comp_atom.type_symbol 
_chem_comp_atom.pdbx_aromatic_flag 
_chem_comp_atom.pdbx_stereo_config 
_chem_comp_atom.pdbx_ordinal 
ALA N    N  N N 1   
ALA CA   C  N S 2   
ALA C    C  N N 3   
ALA O    O  N N 4   
ALA CB   C  N N 5   
ALA OXT  O  N N 6   
ALA H    H  N N 7   
ALA H2   H  N N 8   
ALA HA   H  N N 9   
ALA HB1  H  N N 10  
ALA HB2  H  N N 11  
ALA HB3  H  N N 12  
ALA HXT  H  N N 13  
ARG N    N  N N 14  
ARG CA   C  N S 15  
ARG C    C  N N 16  
ARG O    O  N N 17  
ARG CB   C  N N 18  
ARG CG   C  N N 19  
ARG CD   C  N N 20  
ARG NE   N  N N 21  
ARG CZ   C  N N 22  
ARG NH1  N  N N 23  
ARG NH2  N  N N 24  
ARG OXT  O  N N 25  
ARG H    H  N N 26  
ARG H2   H  N N 27  
ARG HA   H  N N 28  
ARG HB2  H  N N 29  
ARG HB3  H  N N 30  
ARG HG2  H  N N 31  
ARG HG3  H  N N 32  
ARG HD2  H  N N 33  
ARG HD3  H  N N 34  
ARG HE   H  N N 35  
ARG HH11 H  N N 36  
ARG HH12 H  N N 37  
ARG HH21 H  N N 38  
ARG HH22 H  N N 39  
ARG HXT  H  N N 40  
ASN N    N  N N 41  
ASN CA   C  N S 42  
ASN C    C  N N 43  
ASN O    O  N N 44  
ASN CB   C  N N 45  
ASN CG   C  N N 46  
ASN OD1  O  N N 47  
ASN ND2  N  N N 48  
ASN OXT  O  N N 49  
ASN H    H  N N 50  
ASN H2   H  N N 51  
ASN HA   H  N N 52  
ASN HB2  H  N N 53  
ASN HB3  H  N N 54  
ASN HD21 H  N N 55  
ASN HD22 H  N N 56  
ASN HXT  H  N N 57  
ASP N    N  N N 58  
ASP CA   C  N S 59  
ASP C    C  N N 60  
ASP O    O  N N 61  
ASP CB   C  N N 62  
ASP CG   C  N N 63  
ASP OD1  O  N N 64  
ASP OD2  O  N N 65  
ASP OXT  O  N N 66  
ASP H    H  N N 67  
ASP H2   H  N N 68  
ASP HA   H  N N 69  
ASP HB2  H  N N 70  
ASP HB3  H  N N 71  
ASP HD2  H  N N 72  
ASP HXT  H  N N 73  
GLN N    N  N N 74  
GLN CA   C  N S 75  
GLN C    C  N N 76  
GLN O    O  N N 77  
GLN CB   C  N N 78  
GLN CG   C  N N 79  
GLN CD   C  N N 80  
GLN OE1  O  N N 81  
GLN NE2  N  N N 82  
GLN OXT  O  N N 83  
GLN H    H  N N 84  
GLN H2   H  N N 85  
GLN HA   H  N N 86  
GLN HB2  H  N N 87  
GLN HB3  H  N N 88  
GLN HG2  H  N N 89  
GLN HG3  H  N N 90  
GLN HE21 H  N N 91  
GLN HE22 H  N N 92  
GLN HXT  H  N N 93  
GLU N    N  N N 94  
GLU CA   C  N S 95  
GLU C    C  N N 96  
GLU O    O  N N 97  
GLU CB   C  N N 98  
GLU CG   C  N N 99  
GLU CD   C  N N 100 
GLU OE1  O  N N 101 
GLU OE2  O  N N 102 
GLU OXT  O  N N 103 
GLU H    H  N N 104 
GLU H2   H  N N 105 
GLU HA   H  N N 106 
GLU HB2  H  N N 107 
GLU HB3  H  N N 108 
GLU HG2  H  N N 109 
GLU HG3  H  N N 110 
GLU HE2  H  N N 111 
GLU HXT  H  N N 112 
GLY N    N  N N 113 
GLY CA   C  N N 114 
GLY C    C  N N 115 
GLY O    O  N N 116 
GLY OXT  O  N N 117 
GLY H    H  N N 118 
GLY H2   H  N N 119 
GLY HA2  H  N N 120 
GLY HA3  H  N N 121 
GLY HXT  H  N N 122 
HIS N    N  N N 123 
HIS CA   C  N S 124 
HIS C    C  N N 125 
HIS O    O  N N 126 
HIS CB   C  N N 127 
HIS CG   C  Y N 128 
HIS ND1  N  Y N 129 
HIS CD2  C  Y N 130 
HIS CE1  C  Y N 131 
HIS NE2  N  Y N 132 
HIS OXT  O  N N 133 
HIS H    H  N N 134 
HIS H2   H  N N 135 
HIS HA   H  N N 136 
HIS HB2  H  N N 137 
HIS HB3  H  N N 138 
HIS HD1  H  N N 139 
HIS HD2  H  N N 140 
HIS HE1  H  N N 141 
HIS HE2  H  N N 142 
HIS HXT  H  N N 143 
HOH O    O  N N 144 
HOH H1   H  N N 145 
HOH H2   H  N N 146 
ILE N    N  N N 147 
ILE CA   C  N S 148 
ILE C    C  N N 149 
ILE O    O  N N 150 
ILE CB   C  N S 151 
ILE CG1  C  N N 152 
ILE CG2  C  N N 153 
ILE CD1  C  N N 154 
ILE OXT  O  N N 155 
ILE H    H  N N 156 
ILE H2   H  N N 157 
ILE HA   H  N N 158 
ILE HB   H  N N 159 
ILE HG12 H  N N 160 
ILE HG13 H  N N 161 
ILE HG21 H  N N 162 
ILE HG22 H  N N 163 
ILE HG23 H  N N 164 
ILE HD11 H  N N 165 
ILE HD12 H  N N 166 
ILE HD13 H  N N 167 
ILE HXT  H  N N 168 
LEU N    N  N N 169 
LEU CA   C  N S 170 
LEU C    C  N N 171 
LEU O    O  N N 172 
LEU CB   C  N N 173 
LEU CG   C  N N 174 
LEU CD1  C  N N 175 
LEU CD2  C  N N 176 
LEU OXT  O  N N 177 
LEU H    H  N N 178 
LEU H2   H  N N 179 
LEU HA   H  N N 180 
LEU HB2  H  N N 181 
LEU HB3  H  N N 182 
LEU HG   H  N N 183 
LEU HD11 H  N N 184 
LEU HD12 H  N N 185 
LEU HD13 H  N N 186 
LEU HD21 H  N N 187 
LEU HD22 H  N N 188 
LEU HD23 H  N N 189 
LEU HXT  H  N N 190 
LYS N    N  N N 191 
LYS CA   C  N S 192 
LYS C    C  N N 193 
LYS O    O  N N 194 
LYS CB   C  N N 195 
LYS CG   C  N N 196 
LYS CD   C  N N 197 
LYS CE   C  N N 198 
LYS NZ   N  N N 199 
LYS OXT  O  N N 200 
LYS H    H  N N 201 
LYS H2   H  N N 202 
LYS HA   H  N N 203 
LYS HB2  H  N N 204 
LYS HB3  H  N N 205 
LYS HG2  H  N N 206 
LYS HG3  H  N N 207 
LYS HD2  H  N N 208 
LYS HD3  H  N N 209 
LYS HE2  H  N N 210 
LYS HE3  H  N N 211 
LYS HZ1  H  N N 212 
LYS HZ2  H  N N 213 
LYS HZ3  H  N N 214 
LYS HXT  H  N N 215 
MET N    N  N N 216 
MET CA   C  N S 217 
MET C    C  N N 218 
MET O    O  N N 219 
MET CB   C  N N 220 
MET CG   C  N N 221 
MET SD   S  N N 222 
MET CE   C  N N 223 
MET OXT  O  N N 224 
MET H    H  N N 225 
MET H2   H  N N 226 
MET HA   H  N N 227 
MET HB2  H  N N 228 
MET HB3  H  N N 229 
MET HG2  H  N N 230 
MET HG3  H  N N 231 
MET HE1  H  N N 232 
MET HE2  H  N N 233 
MET HE3  H  N N 234 
MET HXT  H  N N 235 
NA  NA   NA N N 236 
PHE N    N  N N 237 
PHE CA   C  N S 238 
PHE C    C  N N 239 
PHE O    O  N N 240 
PHE CB   C  N N 241 
PHE CG   C  Y N 242 
PHE CD1  C  Y N 243 
PHE CD2  C  Y N 244 
PHE CE1  C  Y N 245 
PHE CE2  C  Y N 246 
PHE CZ   C  Y N 247 
PHE OXT  O  N N 248 
PHE H    H  N N 249 
PHE H2   H  N N 250 
PHE HA   H  N N 251 
PHE HB2  H  N N 252 
PHE HB3  H  N N 253 
PHE HD1  H  N N 254 
PHE HD2  H  N N 255 
PHE HE1  H  N N 256 
PHE HE2  H  N N 257 
PHE HZ   H  N N 258 
PHE HXT  H  N N 259 
PRO N    N  N N 260 
PRO CA   C  N S 261 
PRO C    C  N N 262 
PRO O    O  N N 263 
PRO CB   C  N N 264 
PRO CG   C  N N 265 
PRO CD   C  N N 266 
PRO OXT  O  N N 267 
PRO H    H  N N 268 
PRO HA   H  N N 269 
PRO HB2  H  N N 270 
PRO HB3  H  N N 271 
PRO HG2  H  N N 272 
PRO HG3  H  N N 273 
PRO HD2  H  N N 274 
PRO HD3  H  N N 275 
PRO HXT  H  N N 276 
SER N    N  N N 277 
SER CA   C  N S 278 
SER C    C  N N 279 
SER O    O  N N 280 
SER CB   C  N N 281 
SER OG   O  N N 282 
SER OXT  O  N N 283 
SER H    H  N N 284 
SER H2   H  N N 285 
SER HA   H  N N 286 
SER HB2  H  N N 287 
SER HB3  H  N N 288 
SER HG   H  N N 289 
SER HXT  H  N N 290 
THR N    N  N N 291 
THR CA   C  N S 292 
THR C    C  N N 293 
THR O    O  N N 294 
THR CB   C  N R 295 
THR OG1  O  N N 296 
THR CG2  C  N N 297 
THR OXT  O  N N 298 
THR H    H  N N 299 
THR H2   H  N N 300 
THR HA   H  N N 301 
THR HB   H  N N 302 
THR HG1  H  N N 303 
THR HG21 H  N N 304 
THR HG22 H  N N 305 
THR HG23 H  N N 306 
THR HXT  H  N N 307 
TYR N    N  N N 308 
TYR CA   C  N S 309 
TYR C    C  N N 310 
TYR O    O  N N 311 
TYR CB   C  N N 312 
TYR CG   C  Y N 313 
TYR CD1  C  Y N 314 
TYR CD2  C  Y N 315 
TYR CE1  C  Y N 316 
TYR CE2  C  Y N 317 
TYR CZ   C  Y N 318 
TYR OH   O  N N 319 
TYR OXT  O  N N 320 
TYR H    H  N N 321 
TYR H2   H  N N 322 
TYR HA   H  N N 323 
TYR HB2  H  N N 324 
TYR HB3  H  N N 325 
TYR HD1  H  N N 326 
TYR HD2  H  N N 327 
TYR HE1  H  N N 328 
TYR HE2  H  N N 329 
TYR HH   H  N N 330 
TYR HXT  H  N N 331 
VAL N    N  N N 332 
VAL CA   C  N S 333 
VAL C    C  N N 334 
VAL O    O  N N 335 
VAL CB   C  N N 336 
VAL CG1  C  N N 337 
VAL CG2  C  N N 338 
VAL OXT  O  N N 339 
VAL H    H  N N 340 
VAL H2   H  N N 341 
VAL HA   H  N N 342 
VAL HB   H  N N 343 
VAL HG11 H  N N 344 
VAL HG12 H  N N 345 
VAL HG13 H  N N 346 
VAL HG21 H  N N 347 
VAL HG22 H  N N 348 
VAL HG23 H  N N 349 
VAL HXT  H  N N 350 
# 
loop_
_chem_comp_bond.comp_id 
_chem_comp_bond.atom_id_1 
_chem_comp_bond.atom_id_2 
_chem_comp_bond.value_order 
_chem_comp_bond.pdbx_aromatic_flag 
_chem_comp_bond.pdbx_stereo_config 
_chem_comp_bond.pdbx_ordinal 
ALA N   CA   sing N N 1   
ALA N   H    sing N N 2   
ALA N   H2   sing N N 3   
ALA CA  C    sing N N 4   
ALA CA  CB   sing N N 5   
ALA CA  HA   sing N N 6   
ALA C   O    doub N N 7   
ALA C   OXT  sing N N 8   
ALA CB  HB1  sing N N 9   
ALA CB  HB2  sing N N 10  
ALA CB  HB3  sing N N 11  
ALA OXT HXT  sing N N 12  
ARG N   CA   sing N N 13  
ARG N   H    sing N N 14  
ARG N   H2   sing N N 15  
ARG CA  C    sing N N 16  
ARG CA  CB   sing N N 17  
ARG CA  HA   sing N N 18  
ARG C   O    doub N N 19  
ARG C   OXT  sing N N 20  
ARG CB  CG   sing N N 21  
ARG CB  HB2  sing N N 22  
ARG CB  HB3  sing N N 23  
ARG CG  CD   sing N N 24  
ARG CG  HG2  sing N N 25  
ARG CG  HG3  sing N N 26  
ARG CD  NE   sing N N 27  
ARG CD  HD2  sing N N 28  
ARG CD  HD3  sing N N 29  
ARG NE  CZ   sing N N 30  
ARG NE  HE   sing N N 31  
ARG CZ  NH1  sing N N 32  
ARG CZ  NH2  doub N N 33  
ARG NH1 HH11 sing N N 34  
ARG NH1 HH12 sing N N 35  
ARG NH2 HH21 sing N N 36  
ARG NH2 HH22 sing N N 37  
ARG OXT HXT  sing N N 38  
ASN N   CA   sing N N 39  
ASN N   H    sing N N 40  
ASN N   H2   sing N N 41  
ASN CA  C    sing N N 42  
ASN CA  CB   sing N N 43  
ASN CA  HA   sing N N 44  
ASN C   O    doub N N 45  
ASN C   OXT  sing N N 46  
ASN CB  CG   sing N N 47  
ASN CB  HB2  sing N N 48  
ASN CB  HB3  sing N N 49  
ASN CG  OD1  doub N N 50  
ASN CG  ND2  sing N N 51  
ASN ND2 HD21 sing N N 52  
ASN ND2 HD22 sing N N 53  
ASN OXT HXT  sing N N 54  
ASP N   CA   sing N N 55  
ASP N   H    sing N N 56  
ASP N   H2   sing N N 57  
ASP CA  C    sing N N 58  
ASP CA  CB   sing N N 59  
ASP CA  HA   sing N N 60  
ASP C   O    doub N N 61  
ASP C   OXT  sing N N 62  
ASP CB  CG   sing N N 63  
ASP CB  HB2  sing N N 64  
ASP CB  HB3  sing N N 65  
ASP CG  OD1  doub N N 66  
ASP CG  OD2  sing N N 67  
ASP OD2 HD2  sing N N 68  
ASP OXT HXT  sing N N 69  
GLN N   CA   sing N N 70  
GLN N   H    sing N N 71  
GLN N   H2   sing N N 72  
GLN CA  C    sing N N 73  
GLN CA  CB   sing N N 74  
GLN CA  HA   sing N N 75  
GLN C   O    doub N N 76  
GLN C   OXT  sing N N 77  
GLN CB  CG   sing N N 78  
GLN CB  HB2  sing N N 79  
GLN CB  HB3  sing N N 80  
GLN CG  CD   sing N N 81  
GLN CG  HG2  sing N N 82  
GLN CG  HG3  sing N N 83  
GLN CD  OE1  doub N N 84  
GLN CD  NE2  sing N N 85  
GLN NE2 HE21 sing N N 86  
GLN NE2 HE22 sing N N 87  
GLN OXT HXT  sing N N 88  
GLU N   CA   sing N N 89  
GLU N   H    sing N N 90  
GLU N   H2   sing N N 91  
GLU CA  C    sing N N 92  
GLU CA  CB   sing N N 93  
GLU CA  HA   sing N N 94  
GLU C   O    doub N N 95  
GLU C   OXT  sing N N 96  
GLU CB  CG   sing N N 97  
GLU CB  HB2  sing N N 98  
GLU CB  HB3  sing N N 99  
GLU CG  CD   sing N N 100 
GLU CG  HG2  sing N N 101 
GLU CG  HG3  sing N N 102 
GLU CD  OE1  doub N N 103 
GLU CD  OE2  sing N N 104 
GLU OE2 HE2  sing N N 105 
GLU OXT HXT  sing N N 106 
GLY N   CA   sing N N 107 
GLY N   H    sing N N 108 
GLY N   H2   sing N N 109 
GLY CA  C    sing N N 110 
GLY CA  HA2  sing N N 111 
GLY CA  HA3  sing N N 112 
GLY C   O    doub N N 113 
GLY C   OXT  sing N N 114 
GLY OXT HXT  sing N N 115 
HIS N   CA   sing N N 116 
HIS N   H    sing N N 117 
HIS N   H2   sing N N 118 
HIS CA  C    sing N N 119 
HIS CA  CB   sing N N 120 
HIS CA  HA   sing N N 121 
HIS C   O    doub N N 122 
HIS C   OXT  sing N N 123 
HIS CB  CG   sing N N 124 
HIS CB  HB2  sing N N 125 
HIS CB  HB3  sing N N 126 
HIS CG  ND1  sing Y N 127 
HIS CG  CD2  doub Y N 128 
HIS ND1 CE1  doub Y N 129 
HIS ND1 HD1  sing N N 130 
HIS CD2 NE2  sing Y N 131 
HIS CD2 HD2  sing N N 132 
HIS CE1 NE2  sing Y N 133 
HIS CE1 HE1  sing N N 134 
HIS NE2 HE2  sing N N 135 
HIS OXT HXT  sing N N 136 
HOH O   H1   sing N N 137 
HOH O   H2   sing N N 138 
ILE N   CA   sing N N 139 
ILE N   H    sing N N 140 
ILE N   H2   sing N N 141 
ILE CA  C    sing N N 142 
ILE CA  CB   sing N N 143 
ILE CA  HA   sing N N 144 
ILE C   O    doub N N 145 
ILE C   OXT  sing N N 146 
ILE CB  CG1  sing N N 147 
ILE CB  CG2  sing N N 148 
ILE CB  HB   sing N N 149 
ILE CG1 CD1  sing N N 150 
ILE CG1 HG12 sing N N 151 
ILE CG1 HG13 sing N N 152 
ILE CG2 HG21 sing N N 153 
ILE CG2 HG22 sing N N 154 
ILE CG2 HG23 sing N N 155 
ILE CD1 HD11 sing N N 156 
ILE CD1 HD12 sing N N 157 
ILE CD1 HD13 sing N N 158 
ILE OXT HXT  sing N N 159 
LEU N   CA   sing N N 160 
LEU N   H    sing N N 161 
LEU N   H2   sing N N 162 
LEU CA  C    sing N N 163 
LEU CA  CB   sing N N 164 
LEU CA  HA   sing N N 165 
LEU C   O    doub N N 166 
LEU C   OXT  sing N N 167 
LEU CB  CG   sing N N 168 
LEU CB  HB2  sing N N 169 
LEU CB  HB3  sing N N 170 
LEU CG  CD1  sing N N 171 
LEU CG  CD2  sing N N 172 
LEU CG  HG   sing N N 173 
LEU CD1 HD11 sing N N 174 
LEU CD1 HD12 sing N N 175 
LEU CD1 HD13 sing N N 176 
LEU CD2 HD21 sing N N 177 
LEU CD2 HD22 sing N N 178 
LEU CD2 HD23 sing N N 179 
LEU OXT HXT  sing N N 180 
LYS N   CA   sing N N 181 
LYS N   H    sing N N 182 
LYS N   H2   sing N N 183 
LYS CA  C    sing N N 184 
LYS CA  CB   sing N N 185 
LYS CA  HA   sing N N 186 
LYS C   O    doub N N 187 
LYS C   OXT  sing N N 188 
LYS CB  CG   sing N N 189 
LYS CB  HB2  sing N N 190 
LYS CB  HB3  sing N N 191 
LYS CG  CD   sing N N 192 
LYS CG  HG2  sing N N 193 
LYS CG  HG3  sing N N 194 
LYS CD  CE   sing N N 195 
LYS CD  HD2  sing N N 196 
LYS CD  HD3  sing N N 197 
LYS CE  NZ   sing N N 198 
LYS CE  HE2  sing N N 199 
LYS CE  HE3  sing N N 200 
LYS NZ  HZ1  sing N N 201 
LYS NZ  HZ2  sing N N 202 
LYS NZ  HZ3  sing N N 203 
LYS OXT HXT  sing N N 204 
MET N   CA   sing N N 205 
MET N   H    sing N N 206 
MET N   H2   sing N N 207 
MET CA  C    sing N N 208 
MET CA  CB   sing N N 209 
MET CA  HA   sing N N 210 
MET C   O    doub N N 211 
MET C   OXT  sing N N 212 
MET CB  CG   sing N N 213 
MET CB  HB2  sing N N 214 
MET CB  HB3  sing N N 215 
MET CG  SD   sing N N 216 
MET CG  HG2  sing N N 217 
MET CG  HG3  sing N N 218 
MET SD  CE   sing N N 219 
MET CE  HE1  sing N N 220 
MET CE  HE2  sing N N 221 
MET CE  HE3  sing N N 222 
MET OXT HXT  sing N N 223 
PHE N   CA   sing N N 224 
PHE N   H    sing N N 225 
PHE N   H2   sing N N 226 
PHE CA  C    sing N N 227 
PHE CA  CB   sing N N 228 
PHE CA  HA   sing N N 229 
PHE C   O    doub N N 230 
PHE C   OXT  sing N N 231 
PHE CB  CG   sing N N 232 
PHE CB  HB2  sing N N 233 
PHE CB  HB3  sing N N 234 
PHE CG  CD1  doub Y N 235 
PHE CG  CD2  sing Y N 236 
PHE CD1 CE1  sing Y N 237 
PHE CD1 HD1  sing N N 238 
PHE CD2 CE2  doub Y N 239 
PHE CD2 HD2  sing N N 240 
PHE CE1 CZ   doub Y N 241 
PHE CE1 HE1  sing N N 242 
PHE CE2 CZ   sing Y N 243 
PHE CE2 HE2  sing N N 244 
PHE CZ  HZ   sing N N 245 
PHE OXT HXT  sing N N 246 
PRO N   CA   sing N N 247 
PRO N   CD   sing N N 248 
PRO N   H    sing N N 249 
PRO CA  C    sing N N 250 
PRO CA  CB   sing N N 251 
PRO CA  HA   sing N N 252 
PRO C   O    doub N N 253 
PRO C   OXT  sing N N 254 
PRO CB  CG   sing N N 255 
PRO CB  HB2  sing N N 256 
PRO CB  HB3  sing N N 257 
PRO CG  CD   sing N N 258 
PRO CG  HG2  sing N N 259 
PRO CG  HG3  sing N N 260 
PRO CD  HD2  sing N N 261 
PRO CD  HD3  sing N N 262 
PRO OXT HXT  sing N N 263 
SER N   CA   sing N N 264 
SER N   H    sing N N 265 
SER N   H2   sing N N 266 
SER CA  C    sing N N 267 
SER CA  CB   sing N N 268 
SER CA  HA   sing N N 269 
SER C   O    doub N N 270 
SER C   OXT  sing N N 271 
SER CB  OG   sing N N 272 
SER CB  HB2  sing N N 273 
SER CB  HB3  sing N N 274 
SER OG  HG   sing N N 275 
SER OXT HXT  sing N N 276 
THR N   CA   sing N N 277 
THR N   H    sing N N 278 
THR N   H2   sing N N 279 
THR CA  C    sing N N 280 
THR CA  CB   sing N N 281 
THR CA  HA   sing N N 282 
THR C   O    doub N N 283 
THR C   OXT  sing N N 284 
THR CB  OG1  sing N N 285 
THR CB  CG2  sing N N 286 
THR CB  HB   sing N N 287 
THR OG1 HG1  sing N N 288 
THR CG2 HG21 sing N N 289 
THR CG2 HG22 sing N N 290 
THR CG2 HG23 sing N N 291 
THR OXT HXT  sing N N 292 
TYR N   CA   sing N N 293 
TYR N   H    sing N N 294 
TYR N   H2   sing N N 295 
TYR CA  C    sing N N 296 
TYR CA  CB   sing N N 297 
TYR CA  HA   sing N N 298 
TYR C   O    doub N N 299 
TYR C   OXT  sing N N 300 
TYR CB  CG   sing N N 301 
TYR CB  HB2  sing N N 302 
TYR CB  HB3  sing N N 303 
TYR CG  CD1  doub Y N 304 
TYR CG  CD2  sing Y N 305 
TYR CD1 CE1  sing Y N 306 
TYR CD1 HD1  sing N N 307 
TYR CD2 CE2  doub Y N 308 
TYR CD2 HD2  sing N N 309 
TYR CE1 CZ   doub Y N 310 
TYR CE1 HE1  sing N N 311 
TYR CE2 CZ   sing Y N 312 
TYR CE2 HE2  sing N N 313 
TYR CZ  OH   sing N N 314 
TYR OH  HH   sing N N 315 
TYR OXT HXT  sing N N 316 
VAL N   CA   sing N N 317 
VAL N   H    sing N N 318 
VAL N   H2   sing N N 319 
VAL CA  C    sing N N 320 
VAL CA  CB   sing N N 321 
VAL CA  HA   sing N N 322 
VAL C   O    doub N N 323 
VAL C   OXT  sing N N 324 
VAL CB  CG1  sing N N 325 
VAL CB  CG2  sing N N 326 
VAL CB  HB   sing N N 327 
VAL CG1 HG11 sing N N 328 
VAL CG1 HG12 sing N N 329 
VAL CG1 HG13 sing N N 330 
VAL CG2 HG21 sing N N 331 
VAL CG2 HG22 sing N N 332 
VAL CG2 HG23 sing N N 333 
VAL OXT HXT  sing N N 334 
# 
loop_
_pdbx_entity_nonpoly.entity_id 
_pdbx_entity_nonpoly.name 
_pdbx_entity_nonpoly.comp_id 
2 'SODIUM ION' NA  
3 water        HOH 
# 
_pdbx_initial_refinement_model.id               1 
_pdbx_initial_refinement_model.entity_id_list   ? 
_pdbx_initial_refinement_model.type             'experimental model' 
_pdbx_initial_refinement_model.source_name      PDB 
_pdbx_initial_refinement_model.accession_code   3T48 
_pdbx_initial_refinement_model.details          ? 
# 
